data_6K0A
#
_entry.id   6K0A
#
_cell.length_a   1.00
_cell.length_b   1.00
_cell.length_c   1.00
_cell.angle_alpha   90.00
_cell.angle_beta   90.00
_cell.angle_gamma   90.00
#
_symmetry.space_group_name_H-M   'P 1'
#
loop_
_entity.id
_entity.type
_entity.pdbx_description
1 polymer 'Ribonuclease P protein component 2'
2 polymer 'Ribonuclease P protein component 3'
3 polymer 'Ribonuclease P protein component 1'
4 polymer 'Ribonuclease P protein component 4'
5 polymer '50S ribosomal protein L7Ae'
6 polymer RPR
7 non-polymer 'ZINC ION'
#
loop_
_entity_poly.entity_id
_entity_poly.type
_entity_poly.pdbx_seq_one_letter_code
_entity_poly.pdbx_strand_id
1 'polypeptide(L)'
;MIEMLKTLPPTLREKKRYIAFKILYDEELKEGEVVNLIRKAVLEYYGSWGTSKANPWLVYYDFPYGILRCQRDNVDYVKA
SLILIREFKEKPVNIICLGVSGTIRKAKIKFLGIKKPKRWFVIRRERLKAKKQK
;
A,B
2 'polypeptide(L)'
;MRIDINRIEKEEDIKLLKELKWNGFVFYQYDDEFSKDRYEEVKAIAESYKLKVYSGVKIKTESSKQLRDKVKKFRNKCHI
ILIEGGVLKINRAAVELHDVDILSTPELGRKDSGIDHVLARLASNHRVAIELNFKTLLNKDGYERARTLLFFRNNLKLAK
KFDVPVVISTDAENKYQIKNPYDLRAFLNTLVEPLYAKKIMETAYKICDFRDYLMRDNVVRYGVEIIKEEKE
;
C,D
3 'polypeptide(L)'
;MITPHNILRHELIGLKVEIVEAKNKAMIGIKGKVVDETRNTLVIEKEDGREVVIPKDIAVFLFQLKGCKVKVDGRLLIGR
PEERLKKKIKILYPY
;
E,F
4 'polypeptide(L)'
;MKKFLEKKLKKIAYERIDILMSLAEEEAKKGNWDRAKRYVYLARRIAMKMRIRFPKKWKRRICKKCGTFLLYGRNARVRI
KSKRYPHVVITCLECGAIYRIPMIREKKEKRRKKLEERLKAKSNSQTS
;
G,H
5 'polypeptide(L)'
;MAVYVKFKVPEEIQKELLDAVAKAQKIKKGANEVTKAVERGIAKLVIIAEDVKPEEVVAHLPYLCEEKGIPYAYVASKQD
LGKAAGLEVAASSVAIINEGDAEELKVLIEKVNVLKQ
;
I,J
6 'polyribonucleotide'
;GGAGGGGGCUGGUGACUUUCCCCUCUUUAAGAGGGGAGGAAGUUCCGCCCACCCCAUUUAUGGGCAGCGUCCCCUGAGAA
GGGGCGGGAGAUGCAGCAGAAACGACACGGCUCCGGAAGAGAUGACGAUGAUAGUGAAAGUUGAGGACUUCCGGAGAACC
GGUGAAACGGGCAUCUCCCCUGCCCGGGGUGCAAGCCGGUUUCGGCGCUUAGCCGAAUGUCACCGAAAUUACAGAAGGCG
GGCUAUAGCCCCCAUUUU
;
X,Y
#
# COMPACT_ATOMS: atom_id res chain seq x y z
N ILE A 2 -34.28 20.33 -20.77
CA ILE A 2 -34.54 19.08 -20.08
C ILE A 2 -33.27 18.68 -19.33
N GLU A 3 -33.42 17.92 -18.25
CA GLU A 3 -32.31 17.43 -17.44
C GLU A 3 -32.11 15.95 -17.74
N MET A 4 -31.14 15.65 -18.60
CA MET A 4 -30.84 14.27 -18.96
C MET A 4 -29.33 14.09 -18.98
N LEU A 5 -28.85 13.10 -18.23
CA LEU A 5 -27.42 12.83 -18.11
C LEU A 5 -27.19 11.39 -18.55
N LYS A 6 -26.17 11.18 -19.39
CA LYS A 6 -25.79 9.83 -19.79
C LYS A 6 -25.19 9.08 -18.60
N THR A 7 -25.64 7.83 -18.43
CA THR A 7 -25.12 6.99 -17.36
C THR A 7 -23.67 6.62 -17.65
N LEU A 8 -22.85 6.62 -16.60
CA LEU A 8 -21.43 6.33 -16.71
C LEU A 8 -21.22 4.87 -17.14
N PRO A 9 -20.13 4.56 -17.85
CA PRO A 9 -19.83 3.16 -18.20
C PRO A 9 -19.54 2.34 -16.95
N PRO A 10 -19.72 1.01 -17.00
CA PRO A 10 -19.52 0.19 -15.80
C PRO A 10 -18.08 0.13 -15.31
N THR A 11 -17.11 0.51 -16.13
CA THR A 11 -15.75 0.68 -15.63
C THR A 11 -15.63 1.96 -14.81
N LEU A 12 -16.43 2.98 -15.15
CA LEU A 12 -16.34 4.26 -14.47
C LEU A 12 -17.47 4.45 -13.46
N ARG A 13 -18.49 3.60 -13.50
CA ARG A 13 -19.63 3.78 -12.61
C ARG A 13 -19.28 3.34 -11.20
N GLU A 14 -20.09 3.79 -10.24
CA GLU A 14 -19.83 3.50 -8.84
C GLU A 14 -20.18 2.04 -8.51
N LYS A 15 -19.48 1.49 -7.54
CA LYS A 15 -19.76 0.15 -7.03
C LYS A 15 -20.61 0.27 -5.77
N LYS A 16 -21.77 -0.38 -5.77
CA LYS A 16 -22.79 -0.16 -4.76
C LYS A 16 -23.25 -1.48 -4.15
N ARG A 17 -23.71 -1.40 -2.91
CA ARG A 17 -24.35 -2.50 -2.21
C ARG A 17 -25.63 -1.99 -1.56
N TYR A 18 -26.63 -2.87 -1.49
CA TYR A 18 -27.96 -2.53 -0.99
C TYR A 18 -28.17 -3.15 0.38
N ILE A 19 -28.27 -2.29 1.40
CA ILE A 19 -28.34 -2.72 2.79
C ILE A 19 -29.79 -2.97 3.17
N ALA A 20 -30.13 -4.22 3.46
CA ALA A 20 -31.44 -4.56 3.98
C ALA A 20 -31.41 -4.50 5.51
N PHE A 21 -32.32 -3.72 6.07
CA PHE A 21 -32.38 -3.53 7.51
C PHE A 21 -33.83 -3.54 7.96
N LYS A 22 -34.02 -3.44 9.27
CA LYS A 22 -35.35 -3.35 9.86
C LYS A 22 -35.28 -2.64 11.21
N ILE A 23 -36.23 -1.73 11.44
CA ILE A 23 -36.41 -1.06 12.72
C ILE A 23 -37.53 -1.76 13.46
N LEU A 24 -37.19 -2.43 14.57
CA LEU A 24 -38.15 -3.27 15.29
C LEU A 24 -38.55 -2.54 16.57
N TYR A 25 -39.76 -1.99 16.57
CA TYR A 25 -40.27 -1.27 17.75
C TYR A 25 -41.80 -1.24 17.73
N ASP A 26 -42.35 -0.53 18.72
CA ASP A 26 -43.80 -0.42 18.86
C ASP A 26 -44.33 0.79 18.09
N GLU A 27 -43.65 1.92 18.20
CA GLU A 27 -44.12 3.13 17.53
C GLU A 27 -43.85 3.04 16.02
N GLU A 28 -44.45 3.97 15.28
CA GLU A 28 -44.37 3.97 13.83
C GLU A 28 -43.39 5.05 13.36
N LEU A 29 -42.83 4.83 12.17
CA LEU A 29 -41.90 5.75 11.55
C LEU A 29 -42.37 6.06 10.14
N LYS A 30 -42.15 7.30 9.70
CA LYS A 30 -42.49 7.73 8.36
C LYS A 30 -41.29 7.61 7.44
N GLU A 31 -41.53 7.80 6.14
CA GLU A 31 -40.43 7.80 5.18
C GLU A 31 -39.55 9.03 5.35
N GLY A 32 -40.16 10.17 5.71
CA GLY A 32 -39.37 11.37 5.93
C GLY A 32 -38.59 11.34 7.22
N GLU A 33 -39.00 10.49 8.16
CA GLU A 33 -38.28 10.38 9.43
C GLU A 33 -37.05 9.50 9.28
N VAL A 34 -37.18 8.39 8.57
CA VAL A 34 -36.07 7.44 8.46
C VAL A 34 -35.01 7.91 7.49
N VAL A 35 -35.34 8.87 6.62
CA VAL A 35 -34.31 9.45 5.76
C VAL A 35 -33.55 10.54 6.53
N ASN A 36 -34.17 11.08 7.57
CA ASN A 36 -33.54 12.14 8.35
C ASN A 36 -32.62 11.56 9.42
N LEU A 37 -33.04 10.47 10.07
CA LEU A 37 -32.25 9.90 11.15
C LEU A 37 -31.02 9.18 10.61
N ILE A 38 -31.08 8.68 9.37
CA ILE A 38 -29.88 8.14 8.73
C ILE A 38 -28.92 9.26 8.37
N ARG A 39 -29.44 10.37 7.84
CA ARG A 39 -28.59 11.48 7.42
C ARG A 39 -27.96 12.19 8.62
N LYS A 40 -28.64 12.18 9.77
CA LYS A 40 -28.05 12.71 10.99
C LYS A 40 -26.99 11.75 11.54
N ALA A 41 -27.11 10.46 11.21
CA ALA A 41 -26.16 9.47 11.69
C ALA A 41 -24.87 9.47 10.87
N VAL A 42 -24.97 9.83 9.58
CA VAL A 42 -23.78 9.83 8.73
C VAL A 42 -22.90 11.04 9.03
N LEU A 43 -23.52 12.17 9.42
CA LEU A 43 -22.73 13.37 9.68
C LEU A 43 -22.00 13.28 11.02
N GLU A 44 -22.47 12.40 11.91
CA GLU A 44 -21.81 12.24 13.20
C GLU A 44 -20.69 11.21 13.13
N TYR A 45 -20.88 10.15 12.35
CA TYR A 45 -19.89 9.07 12.32
C TYR A 45 -18.88 9.27 11.19
N TYR A 46 -19.38 9.38 9.96
CA TYR A 46 -18.50 9.58 8.82
C TYR A 46 -17.90 10.98 8.80
N GLY A 47 -18.70 11.98 9.14
CA GLY A 47 -18.31 13.36 8.92
C GLY A 47 -18.74 13.85 7.55
N SER A 48 -18.35 15.08 7.25
CA SER A 48 -18.67 15.65 5.94
C SER A 48 -17.79 15.04 4.85
N TRP A 49 -16.56 14.65 5.20
CA TRP A 49 -15.67 14.03 4.23
C TRP A 49 -16.05 12.56 3.99
N GLY A 50 -16.51 11.89 5.04
CA GLY A 50 -16.82 10.47 4.90
C GLY A 50 -18.16 10.22 4.24
N THR A 51 -18.98 11.26 4.12
CA THR A 51 -20.30 11.10 3.50
C THR A 51 -20.18 10.91 1.99
N SER A 52 -19.29 11.68 1.35
CA SER A 52 -19.10 11.57 -0.10
C SER A 52 -18.38 10.28 -0.46
N LYS A 53 -17.59 9.74 0.47
CA LYS A 53 -16.93 8.46 0.24
C LYS A 53 -17.93 7.32 0.28
N ALA A 54 -19.00 7.47 1.06
CA ALA A 54 -19.95 6.37 1.22
C ALA A 54 -21.14 6.52 0.29
N ASN A 55 -21.60 7.76 0.04
CA ASN A 55 -22.79 8.12 -0.71
C ASN A 55 -24.03 7.40 -0.17
N PRO A 56 -24.56 7.80 0.99
CA PRO A 56 -25.72 7.10 1.53
C PRO A 56 -27.00 7.53 0.82
N TRP A 57 -27.91 6.58 0.63
CA TRP A 57 -29.18 6.86 -0.04
C TRP A 57 -30.22 5.84 0.39
N LEU A 58 -31.44 6.33 0.62
CA LEU A 58 -32.58 5.48 0.96
C LEU A 58 -33.52 5.44 -0.24
N VAL A 59 -33.93 4.23 -0.64
CA VAL A 59 -34.76 4.11 -1.84
C VAL A 59 -36.24 3.96 -1.48
N TYR A 60 -36.55 3.17 -0.44
CA TYR A 60 -37.93 2.75 -0.25
C TYR A 60 -38.13 2.24 1.18
N TYR A 61 -39.28 2.58 1.77
CA TYR A 61 -39.61 2.26 3.15
C TYR A 61 -41.13 2.22 3.33
N ASP A 62 -41.68 1.03 3.44
CA ASP A 62 -43.11 0.85 3.67
C ASP A 62 -43.37 0.10 4.98
N PHE A 63 -42.64 -0.98 5.19
CA PHE A 63 -42.72 -1.84 6.35
C PHE A 63 -41.75 -1.29 7.40
N PRO A 64 -41.62 -1.92 8.58
CA PRO A 64 -40.42 -1.68 9.40
C PRO A 64 -39.11 -2.05 8.70
N TYR A 65 -39.16 -2.91 7.68
CA TYR A 65 -38.01 -3.21 6.84
C TYR A 65 -37.63 -2.02 5.98
N GLY A 66 -36.42 -2.06 5.43
CA GLY A 66 -35.94 -0.99 4.58
C GLY A 66 -34.72 -1.40 3.79
N ILE A 67 -34.50 -0.67 2.70
CA ILE A 67 -33.36 -0.90 1.81
C ILE A 67 -32.57 0.40 1.71
N LEU A 68 -31.26 0.30 1.95
CA LEU A 68 -30.37 1.46 2.00
C LEU A 68 -29.20 1.24 1.06
N ARG A 69 -28.72 2.33 0.45
CA ARG A 69 -27.63 2.27 -0.51
C ARG A 69 -26.33 2.79 0.10
N CYS A 70 -25.24 2.08 -0.19
CA CYS A 70 -23.90 2.50 0.21
C CYS A 70 -22.89 1.95 -0.78
N GLN A 71 -21.64 2.38 -0.62
CA GLN A 71 -20.58 1.94 -1.51
C GLN A 71 -20.14 0.51 -1.18
N ARG A 72 -19.50 -0.14 -2.15
CA ARG A 72 -19.09 -1.53 -1.98
C ARG A 72 -17.91 -1.65 -1.04
N ASP A 73 -17.00 -0.66 -1.06
CA ASP A 73 -15.80 -0.75 -0.25
C ASP A 73 -16.07 -0.34 1.20
N ASN A 74 -17.15 0.40 1.44
CA ASN A 74 -17.41 0.94 2.77
C ASN A 74 -18.74 0.47 3.35
N VAL A 75 -19.04 -0.82 3.20
CA VAL A 75 -20.21 -1.39 3.87
C VAL A 75 -19.94 -1.50 5.37
N ASP A 76 -18.67 -1.66 5.73
CA ASP A 76 -18.31 -1.93 7.13
C ASP A 76 -18.43 -0.68 7.99
N TYR A 77 -18.12 0.49 7.44
CA TYR A 77 -18.15 1.71 8.24
C TYR A 77 -19.58 2.23 8.41
N VAL A 78 -20.43 2.03 7.40
CA VAL A 78 -21.79 2.56 7.47
C VAL A 78 -22.69 1.64 8.28
N LYS A 79 -22.29 0.38 8.44
CA LYS A 79 -23.05 -0.54 9.29
C LYS A 79 -22.86 -0.21 10.77
N ALA A 80 -21.70 0.38 11.11
CA ALA A 80 -21.49 0.88 12.46
C ALA A 80 -22.20 2.21 12.66
N SER A 81 -22.56 2.90 11.57
CA SER A 81 -23.30 4.14 11.68
C SER A 81 -24.77 3.89 11.99
N LEU A 82 -25.27 2.68 11.67
CA LEU A 82 -26.66 2.36 11.92
C LEU A 82 -26.93 2.07 13.39
N ILE A 83 -25.88 1.73 14.15
CA ILE A 83 -26.09 1.19 15.48
C ILE A 83 -25.76 2.23 16.55
N LEU A 84 -25.05 3.29 16.17
CA LEU A 84 -24.65 4.29 17.15
C LEU A 84 -25.73 5.34 17.41
N ILE A 85 -26.72 5.45 16.53
CA ILE A 85 -27.83 6.38 16.74
C ILE A 85 -28.73 5.81 17.83
N ARG A 86 -29.00 6.60 18.87
CA ARG A 86 -29.56 6.06 20.11
C ARG A 86 -31.02 6.38 20.33
N GLU A 87 -31.50 7.55 19.88
CA GLU A 87 -32.81 8.05 20.25
C GLU A 87 -33.33 9.01 19.19
N PHE A 88 -34.65 9.10 19.09
CA PHE A 88 -35.30 10.11 18.26
C PHE A 88 -36.37 10.82 19.09
N LYS A 89 -35.93 11.77 19.91
CA LYS A 89 -36.66 12.90 20.50
C LYS A 89 -37.73 12.53 21.55
N GLU A 90 -38.19 11.28 21.58
CA GLU A 90 -38.95 10.76 22.73
C GLU A 90 -38.74 9.26 22.87
N LYS A 91 -37.94 8.68 21.97
CA LYS A 91 -38.04 7.26 21.72
C LYS A 91 -36.75 6.73 21.11
N PRO A 92 -36.25 5.57 21.59
CA PRO A 92 -34.98 5.05 21.08
C PRO A 92 -35.00 4.59 19.63
N VAL A 93 -33.82 4.40 19.07
CA VAL A 93 -33.62 3.87 17.72
C VAL A 93 -32.69 2.68 17.84
N ASN A 94 -32.99 1.61 17.08
CA ASN A 94 -32.11 0.46 17.01
C ASN A 94 -32.35 -0.26 15.69
N ILE A 95 -31.43 -0.05 14.75
CA ILE A 95 -31.53 -0.62 13.41
C ILE A 95 -30.80 -1.95 13.38
N ILE A 96 -31.52 -3.00 13.00
CA ILE A 96 -30.95 -4.35 12.83
C ILE A 96 -30.89 -4.63 11.34
N CYS A 97 -29.69 -4.96 10.85
CA CYS A 97 -29.48 -5.21 9.43
C CYS A 97 -29.84 -6.66 9.10
N LEU A 98 -30.29 -6.88 7.87
CA LEU A 98 -30.65 -8.24 7.45
C LEU A 98 -29.60 -8.83 6.51
N GLY A 99 -28.97 -7.97 5.72
CA GLY A 99 -27.97 -8.44 4.77
C GLY A 99 -27.76 -7.43 3.68
N VAL A 100 -26.72 -7.67 2.88
CA VAL A 100 -26.38 -6.79 1.77
C VAL A 100 -26.28 -7.61 0.49
N SER A 101 -26.49 -6.94 -0.64
CA SER A 101 -26.41 -7.58 -1.95
C SER A 101 -26.07 -6.53 -2.98
N GLY A 102 -25.75 -7.00 -4.20
CA GLY A 102 -25.34 -6.10 -5.25
C GLY A 102 -26.49 -5.48 -6.03
N THR A 103 -27.71 -5.99 -5.86
CA THR A 103 -28.84 -5.51 -6.62
C THR A 103 -30.09 -5.52 -5.75
N ILE A 104 -31.14 -4.87 -6.26
CA ILE A 104 -32.45 -4.93 -5.61
C ILE A 104 -33.03 -6.33 -5.72
N ARG A 105 -32.71 -7.06 -6.80
CA ARG A 105 -33.37 -8.31 -7.12
C ARG A 105 -33.01 -9.41 -6.13
N LYS A 106 -31.77 -9.43 -5.65
CA LYS A 106 -31.39 -10.44 -4.67
C LYS A 106 -31.75 -10.00 -3.26
N ALA A 107 -31.73 -8.68 -3.01
CA ALA A 107 -32.03 -8.17 -1.69
C ALA A 107 -33.52 -8.27 -1.35
N LYS A 108 -34.38 -8.25 -2.36
CA LYS A 108 -35.82 -8.27 -2.10
C LYS A 108 -36.32 -9.68 -1.84
N ILE A 109 -35.53 -10.70 -2.20
CA ILE A 109 -35.98 -12.09 -2.10
C ILE A 109 -35.19 -12.89 -1.07
N LYS A 110 -34.07 -12.38 -0.58
CA LYS A 110 -33.25 -13.16 0.36
C LYS A 110 -33.79 -13.01 1.78
N PHE A 111 -34.07 -11.79 2.20
CA PHE A 111 -34.52 -11.54 3.57
C PHE A 111 -35.86 -10.82 3.64
N LEU A 112 -36.14 -9.91 2.71
CA LEU A 112 -37.37 -9.14 2.73
C LEU A 112 -38.58 -10.00 2.36
N GLY A 113 -38.59 -10.53 1.15
CA GLY A 113 -39.72 -11.33 0.70
C GLY A 113 -39.32 -12.59 -0.02
N ILE A 114 -40.21 -13.10 -0.87
CA ILE A 114 -39.97 -14.32 -1.64
C ILE A 114 -40.13 -14.05 -3.13
N LYS A 115 -41.14 -13.27 -3.51
CA LYS A 115 -41.47 -13.02 -4.90
C LYS A 115 -40.67 -11.85 -5.45
N LYS A 116 -40.72 -11.69 -6.78
CA LYS A 116 -40.16 -10.50 -7.43
C LYS A 116 -41.22 -9.62 -8.07
N PRO A 117 -41.51 -8.44 -7.51
CA PRO A 117 -42.14 -7.39 -8.30
C PRO A 117 -41.11 -6.52 -9.01
N LYS A 118 -41.37 -6.17 -10.27
CA LYS A 118 -40.53 -5.26 -11.05
C LYS A 118 -41.36 -4.02 -11.30
N ARG A 119 -41.30 -3.07 -10.37
CA ARG A 119 -42.22 -1.93 -10.39
C ARG A 119 -41.66 -0.74 -11.14
N TRP A 120 -40.33 -0.62 -11.23
CA TRP A 120 -39.73 0.55 -11.89
C TRP A 120 -39.94 0.52 -13.39
N PHE A 121 -40.11 -0.67 -13.96
CA PHE A 121 -40.29 -0.80 -15.41
C PHE A 121 -41.74 -0.53 -15.80
N VAL A 122 -42.68 -0.85 -14.92
CA VAL A 122 -44.10 -0.86 -15.31
C VAL A 122 -44.75 0.50 -15.04
N ILE A 123 -44.09 1.35 -14.26
CA ILE A 123 -44.67 2.67 -13.98
C ILE A 123 -44.03 3.73 -14.85
N ARG A 124 -42.89 3.42 -15.48
CA ARG A 124 -42.22 4.41 -16.32
C ARG A 124 -42.86 4.47 -17.71
N ARG A 125 -43.18 3.32 -18.29
CA ARG A 125 -43.75 3.32 -19.64
C ARG A 125 -45.25 3.58 -19.61
N GLU A 126 -45.91 3.28 -18.48
CA GLU A 126 -47.35 3.49 -18.41
C GLU A 126 -47.70 4.94 -18.10
N ARG A 127 -47.03 5.55 -17.12
CA ARG A 127 -47.29 6.93 -16.76
C ARG A 127 -46.51 7.89 -17.66
N ARG B 2 0.91 31.11 -7.17
CA ARG B 2 -0.29 30.85 -6.39
C ARG B 2 -1.32 31.94 -6.67
N ILE B 3 -2.41 31.57 -7.33
CA ILE B 3 -3.35 32.52 -7.90
C ILE B 3 -4.68 32.46 -7.14
N ASP B 4 -5.20 33.62 -6.78
CA ASP B 4 -6.45 33.75 -6.02
C ASP B 4 -7.46 34.55 -6.83
N ILE B 5 -8.74 34.21 -6.69
CA ILE B 5 -9.82 34.91 -7.36
C ILE B 5 -10.77 35.41 -6.27
N ASN B 6 -10.90 36.74 -6.17
CA ASN B 6 -11.72 37.37 -5.14
C ASN B 6 -12.17 38.74 -5.63
N ARG B 7 -12.99 39.42 -4.82
CA ARG B 7 -13.53 40.72 -5.16
C ARG B 7 -12.90 41.76 -4.23
N ILE B 8 -12.23 42.75 -4.82
CA ILE B 8 -11.51 43.76 -4.03
C ILE B 8 -12.48 44.81 -3.54
N GLU B 9 -12.39 45.14 -2.25
CA GLU B 9 -13.17 46.22 -1.66
C GLU B 9 -12.27 47.36 -1.19
N LYS B 10 -11.26 47.04 -0.39
CA LYS B 10 -10.36 48.04 0.18
C LYS B 10 -8.91 47.56 0.10
N GLU B 11 -8.04 48.26 0.84
CA GLU B 11 -6.61 48.00 0.75
C GLU B 11 -6.15 47.01 1.81
N GLU B 12 -6.86 46.93 2.93
CA GLU B 12 -6.33 46.24 4.10
C GLU B 12 -6.40 44.72 3.95
N ASP B 13 -7.46 44.22 3.29
CA ASP B 13 -7.55 42.79 3.06
C ASP B 13 -6.60 42.35 1.96
N ILE B 14 -6.32 43.23 1.01
CA ILE B 14 -5.34 42.92 -0.03
C ILE B 14 -3.93 43.00 0.53
N LYS B 15 -3.71 43.88 1.51
CA LYS B 15 -2.42 43.92 2.19
C LYS B 15 -2.23 42.72 3.10
N LEU B 16 -3.34 42.16 3.60
CA LEU B 16 -3.26 41.00 4.47
C LEU B 16 -2.92 39.72 3.73
N LEU B 17 -3.43 39.53 2.51
CA LEU B 17 -3.19 38.30 1.77
C LEU B 17 -1.77 38.24 1.24
N LYS B 18 -1.14 39.41 1.03
CA LYS B 18 0.23 39.44 0.53
C LYS B 18 1.22 39.10 1.64
N GLU B 19 0.89 39.47 2.88
CA GLU B 19 1.75 39.20 4.02
C GLU B 19 1.86 37.71 4.35
N LEU B 20 0.89 36.89 3.96
CA LEU B 20 0.94 35.49 4.40
C LEU B 20 1.58 34.56 3.37
N LYS B 21 0.93 34.34 2.22
CA LYS B 21 1.43 33.36 1.26
C LYS B 21 1.34 33.78 -0.20
N TRP B 22 0.42 34.70 -0.52
CA TRP B 22 0.00 34.88 -1.92
C TRP B 22 1.04 35.65 -2.73
N ASN B 23 1.13 35.30 -4.02
CA ASN B 23 2.07 35.93 -4.95
C ASN B 23 1.36 36.88 -5.92
N GLY B 24 0.35 36.39 -6.64
CA GLY B 24 -0.44 37.23 -7.52
C GLY B 24 -1.87 36.74 -7.58
N PHE B 25 -2.83 37.63 -7.73
CA PHE B 25 -4.24 37.26 -7.69
C PHE B 25 -5.04 37.97 -8.79
N VAL B 26 -6.33 37.65 -8.83
CA VAL B 26 -7.20 38.02 -9.94
C VAL B 26 -8.34 38.88 -9.43
N PHE B 27 -8.57 40.03 -10.09
CA PHE B 27 -9.73 40.88 -9.85
C PHE B 27 -10.92 40.25 -10.55
N TYR B 28 -12.03 40.12 -9.82
CA TYR B 28 -13.18 39.35 -10.28
C TYR B 28 -14.40 40.26 -10.40
N GLN B 29 -14.58 40.86 -11.58
CA GLN B 29 -15.67 41.80 -11.82
C GLN B 29 -16.90 41.00 -12.21
N TYR B 30 -17.83 40.84 -11.26
CA TYR B 30 -19.02 40.02 -11.46
C TYR B 30 -20.20 40.89 -11.93
N ASP B 31 -19.94 41.67 -12.97
CA ASP B 31 -20.97 42.56 -13.49
C ASP B 31 -20.89 42.73 -15.00
N ASP B 32 -21.91 43.35 -15.58
CA ASP B 32 -21.92 43.70 -17.00
C ASP B 32 -21.46 45.13 -17.24
N GLU B 33 -21.03 45.83 -16.19
CA GLU B 33 -20.59 47.22 -16.28
C GLU B 33 -19.15 47.29 -15.77
N PHE B 34 -18.19 47.16 -16.67
CA PHE B 34 -16.78 47.31 -16.34
C PHE B 34 -16.19 48.38 -17.25
N SER B 35 -15.23 49.14 -16.74
CA SER B 35 -14.61 50.22 -17.47
C SER B 35 -13.17 50.38 -17.01
N LYS B 36 -12.54 51.48 -17.45
CA LYS B 36 -11.17 51.76 -17.03
C LYS B 36 -11.11 52.40 -15.66
N ASP B 37 -12.25 52.84 -15.10
CA ASP B 37 -12.27 53.47 -13.79
C ASP B 37 -11.94 52.46 -12.70
N ARG B 38 -12.43 51.22 -12.85
CA ARG B 38 -12.03 50.15 -11.94
C ARG B 38 -10.62 49.67 -12.24
N TYR B 39 -10.13 49.94 -13.45
CA TYR B 39 -8.82 49.46 -13.85
C TYR B 39 -7.71 50.41 -13.40
N GLU B 40 -8.02 51.69 -13.24
CA GLU B 40 -7.01 52.63 -12.78
C GLU B 40 -6.86 52.58 -11.27
N GLU B 41 -7.91 52.14 -10.57
CA GLU B 41 -7.82 51.95 -9.13
C GLU B 41 -7.08 50.66 -8.80
N VAL B 42 -7.24 49.63 -9.63
CA VAL B 42 -6.73 48.31 -9.30
C VAL B 42 -5.21 48.26 -9.51
N LYS B 43 -4.68 49.19 -10.31
CA LYS B 43 -3.23 49.29 -10.46
C LYS B 43 -2.62 50.05 -9.29
N ALA B 44 -3.42 50.91 -8.65
CA ALA B 44 -2.94 51.63 -7.47
C ALA B 44 -2.84 50.71 -6.27
N ILE B 45 -3.73 49.71 -6.17
CA ILE B 45 -3.65 48.75 -5.08
C ILE B 45 -2.49 47.78 -5.31
N ALA B 46 -2.22 47.46 -6.58
CA ALA B 46 -1.11 46.57 -6.90
C ALA B 46 0.24 47.23 -6.66
N GLU B 47 0.35 48.52 -6.94
CA GLU B 47 1.61 49.22 -6.70
C GLU B 47 1.68 49.81 -5.30
N SER B 48 0.65 49.59 -4.48
CA SER B 48 0.62 50.12 -3.12
C SER B 48 1.70 49.52 -2.23
N TYR B 49 1.60 48.23 -1.92
CA TYR B 49 2.64 47.63 -1.11
C TYR B 49 3.66 46.88 -1.97
N LYS B 50 3.27 45.72 -2.50
CA LYS B 50 4.01 44.96 -3.51
C LYS B 50 3.08 43.94 -4.17
N LEU B 51 2.46 44.23 -5.31
CA LEU B 51 1.51 43.26 -5.86
C LEU B 51 1.36 43.33 -7.38
N LYS B 52 0.75 42.29 -7.97
CA LYS B 52 0.38 42.25 -9.37
C LYS B 52 -1.04 41.69 -9.47
N VAL B 53 -1.93 42.41 -10.16
CA VAL B 53 -3.33 42.04 -10.28
C VAL B 53 -3.69 41.89 -11.75
N TYR B 54 -4.46 40.85 -12.09
CA TYR B 54 -5.00 40.65 -13.42
C TYR B 54 -6.52 40.69 -13.32
N SER B 55 -7.15 41.62 -14.06
CA SER B 55 -8.59 41.84 -13.94
C SER B 55 -9.35 41.00 -14.97
N GLY B 56 -10.48 40.42 -14.54
CA GLY B 56 -11.34 39.67 -15.44
C GLY B 56 -12.80 40.04 -15.30
N VAL B 57 -13.62 39.71 -16.30
CA VAL B 57 -15.03 40.09 -16.34
C VAL B 57 -15.90 38.85 -16.22
N LYS B 58 -17.22 39.05 -16.17
CA LYS B 58 -18.18 37.98 -15.95
C LYS B 58 -19.46 38.24 -16.74
N ILE B 59 -20.03 37.17 -17.28
CA ILE B 59 -21.35 37.20 -17.90
C ILE B 59 -22.16 36.03 -17.34
N LYS B 60 -23.48 36.15 -17.36
CA LYS B 60 -24.34 35.17 -16.70
C LYS B 60 -25.75 35.18 -17.28
N THR B 61 -26.35 33.98 -17.35
CA THR B 61 -27.70 33.62 -17.80
C THR B 61 -28.25 34.41 -18.99
N GLU B 62 -27.59 34.30 -20.14
CA GLU B 62 -28.18 34.73 -21.41
C GLU B 62 -28.23 33.52 -22.32
N SER B 63 -28.57 33.77 -23.59
CA SER B 63 -28.79 32.71 -24.58
C SER B 63 -27.50 32.00 -24.99
N SER B 64 -27.63 30.95 -25.80
CA SER B 64 -26.51 30.07 -26.13
C SER B 64 -25.50 30.72 -27.08
N LYS B 65 -25.92 31.05 -28.30
CA LYS B 65 -24.95 31.43 -29.32
C LYS B 65 -24.88 32.95 -29.51
N GLN B 66 -25.89 33.68 -29.05
CA GLN B 66 -25.84 35.14 -29.15
C GLN B 66 -24.96 35.73 -28.05
N LEU B 67 -24.73 34.98 -26.98
CA LEU B 67 -23.78 35.42 -25.96
C LEU B 67 -22.35 35.25 -26.42
N ARG B 68 -22.12 34.29 -27.33
CA ARG B 68 -20.77 34.03 -27.82
C ARG B 68 -20.25 35.15 -28.72
N ASP B 69 -21.12 35.73 -29.55
CA ASP B 69 -20.72 36.84 -30.41
C ASP B 69 -20.51 38.11 -29.60
N LYS B 70 -21.19 38.22 -28.46
CA LYS B 70 -21.13 39.44 -27.66
C LYS B 70 -19.89 39.49 -26.76
N VAL B 71 -19.59 38.38 -26.06
CA VAL B 71 -18.51 38.41 -25.08
C VAL B 71 -17.15 38.33 -25.76
N LYS B 72 -17.13 37.97 -27.04
CA LYS B 72 -15.88 37.98 -27.79
C LYS B 72 -15.43 39.40 -28.10
N LYS B 73 -16.38 40.35 -28.10
CA LYS B 73 -16.02 41.76 -28.21
C LYS B 73 -15.57 42.32 -26.87
N PHE B 74 -16.12 41.80 -25.77
CA PHE B 74 -15.81 42.35 -24.45
C PHE B 74 -14.47 41.81 -23.92
N ARG B 75 -14.02 40.68 -24.45
CA ARG B 75 -12.79 40.07 -23.94
C ARG B 75 -11.55 40.77 -24.49
N ASN B 76 -11.71 41.60 -25.52
CA ASN B 76 -10.58 42.26 -26.15
C ASN B 76 -10.05 43.42 -25.32
N LYS B 77 -10.86 43.88 -24.36
CA LYS B 77 -10.46 44.98 -23.48
C LYS B 77 -9.94 44.52 -22.13
N CYS B 78 -10.31 43.32 -21.68
CA CYS B 78 -9.87 42.79 -20.40
C CYS B 78 -8.85 41.67 -20.62
N HIS B 79 -8.46 41.01 -19.54
CA HIS B 79 -7.47 39.94 -19.61
C HIS B 79 -8.12 38.57 -19.81
N ILE B 80 -8.96 38.16 -18.86
CA ILE B 80 -9.55 36.82 -18.87
C ILE B 80 -11.06 36.94 -18.73
N ILE B 81 -11.75 35.83 -19.00
CA ILE B 81 -13.19 35.73 -18.84
C ILE B 81 -13.50 34.47 -18.04
N LEU B 82 -14.69 34.43 -17.46
CA LEU B 82 -15.15 33.28 -16.69
C LEU B 82 -16.66 33.16 -16.82
N ILE B 83 -17.12 31.97 -17.21
CA ILE B 83 -18.53 31.72 -17.47
C ILE B 83 -19.09 30.81 -16.39
N GLU B 84 -20.28 31.15 -15.89
CA GLU B 84 -21.01 30.36 -14.92
C GLU B 84 -22.38 30.04 -15.48
N GLY B 85 -22.95 28.94 -15.01
CA GLY B 85 -24.27 28.53 -15.44
C GLY B 85 -24.64 27.11 -15.01
N GLY B 86 -25.89 26.92 -14.58
CA GLY B 86 -26.32 25.58 -14.21
C GLY B 86 -27.03 24.87 -15.34
N VAL B 87 -27.51 25.64 -16.32
CA VAL B 87 -28.19 25.05 -17.47
C VAL B 87 -27.19 24.34 -18.36
N LEU B 88 -27.53 23.12 -18.78
CA LEU B 88 -26.59 22.29 -19.52
C LEU B 88 -26.41 22.79 -20.96
N LYS B 89 -27.42 23.45 -21.52
CA LYS B 89 -27.30 23.95 -22.88
C LYS B 89 -26.43 25.20 -22.92
N ILE B 90 -26.32 25.90 -21.78
CA ILE B 90 -25.36 26.98 -21.68
C ILE B 90 -23.97 26.44 -21.38
N ASN B 91 -23.90 25.33 -20.63
CA ASN B 91 -22.61 24.73 -20.29
C ASN B 91 -21.98 24.07 -21.51
N ARG B 92 -22.81 23.51 -22.39
CA ARG B 92 -22.30 22.85 -23.59
C ARG B 92 -21.88 23.87 -24.65
N ALA B 93 -22.60 24.99 -24.73
CA ALA B 93 -22.31 26.00 -25.76
C ALA B 93 -21.08 26.81 -25.41
N ALA B 94 -20.67 26.79 -24.13
CA ALA B 94 -19.54 27.61 -23.70
C ALA B 94 -18.21 26.98 -24.10
N VAL B 95 -18.18 25.65 -24.26
CA VAL B 95 -16.92 24.97 -24.51
C VAL B 95 -16.58 24.91 -25.99
N GLU B 96 -17.56 25.06 -26.89
CA GLU B 96 -17.31 24.94 -28.33
C GLU B 96 -16.59 26.17 -28.88
N LEU B 97 -16.73 27.31 -28.20
CA LEU B 97 -16.16 28.55 -28.71
C LEU B 97 -14.64 28.59 -28.54
N HIS B 98 -14.10 27.74 -27.65
CA HIS B 98 -12.69 27.50 -27.33
C HIS B 98 -11.83 28.75 -27.19
N ASP B 99 -12.40 29.82 -26.64
CA ASP B 99 -11.65 31.03 -26.35
C ASP B 99 -11.79 31.38 -24.88
N VAL B 100 -12.68 30.66 -24.19
CA VAL B 100 -12.86 30.82 -22.75
C VAL B 100 -11.76 30.01 -22.06
N ASP B 101 -11.31 30.48 -20.89
CA ASP B 101 -10.21 29.84 -20.18
C ASP B 101 -10.72 28.87 -19.12
N ILE B 102 -11.73 29.28 -18.36
CA ILE B 102 -12.23 28.53 -17.21
C ILE B 102 -13.75 28.62 -17.15
N LEU B 103 -14.35 27.69 -16.43
CA LEU B 103 -15.80 27.62 -16.23
C LEU B 103 -16.10 27.21 -14.79
N SER B 104 -17.17 27.79 -14.24
CA SER B 104 -17.49 27.59 -12.83
C SER B 104 -18.97 27.26 -12.66
N THR B 105 -19.33 26.94 -11.41
CA THR B 105 -20.65 26.59 -10.88
C THR B 105 -21.44 25.60 -11.72
N PRO B 106 -21.08 24.31 -11.76
CA PRO B 106 -21.98 23.33 -12.37
C PRO B 106 -22.82 22.58 -11.34
N GLU B 107 -22.77 22.99 -10.08
CA GLU B 107 -23.41 22.22 -9.02
C GLU B 107 -24.50 22.99 -8.30
N LEU B 108 -24.51 24.32 -8.42
CA LEU B 108 -25.48 25.12 -7.68
C LEU B 108 -26.67 25.52 -8.55
N GLY B 109 -26.52 25.51 -9.87
CA GLY B 109 -27.63 25.84 -10.75
C GLY B 109 -28.42 24.63 -11.17
N ARG B 110 -27.73 23.51 -11.43
CA ARG B 110 -28.42 22.30 -11.88
C ARG B 110 -28.87 21.46 -10.70
N LYS B 111 -28.02 21.36 -9.66
CA LYS B 111 -28.23 20.56 -8.45
C LYS B 111 -28.47 19.08 -8.75
N ASP B 112 -27.92 18.59 -9.86
CA ASP B 112 -28.01 17.18 -10.22
C ASP B 112 -26.67 16.48 -10.36
N SER B 113 -25.75 17.06 -11.15
CA SER B 113 -24.39 16.57 -11.32
C SER B 113 -23.58 17.67 -11.97
N GLY B 114 -22.29 17.73 -11.63
CA GLY B 114 -21.42 18.76 -12.15
C GLY B 114 -21.04 18.62 -13.61
N ILE B 115 -20.23 17.60 -13.92
CA ILE B 115 -19.69 17.43 -15.27
C ILE B 115 -20.11 16.06 -15.80
N ASP B 116 -20.63 16.06 -17.02
CA ASP B 116 -21.01 14.85 -17.71
C ASP B 116 -19.79 14.21 -18.37
N HIS B 117 -19.99 13.01 -18.90
CA HIS B 117 -18.91 12.29 -19.55
C HIS B 117 -18.59 12.89 -20.92
N VAL B 118 -19.64 13.27 -21.67
CA VAL B 118 -19.43 13.81 -23.01
C VAL B 118 -18.99 15.26 -22.93
N LEU B 119 -19.25 15.91 -21.80
CA LEU B 119 -18.83 17.30 -21.64
C LEU B 119 -17.33 17.40 -21.41
N ALA B 120 -16.73 16.33 -20.85
CA ALA B 120 -15.29 16.34 -20.61
C ALA B 120 -14.52 16.06 -21.89
N ARG B 121 -15.14 15.36 -22.85
CA ARG B 121 -14.42 15.00 -24.08
C ARG B 121 -14.36 16.19 -25.04
N LEU B 122 -15.36 17.06 -25.02
CA LEU B 122 -15.31 18.27 -25.84
C LEU B 122 -14.39 19.31 -25.23
N ALA B 123 -14.07 19.17 -23.94
CA ALA B 123 -13.15 20.10 -23.29
C ALA B 123 -11.71 19.71 -23.54
N SER B 124 -11.48 18.55 -24.16
CA SER B 124 -10.12 18.08 -24.41
C SER B 124 -9.47 18.86 -25.54
N ASN B 125 -10.07 18.84 -26.73
CA ASN B 125 -9.46 19.49 -27.89
C ASN B 125 -9.73 20.98 -27.90
N HIS B 126 -10.72 21.44 -27.12
CA HIS B 126 -11.00 22.86 -27.00
C HIS B 126 -10.21 23.53 -25.89
N ARG B 127 -9.63 22.73 -24.98
CA ARG B 127 -8.76 23.16 -23.88
C ARG B 127 -9.43 24.17 -22.96
N VAL B 128 -10.56 23.78 -22.37
CA VAL B 128 -11.28 24.60 -21.40
C VAL B 128 -11.17 23.92 -20.05
N ALA B 129 -10.74 24.68 -19.04
CA ALA B 129 -10.50 24.16 -17.71
C ALA B 129 -11.74 24.32 -16.85
N ILE B 130 -11.89 23.44 -15.86
CA ILE B 130 -12.97 23.56 -14.88
C ILE B 130 -12.43 24.28 -13.65
N GLU B 131 -13.16 25.27 -13.17
CA GLU B 131 -12.76 26.07 -12.02
C GLU B 131 -13.55 25.63 -10.80
N LEU B 132 -12.86 25.32 -9.71
CA LEU B 132 -13.52 24.87 -8.50
C LEU B 132 -13.69 26.04 -7.54
N ASN B 133 -14.82 26.08 -6.83
CA ASN B 133 -15.17 27.21 -5.98
C ASN B 133 -15.22 26.80 -4.53
N PHE B 134 -14.83 27.72 -3.64
CA PHE B 134 -14.88 27.49 -2.20
C PHE B 134 -15.88 28.39 -1.49
N LYS B 135 -16.47 29.37 -2.20
CA LYS B 135 -17.52 30.19 -1.62
C LYS B 135 -18.78 29.39 -1.35
N THR B 136 -18.98 28.31 -2.11
CA THR B 136 -20.19 27.48 -2.01
C THR B 136 -20.26 26.76 -0.67
N LEU B 137 -19.19 26.06 -0.27
CA LEU B 137 -19.21 25.26 0.96
C LEU B 137 -19.24 26.12 2.22
N LEU B 138 -19.02 27.43 2.09
CA LEU B 138 -18.91 28.30 3.26
C LEU B 138 -20.26 28.57 3.89
N ASN B 139 -21.32 28.65 3.09
CA ASN B 139 -22.64 29.04 3.58
C ASN B 139 -23.70 27.99 3.27
N LYS B 140 -23.35 26.71 3.34
CA LYS B 140 -24.31 25.62 3.20
C LYS B 140 -24.70 25.06 4.56
N ASP B 141 -25.45 23.96 4.53
CA ASP B 141 -25.82 23.22 5.72
C ASP B 141 -25.02 21.92 5.72
N GLY B 142 -25.33 21.01 6.63
CA GLY B 142 -24.63 19.74 6.74
C GLY B 142 -24.75 18.83 5.54
N TYR B 143 -25.99 18.54 5.11
CA TYR B 143 -26.18 17.70 3.94
C TYR B 143 -25.86 18.47 2.66
N GLU B 144 -26.02 19.79 2.69
CA GLU B 144 -25.72 20.62 1.52
C GLU B 144 -24.22 20.71 1.27
N ARG B 145 -23.42 20.64 2.34
CA ARG B 145 -21.97 20.54 2.17
C ARG B 145 -21.58 19.17 1.65
N ALA B 146 -22.38 18.15 1.96
CA ALA B 146 -22.07 16.79 1.51
C ALA B 146 -22.38 16.62 0.03
N ARG B 147 -23.41 17.32 -0.46
CA ARG B 147 -23.85 17.13 -1.84
C ARG B 147 -22.88 17.76 -2.83
N THR B 148 -22.36 18.95 -2.52
CA THR B 148 -21.40 19.58 -3.41
C THR B 148 -20.05 18.88 -3.34
N LEU B 149 -19.76 18.20 -2.23
CA LEU B 149 -18.48 17.53 -2.09
C LEU B 149 -18.47 16.23 -2.89
N LEU B 150 -19.60 15.53 -2.94
CA LEU B 150 -19.66 14.33 -3.78
C LEU B 150 -19.74 14.72 -5.25
N PHE B 151 -20.26 15.91 -5.56
CA PHE B 151 -20.19 16.42 -6.92
C PHE B 151 -18.77 16.79 -7.29
N PHE B 152 -17.98 17.26 -6.32
CA PHE B 152 -16.59 17.63 -6.61
C PHE B 152 -15.72 16.40 -6.81
N ARG B 153 -16.01 15.32 -6.07
CA ARG B 153 -15.26 14.07 -6.26
C ARG B 153 -15.56 13.44 -7.60
N ASN B 154 -16.76 13.67 -8.14
CA ASN B 154 -17.06 13.21 -9.48
C ASN B 154 -16.40 14.08 -10.54
N ASN B 155 -16.09 15.33 -10.20
CA ASN B 155 -15.44 16.22 -11.16
C ASN B 155 -13.93 16.00 -11.17
N LEU B 156 -13.39 15.42 -10.09
CA LEU B 156 -11.94 15.20 -10.03
C LEU B 156 -11.53 13.99 -10.86
N LYS B 157 -12.37 12.95 -10.91
CA LYS B 157 -12.01 11.73 -11.61
C LYS B 157 -12.10 11.91 -13.12
N LEU B 158 -12.99 12.79 -13.58
CA LEU B 158 -13.08 13.06 -15.02
C LEU B 158 -11.93 13.96 -15.46
N ALA B 159 -11.49 14.88 -14.60
CA ALA B 159 -10.38 15.76 -14.93
C ALA B 159 -9.03 15.06 -14.77
N LYS B 160 -8.98 13.94 -14.06
CA LYS B 160 -7.74 13.19 -13.91
C LYS B 160 -7.55 12.21 -15.06
N LYS B 161 -8.64 11.58 -15.51
CA LYS B 161 -8.54 10.60 -16.59
C LYS B 161 -8.39 11.28 -17.94
N PHE B 162 -9.20 12.32 -18.20
CA PHE B 162 -9.16 13.00 -19.48
C PHE B 162 -8.17 14.16 -19.50
N ASP B 163 -7.43 14.36 -18.41
CA ASP B 163 -6.42 15.41 -18.23
C ASP B 163 -6.99 16.81 -18.46
N VAL B 164 -8.04 17.16 -17.72
CA VAL B 164 -8.66 18.48 -17.79
C VAL B 164 -8.04 19.33 -16.68
N PRO B 165 -7.57 20.55 -16.98
CA PRO B 165 -6.95 21.39 -15.93
C PRO B 165 -7.95 21.85 -14.88
N VAL B 166 -7.47 21.96 -13.64
CA VAL B 166 -8.30 22.30 -12.48
C VAL B 166 -7.65 23.49 -11.80
N VAL B 167 -8.42 24.55 -11.58
CA VAL B 167 -7.95 25.74 -10.87
C VAL B 167 -8.94 26.02 -9.73
N ILE B 168 -8.40 26.18 -8.52
CA ILE B 168 -9.21 26.46 -7.34
C ILE B 168 -9.39 27.98 -7.21
N SER B 169 -10.47 28.38 -6.54
CA SER B 169 -10.71 29.77 -6.19
C SER B 169 -11.46 29.83 -4.88
N THR B 170 -11.17 30.85 -4.07
CA THR B 170 -11.97 31.10 -2.87
C THR B 170 -13.32 31.69 -3.25
N ASP B 171 -13.36 32.47 -4.35
CA ASP B 171 -14.49 33.23 -4.84
C ASP B 171 -15.02 34.14 -3.73
N ALA B 172 -14.11 34.87 -3.11
CA ALA B 172 -14.44 35.64 -1.92
C ALA B 172 -15.14 36.94 -2.28
N GLU B 173 -15.87 37.50 -1.30
CA GLU B 173 -16.62 38.73 -1.50
C GLU B 173 -16.23 39.84 -0.52
N ASN B 174 -15.92 39.50 0.72
CA ASN B 174 -15.61 40.48 1.75
C ASN B 174 -14.19 40.27 2.25
N LYS B 175 -13.86 40.95 3.34
CA LYS B 175 -12.48 41.01 3.84
C LYS B 175 -12.01 39.67 4.38
N TYR B 176 -12.93 38.84 4.87
CA TYR B 176 -12.53 37.69 5.69
C TYR B 176 -12.81 36.35 5.04
N GLN B 177 -13.37 36.33 3.83
CA GLN B 177 -13.58 35.06 3.13
C GLN B 177 -12.32 34.61 2.40
N ILE B 178 -11.27 35.43 2.44
CA ILE B 178 -9.96 35.10 1.87
C ILE B 178 -9.41 33.94 2.70
N LYS B 179 -8.94 32.89 2.02
CA LYS B 179 -8.25 31.80 2.68
C LYS B 179 -6.81 31.78 2.21
N ASN B 180 -5.99 31.02 2.94
CA ASN B 180 -4.60 30.82 2.58
C ASN B 180 -4.51 29.69 1.56
N PRO B 181 -3.45 29.63 0.74
CA PRO B 181 -3.30 28.52 -0.20
C PRO B 181 -2.99 27.18 0.45
N TYR B 182 -2.47 27.17 1.68
CA TYR B 182 -1.96 25.93 2.27
C TYR B 182 -3.09 25.03 2.75
N ASP B 183 -4.12 25.61 3.37
CA ASP B 183 -5.29 24.82 3.73
C ASP B 183 -6.08 24.42 2.49
N LEU B 184 -6.04 25.26 1.45
CA LEU B 184 -6.63 24.89 0.18
C LEU B 184 -5.85 23.76 -0.49
N ARG B 185 -4.53 23.76 -0.31
CA ARG B 185 -3.73 22.62 -0.70
C ARG B 185 -4.04 21.42 0.20
N ALA B 186 -4.23 21.68 1.50
CA ALA B 186 -4.55 20.61 2.43
C ALA B 186 -5.95 20.06 2.23
N PHE B 187 -6.89 20.86 1.71
CA PHE B 187 -8.21 20.35 1.41
C PHE B 187 -8.21 19.50 0.13
N LEU B 188 -7.34 19.81 -0.82
CA LEU B 188 -7.22 18.97 -2.01
C LEU B 188 -6.34 17.76 -1.76
N ASN B 189 -5.42 17.86 -0.79
CA ASN B 189 -4.70 16.68 -0.32
C ASN B 189 -5.62 15.74 0.44
N THR B 190 -6.64 16.30 1.09
CA THR B 190 -7.65 15.51 1.79
C THR B 190 -8.46 14.64 0.84
N LEU B 191 -8.87 15.19 -0.31
CA LEU B 191 -9.78 14.50 -1.22
C LEU B 191 -9.15 13.32 -1.94
N VAL B 192 -8.09 13.54 -2.73
CA VAL B 192 -7.56 12.45 -3.55
C VAL B 192 -6.07 12.15 -3.31
N GLU B 193 -5.19 13.13 -3.55
CA GLU B 193 -3.75 12.85 -3.61
C GLU B 193 -2.90 14.08 -3.32
N PRO B 194 -1.70 13.91 -2.77
CA PRO B 194 -0.78 15.05 -2.62
C PRO B 194 -0.13 15.44 -3.94
N LEU B 195 -0.06 14.50 -4.88
CA LEU B 195 0.52 14.79 -6.18
C LEU B 195 -0.43 15.64 -7.03
N TYR B 196 -1.72 15.28 -7.02
CA TYR B 196 -2.68 16.00 -7.85
C TYR B 196 -3.03 17.36 -7.25
N ALA B 197 -2.83 17.52 -5.95
CA ALA B 197 -3.10 18.80 -5.30
C ALA B 197 -2.04 19.84 -5.66
N LYS B 198 -0.83 19.38 -5.96
CA LYS B 198 0.24 20.31 -6.30
C LYS B 198 0.11 20.81 -7.74
N LYS B 199 -0.38 19.95 -8.64
CA LYS B 199 -0.47 20.32 -10.06
C LYS B 199 -1.59 21.33 -10.28
N ILE B 200 -2.57 21.38 -9.36
CA ILE B 200 -3.69 22.33 -9.48
C ILE B 200 -3.18 23.76 -9.33
N MET B 201 -2.22 23.97 -8.43
CA MET B 201 -1.65 25.30 -8.23
C MET B 201 -0.82 25.73 -9.44
N GLU B 202 -0.28 24.78 -10.20
CA GLU B 202 0.49 25.12 -11.38
C GLU B 202 -0.42 25.52 -12.54
N THR B 203 -1.56 24.84 -12.68
CA THR B 203 -2.52 25.22 -13.72
C THR B 203 -3.21 26.53 -13.39
N ALA B 204 -3.22 26.93 -12.11
CA ALA B 204 -3.62 28.28 -11.76
C ALA B 204 -2.59 29.29 -12.27
N TYR B 205 -1.31 28.92 -12.21
CA TYR B 205 -0.25 29.80 -12.66
C TYR B 205 -0.09 29.76 -14.18
N LYS B 206 -0.22 28.58 -14.78
CA LYS B 206 0.10 28.42 -16.20
C LYS B 206 -0.92 29.11 -17.10
N ILE B 207 -2.12 29.41 -16.59
CA ILE B 207 -3.11 30.13 -17.37
C ILE B 207 -2.71 31.60 -17.53
N CYS B 208 -2.29 32.24 -16.44
CA CYS B 208 -2.12 33.69 -16.47
C CYS B 208 -0.81 34.10 -17.13
N ASP B 209 0.15 33.17 -17.30
CA ASP B 209 1.32 33.50 -18.11
C ASP B 209 0.97 33.47 -19.60
N PHE B 210 0.18 32.49 -20.02
CA PHE B 210 -0.16 32.33 -21.43
C PHE B 210 -1.08 33.44 -21.93
N ARG B 211 -2.02 33.86 -21.08
CA ARG B 211 -2.95 34.93 -21.48
C ARG B 211 -2.26 36.28 -21.49
N ASP B 212 -1.26 36.46 -20.64
CA ASP B 212 -0.52 37.72 -20.59
C ASP B 212 0.45 37.82 -21.76
N TYR B 213 1.19 36.74 -22.04
CA TYR B 213 2.23 36.76 -23.06
C TYR B 213 1.62 36.82 -24.46
N LEU B 214 0.36 36.41 -24.60
CA LEU B 214 -0.34 36.50 -25.87
C LEU B 214 -0.61 37.96 -26.24
N MET B 215 -1.07 38.75 -25.28
CA MET B 215 -1.38 40.15 -25.54
C MET B 215 -0.29 41.11 -25.10
N ARG B 216 0.85 40.60 -24.61
CA ARG B 216 1.98 41.45 -24.23
C ARG B 216 2.62 42.07 -25.47
N ASP B 217 3.08 41.21 -26.37
CA ASP B 217 3.72 41.64 -27.61
C ASP B 217 2.90 41.14 -28.79
N ASN B 218 3.46 41.33 -29.99
CA ASN B 218 2.79 40.91 -31.22
C ASN B 218 2.87 39.40 -31.41
N VAL B 219 2.05 38.65 -30.66
CA VAL B 219 2.04 37.19 -30.74
C VAL B 219 0.72 36.75 -31.33
N VAL B 220 0.80 36.05 -32.47
CA VAL B 220 -0.37 35.54 -33.16
C VAL B 220 -0.14 34.07 -33.48
N ARG B 221 -1.04 33.21 -32.97
CA ARG B 221 -1.04 31.75 -33.16
C ARG B 221 0.28 31.13 -32.68
N TYR B 222 0.66 31.51 -31.46
CA TYR B 222 1.88 31.07 -30.78
C TYR B 222 3.14 31.36 -31.59
N GLY B 223 3.22 32.58 -32.12
CA GLY B 223 4.39 33.02 -32.85
C GLY B 223 4.66 34.48 -32.60
N VAL B 224 5.86 34.75 -32.08
CA VAL B 224 6.24 36.10 -31.64
C VAL B 224 7.23 36.68 -32.66
N GLU B 225 7.09 37.98 -32.90
CA GLU B 225 7.93 38.68 -33.87
C GLU B 225 8.64 39.84 -33.18
N ILE B 226 9.96 39.74 -33.06
CA ILE B 226 10.78 40.85 -32.56
C ILE B 226 11.84 41.07 -33.65
N ILE B 227 12.34 42.32 -33.75
CA ILE B 227 13.37 42.76 -34.70
C ILE B 227 12.96 42.49 -36.16
N MET C 1 5.29 39.05 -50.96
CA MET C 1 6.35 39.19 -49.97
C MET C 1 6.21 38.16 -48.86
N ILE C 2 7.23 38.05 -48.01
CA ILE C 2 7.24 37.08 -46.93
C ILE C 2 6.85 37.77 -45.63
N THR C 3 5.72 37.36 -45.07
CA THR C 3 5.18 37.90 -43.84
C THR C 3 5.12 36.83 -42.77
N PRO C 4 5.20 37.20 -41.47
CA PRO C 4 5.07 36.18 -40.41
C PRO C 4 3.69 35.55 -40.32
N HIS C 5 2.67 36.22 -40.86
CA HIS C 5 1.32 35.65 -40.90
C HIS C 5 1.21 34.58 -41.98
N ASN C 6 1.79 34.85 -43.15
CA ASN C 6 1.75 33.87 -44.24
C ASN C 6 2.97 32.96 -44.26
N ILE C 7 3.71 32.86 -43.15
CA ILE C 7 4.90 32.03 -43.13
C ILE C 7 4.54 30.56 -42.99
N LEU C 8 3.30 30.28 -42.56
CA LEU C 8 2.85 28.90 -42.49
C LEU C 8 2.38 28.42 -43.86
N ARG C 9 2.00 29.37 -44.73
CA ARG C 9 1.72 29.03 -46.12
C ARG C 9 2.91 29.25 -47.04
N HIS C 10 4.00 29.83 -46.53
CA HIS C 10 5.16 30.10 -47.37
C HIS C 10 5.95 28.82 -47.64
N GLU C 11 6.64 28.79 -48.78
CA GLU C 11 7.52 27.70 -49.13
C GLU C 11 8.84 27.87 -48.38
N LEU C 12 9.20 26.86 -47.59
CA LEU C 12 10.43 26.91 -46.81
C LEU C 12 11.67 26.74 -47.67
N ILE C 13 11.51 26.17 -48.88
CA ILE C 13 12.64 25.93 -49.75
C ILE C 13 13.18 27.27 -50.29
N GLY C 14 14.43 27.55 -49.97
CA GLY C 14 15.04 28.82 -50.35
C GLY C 14 15.01 29.87 -49.24
N LEU C 15 15.16 29.44 -47.99
CA LEU C 15 15.13 30.36 -46.86
C LEU C 15 16.15 29.88 -45.83
N LYS C 16 16.96 30.80 -45.31
CA LYS C 16 17.96 30.43 -44.30
C LYS C 16 17.28 30.16 -42.96
N VAL C 17 17.48 28.94 -42.45
CA VAL C 17 16.78 28.47 -41.27
C VAL C 17 17.80 27.99 -40.25
N GLU C 18 17.68 28.47 -39.01
CA GLU C 18 18.51 28.01 -37.90
C GLU C 18 17.62 27.60 -36.75
N ILE C 19 18.08 26.63 -35.97
CA ILE C 19 17.30 26.00 -34.92
C ILE C 19 17.86 26.45 -33.57
N VAL C 20 16.98 26.95 -32.69
CA VAL C 20 17.43 27.43 -31.39
C VAL C 20 17.18 26.39 -30.29
N GLU C 21 16.02 25.71 -30.33
CA GLU C 21 15.70 24.71 -29.32
C GLU C 21 15.36 23.40 -30.00
N ALA C 22 15.81 22.30 -29.41
CA ALA C 22 15.51 20.96 -29.88
C ALA C 22 15.72 19.98 -28.74
N LYS C 23 15.00 18.86 -28.80
CA LYS C 23 15.19 17.82 -27.80
C LYS C 23 16.52 17.10 -28.00
N ASN C 24 16.91 16.86 -29.24
CA ASN C 24 18.22 16.27 -29.56
C ASN C 24 19.26 17.38 -29.53
N LYS C 25 20.41 17.08 -28.91
CA LYS C 25 21.40 18.11 -28.64
C LYS C 25 22.25 18.45 -29.86
N ALA C 26 22.28 17.55 -30.84
CA ALA C 26 23.10 17.80 -32.02
C ALA C 26 22.44 18.79 -32.97
N MET C 27 21.11 18.85 -32.99
CA MET C 27 20.42 19.64 -33.99
C MET C 27 20.38 21.12 -33.61
N ILE C 28 20.78 21.45 -32.39
CA ILE C 28 20.79 22.85 -31.94
C ILE C 28 22.04 23.55 -32.45
N GLY C 29 21.84 24.63 -33.22
CA GLY C 29 22.94 25.47 -33.62
C GLY C 29 23.32 25.41 -35.09
N ILE C 30 22.62 24.63 -35.88
CA ILE C 30 22.95 24.50 -37.30
C ILE C 30 22.21 25.57 -38.10
N LYS C 31 22.88 26.11 -39.11
CA LYS C 31 22.34 27.19 -39.94
C LYS C 31 22.49 26.82 -41.41
N GLY C 32 21.45 27.08 -42.18
CA GLY C 32 21.50 26.82 -43.60
C GLY C 32 20.14 27.01 -44.24
N LYS C 33 20.09 26.76 -45.54
CA LYS C 33 18.87 26.88 -46.33
C LYS C 33 18.19 25.52 -46.47
N VAL C 34 16.87 25.55 -46.64
CA VAL C 34 16.07 24.34 -46.80
C VAL C 34 16.06 23.98 -48.28
N VAL C 35 16.40 22.73 -48.59
CA VAL C 35 16.42 22.27 -49.97
C VAL C 35 15.16 21.47 -50.29
N ASP C 36 14.78 20.55 -49.42
CA ASP C 36 13.65 19.66 -49.68
C ASP C 36 12.74 19.66 -48.45
N GLU C 37 11.49 19.25 -48.67
CA GLU C 37 10.49 19.31 -47.62
C GLU C 37 9.51 18.15 -47.78
N THR C 38 9.29 17.43 -46.68
CA THR C 38 8.31 16.35 -46.57
C THR C 38 7.29 16.75 -45.50
N ARG C 39 6.48 15.77 -45.08
CA ARG C 39 5.40 16.03 -44.13
C ARG C 39 5.93 16.47 -42.78
N ASN C 40 6.85 15.72 -42.19
CA ASN C 40 7.37 16.02 -40.86
C ASN C 40 8.89 15.89 -40.81
N THR C 41 9.54 16.33 -41.89
CA THR C 41 11.00 16.32 -41.95
C THR C 41 11.48 17.39 -42.92
N LEU C 42 12.34 18.27 -42.42
CA LEU C 42 12.98 19.32 -43.21
C LEU C 42 14.38 18.89 -43.59
N VAL C 43 14.82 19.25 -44.79
CA VAL C 43 16.16 18.95 -45.27
C VAL C 43 16.91 20.27 -45.41
N ILE C 44 17.94 20.45 -44.57
CA ILE C 44 18.74 21.68 -44.54
C ILE C 44 20.18 21.33 -44.88
N GLU C 45 20.73 22.04 -45.87
CA GLU C 45 22.15 21.94 -46.21
C GLU C 45 22.88 23.10 -45.55
N LYS C 46 23.99 22.78 -44.88
CA LYS C 46 24.77 23.78 -44.17
C LYS C 46 25.60 24.62 -45.13
N GLU C 47 26.30 25.60 -44.56
CA GLU C 47 27.35 26.29 -45.32
C GLU C 47 28.60 25.43 -45.43
N ASP C 48 28.75 24.43 -44.54
CA ASP C 48 29.83 23.46 -44.68
C ASP C 48 29.55 22.49 -45.82
N GLY C 49 28.28 22.19 -46.08
CA GLY C 49 27.90 21.27 -47.12
C GLY C 49 27.29 19.96 -46.65
N ARG C 50 27.07 19.81 -45.35
CA ARG C 50 26.57 18.56 -44.79
C ARG C 50 25.04 18.55 -44.78
N GLU C 51 24.45 17.58 -45.48
CA GLU C 51 23.01 17.42 -45.47
C GLU C 51 22.57 16.77 -44.16
N VAL C 52 21.66 17.45 -43.45
CA VAL C 52 21.23 17.04 -42.12
C VAL C 52 19.72 16.82 -42.14
N VAL C 53 19.28 15.72 -41.53
CA VAL C 53 17.88 15.34 -41.51
C VAL C 53 17.25 15.88 -40.24
N ILE C 54 16.28 16.78 -40.38
CA ILE C 54 15.69 17.51 -39.27
C ILE C 54 14.19 17.17 -39.24
N PRO C 55 13.68 16.54 -38.20
CA PRO C 55 12.21 16.45 -38.03
C PRO C 55 11.63 17.78 -37.61
N LYS C 56 10.35 17.98 -37.94
CA LYS C 56 9.72 19.29 -37.71
C LYS C 56 9.12 19.37 -36.32
N ASP C 57 8.53 18.27 -35.84
CA ASP C 57 7.68 18.32 -34.66
C ASP C 57 8.49 18.47 -33.37
N ILE C 58 9.79 18.19 -33.42
CA ILE C 58 10.56 18.13 -32.19
C ILE C 58 11.31 19.45 -31.93
N ALA C 59 11.36 20.34 -32.90
CA ALA C 59 12.18 21.55 -32.79
C ALA C 59 11.41 22.78 -33.22
N VAL C 60 12.03 23.93 -32.97
CA VAL C 60 11.53 25.24 -33.38
C VAL C 60 12.55 25.85 -34.33
N PHE C 61 12.06 26.47 -35.40
CA PHE C 61 12.91 27.05 -36.42
C PHE C 61 12.85 28.56 -36.39
N LEU C 62 13.98 29.19 -36.72
CA LEU C 62 14.08 30.65 -36.83
C LEU C 62 14.30 30.97 -38.31
N PHE C 63 13.26 31.51 -38.94
CA PHE C 63 13.30 31.81 -40.37
C PHE C 63 13.92 33.18 -40.61
N GLN C 64 14.69 33.28 -41.69
CA GLN C 64 15.29 34.53 -42.11
C GLN C 64 14.49 35.11 -43.26
N LEU C 65 13.79 36.22 -43.00
CA LEU C 65 13.07 36.95 -44.03
C LEU C 65 14.01 37.93 -44.72
N LYS C 66 13.45 38.86 -45.50
CA LYS C 66 14.23 39.97 -46.05
C LYS C 66 14.57 40.93 -44.91
N GLY C 67 15.63 40.57 -44.19
CA GLY C 67 16.05 41.31 -43.01
C GLY C 67 15.51 40.78 -41.70
N CYS C 68 14.22 40.46 -41.64
CA CYS C 68 13.58 40.12 -40.39
C CYS C 68 13.82 38.65 -40.00
N LYS C 69 13.62 38.36 -38.72
CA LYS C 69 13.75 37.03 -38.16
C LYS C 69 12.48 36.68 -37.39
N VAL C 70 11.90 35.51 -37.67
CA VAL C 70 10.63 35.08 -37.10
C VAL C 70 10.83 33.75 -36.38
N LYS C 71 10.30 33.64 -35.16
CA LYS C 71 10.37 32.42 -34.36
C LYS C 71 9.00 31.73 -34.40
N VAL C 72 8.94 30.58 -35.09
CA VAL C 72 7.72 29.78 -35.21
C VAL C 72 8.07 28.32 -34.93
N ASP C 73 7.26 27.68 -34.10
CA ASP C 73 7.42 26.26 -33.79
C ASP C 73 7.19 25.39 -35.03
N GLY C 74 7.75 24.19 -35.00
CA GLY C 74 7.48 23.23 -36.04
C GLY C 74 6.21 22.44 -35.80
N ARG C 75 5.60 22.60 -34.62
CA ARG C 75 4.30 21.98 -34.36
C ARG C 75 3.21 22.65 -35.16
N LEU C 76 3.40 23.92 -35.52
CA LEU C 76 2.50 24.57 -36.47
C LEU C 76 2.81 24.15 -37.90
N LEU C 77 3.98 23.54 -38.12
CA LEU C 77 4.46 23.25 -39.46
C LEU C 77 4.25 21.78 -39.83
N ILE C 78 3.21 21.14 -39.30
CA ILE C 78 2.93 19.76 -39.68
C ILE C 78 2.23 19.73 -41.03
N GLY C 79 2.69 18.84 -41.90
CA GLY C 79 2.06 18.65 -43.20
C GLY C 79 3.01 18.65 -44.37
N ARG C 80 2.59 18.03 -45.47
CA ARG C 80 3.36 18.06 -46.70
C ARG C 80 3.33 19.45 -47.32
N PRO C 81 4.29 19.80 -48.18
CA PRO C 81 4.23 21.12 -48.85
C PRO C 81 3.07 21.27 -49.82
N GLU C 82 2.41 20.18 -50.22
CA GLU C 82 1.27 20.28 -51.13
C GLU C 82 0.03 20.78 -50.41
N GLU C 83 -0.42 20.05 -49.37
CA GLU C 83 -1.69 20.37 -48.74
C GLU C 83 -1.57 21.50 -47.72
N ARG C 84 -0.35 21.96 -47.43
CA ARG C 84 -0.18 23.07 -46.49
C ARG C 84 -0.58 24.39 -47.14
N LEU C 85 -0.49 24.48 -48.46
CA LEU C 85 -0.89 25.71 -49.16
C LEU C 85 -2.39 25.92 -49.15
N LYS C 86 -3.17 24.84 -49.35
CA LYS C 86 -4.62 24.93 -49.45
C LYS C 86 -5.28 25.40 -48.16
N LYS C 87 -5.27 24.56 -47.12
CA LYS C 87 -5.81 24.92 -45.82
C LYS C 87 -5.29 24.01 -44.72
N LYS C 88 -4.42 24.52 -43.85
CA LYS C 88 -3.96 23.80 -42.67
C LYS C 88 -3.90 24.75 -41.49
N ILE C 89 -4.75 24.49 -40.49
CA ILE C 89 -4.84 25.31 -39.28
C ILE C 89 -4.57 24.42 -38.08
N LYS C 90 -3.55 24.78 -37.29
CA LYS C 90 -3.17 24.05 -36.10
C LYS C 90 -3.24 24.96 -34.89
N ILE C 91 -3.62 24.38 -33.75
CA ILE C 91 -3.73 25.12 -32.49
C ILE C 91 -2.81 24.46 -31.47
N LEU C 92 -1.94 25.27 -30.85
CA LEU C 92 -1.01 24.79 -29.85
C LEU C 92 -1.24 25.51 -28.53
N TYR C 93 -0.93 24.81 -27.43
CA TYR C 93 -1.08 25.34 -26.09
C TYR C 93 0.12 24.95 -25.25
N PRO C 94 0.72 25.91 -24.53
CA PRO C 94 1.94 25.60 -23.77
C PRO C 94 1.64 25.10 -22.35
N TYR C 95 1.17 23.86 -22.23
CA TYR C 95 0.89 23.28 -20.93
C TYR C 95 1.50 21.89 -20.80
N LYS D 3 -14.43 34.52 -51.93
CA LYS D 3 -13.84 35.07 -53.14
C LYS D 3 -12.58 35.87 -52.81
N PHE D 4 -12.62 36.59 -51.68
CA PHE D 4 -11.46 37.39 -51.27
C PHE D 4 -10.33 36.51 -50.76
N LEU D 5 -10.67 35.41 -50.07
CA LEU D 5 -9.63 34.50 -49.62
C LEU D 5 -9.12 33.62 -50.77
N GLU D 6 -9.92 33.47 -51.82
CA GLU D 6 -9.50 32.71 -52.98
C GLU D 6 -8.51 33.51 -53.84
N LYS D 7 -8.76 34.81 -53.96
CA LYS D 7 -7.89 35.65 -54.78
C LYS D 7 -6.57 35.94 -54.06
N LYS D 8 -6.62 36.08 -52.73
CA LYS D 8 -5.39 36.33 -51.96
C LYS D 8 -4.51 35.09 -51.93
N LEU D 9 -5.14 33.90 -51.94
CA LEU D 9 -4.37 32.66 -52.04
C LEU D 9 -3.79 32.50 -53.43
N LYS D 10 -4.48 33.03 -54.44
CA LYS D 10 -3.96 32.96 -55.82
C LYS D 10 -2.82 33.93 -56.01
N LYS D 11 -2.84 35.06 -55.29
CA LYS D 11 -1.69 35.97 -55.30
C LYS D 11 -0.49 35.33 -54.59
N ILE D 12 -0.75 34.53 -53.56
CA ILE D 12 0.33 33.80 -52.89
C ILE D 12 0.87 32.72 -53.82
N ALA D 13 -0.03 31.93 -54.42
CA ALA D 13 0.39 30.75 -55.18
C ALA D 13 0.98 31.13 -56.53
N TYR D 14 0.76 32.37 -56.99
CA TYR D 14 1.42 32.85 -58.20
C TYR D 14 2.90 33.07 -57.94
N GLU D 15 3.25 33.42 -56.71
CA GLU D 15 4.65 33.56 -56.34
C GLU D 15 5.27 32.19 -56.04
N ARG D 16 4.45 31.23 -55.60
CA ARG D 16 4.96 29.91 -55.23
C ARG D 16 5.37 29.10 -56.46
N ILE D 17 4.77 29.40 -57.61
CA ILE D 17 5.22 28.77 -58.85
C ILE D 17 6.33 29.61 -59.48
N ASP D 18 6.54 30.81 -58.97
CA ASP D 18 7.55 31.70 -59.55
C ASP D 18 8.89 31.58 -58.81
N ILE D 19 8.88 31.51 -57.48
CA ILE D 19 10.14 31.39 -56.74
C ILE D 19 10.67 29.96 -56.84
N LEU D 20 9.79 28.97 -57.01
CA LEU D 20 10.24 27.59 -57.07
C LEU D 20 10.80 27.25 -58.43
N MET D 21 10.36 27.97 -59.47
CA MET D 21 10.88 27.77 -60.81
C MET D 21 12.20 28.50 -61.02
N SER D 22 12.33 29.70 -60.45
CA SER D 22 13.57 30.46 -60.56
C SER D 22 14.68 29.82 -59.73
N LEU D 23 14.31 29.16 -58.63
CA LEU D 23 15.29 28.39 -57.87
C LEU D 23 15.70 27.13 -58.63
N ALA D 24 14.83 26.62 -59.50
CA ALA D 24 15.17 25.46 -60.32
C ALA D 24 16.12 25.84 -61.45
N GLU D 25 16.06 27.10 -61.89
CA GLU D 25 16.86 27.52 -63.05
C GLU D 25 18.32 27.69 -62.68
N GLU D 26 18.61 28.20 -61.48
CA GLU D 26 20.00 28.47 -61.11
C GLU D 26 20.68 27.22 -60.57
N GLU D 27 19.89 26.25 -60.09
CA GLU D 27 20.45 24.98 -59.68
C GLU D 27 20.68 24.01 -60.82
N ALA D 28 20.02 24.22 -61.96
CA ALA D 28 20.18 23.30 -63.09
C ALA D 28 21.50 23.52 -63.82
N LYS D 29 22.06 24.72 -63.79
CA LYS D 29 23.36 24.98 -64.39
C LYS D 29 24.52 24.54 -63.49
N LYS D 30 24.23 24.17 -62.25
CA LYS D 30 25.27 23.68 -61.35
C LYS D 30 25.71 22.26 -61.69
N GLY D 31 24.88 21.50 -62.38
CA GLY D 31 25.20 20.13 -62.72
C GLY D 31 24.25 19.12 -62.09
N ASN D 32 23.60 19.53 -61.00
CA ASN D 32 22.67 18.66 -60.28
C ASN D 32 21.32 18.68 -60.99
N TRP D 33 21.18 17.77 -61.96
CA TRP D 33 19.92 17.67 -62.70
C TRP D 33 18.85 16.97 -61.89
N ASP D 34 19.23 16.15 -60.91
CA ASP D 34 18.23 15.50 -60.05
C ASP D 34 17.62 16.50 -59.07
N ARG D 35 18.38 17.55 -58.72
CA ARG D 35 17.86 18.57 -57.83
C ARG D 35 16.87 19.47 -58.56
N ALA D 36 17.16 19.81 -59.82
CA ALA D 36 16.26 20.66 -60.59
C ALA D 36 14.99 19.92 -61.00
N LYS D 37 15.07 18.59 -61.11
CA LYS D 37 13.87 17.81 -61.41
C LYS D 37 12.94 17.75 -60.21
N ARG D 38 13.50 17.88 -59.01
CA ARG D 38 12.68 17.83 -57.79
C ARG D 38 11.87 19.12 -57.62
N TYR D 39 12.43 20.26 -58.02
CA TYR D 39 11.75 21.54 -57.83
C TYR D 39 10.54 21.67 -58.75
N VAL D 40 10.69 21.29 -60.02
CA VAL D 40 9.61 21.45 -60.99
C VAL D 40 8.53 20.40 -60.76
N TYR D 41 8.92 19.25 -60.19
CA TYR D 41 7.93 18.25 -59.81
C TYR D 41 7.04 18.76 -58.67
N LEU D 42 7.61 19.56 -57.78
CA LEU D 42 6.79 20.25 -56.78
C LEU D 42 6.00 21.38 -57.43
N ALA D 43 6.53 21.97 -58.51
CA ALA D 43 5.81 23.02 -59.21
C ALA D 43 4.71 22.45 -60.08
N ARG D 44 4.93 21.26 -60.65
CA ARG D 44 3.88 20.61 -61.43
C ARG D 44 2.80 20.02 -60.55
N ARG D 45 3.13 19.74 -59.28
CA ARG D 45 2.14 19.18 -58.36
C ARG D 45 1.28 20.28 -57.74
N ILE D 46 1.87 21.45 -57.50
CA ILE D 46 1.15 22.53 -56.82
C ILE D 46 0.24 23.27 -57.81
N ALA D 47 0.43 23.04 -59.11
CA ALA D 47 -0.41 23.69 -60.10
C ALA D 47 -1.78 23.04 -60.17
N MET D 48 -1.86 21.72 -59.97
CA MET D 48 -3.11 21.01 -60.21
C MET D 48 -3.98 20.98 -58.96
N LYS D 49 -3.43 21.29 -57.79
CA LYS D 49 -4.28 21.38 -56.60
C LYS D 49 -5.07 22.67 -56.58
N MET D 50 -4.43 23.77 -56.99
CA MET D 50 -5.11 25.06 -57.01
C MET D 50 -5.87 25.24 -58.32
N ARG D 51 -5.56 24.39 -59.31
CA ARG D 51 -6.01 24.51 -60.71
C ARG D 51 -5.65 25.88 -61.28
N ILE D 52 -4.36 26.20 -61.22
CA ILE D 52 -3.80 27.41 -61.79
C ILE D 52 -2.87 27.02 -62.93
N ARG D 53 -2.65 27.96 -63.84
CA ARG D 53 -1.85 27.71 -65.04
C ARG D 53 -0.39 28.14 -64.82
N PHE D 54 0.48 27.57 -65.64
CA PHE D 54 1.90 27.92 -65.67
C PHE D 54 2.09 29.28 -66.34
N PRO D 55 3.16 30.01 -66.02
CA PRO D 55 3.47 31.22 -66.78
C PRO D 55 3.89 30.90 -68.21
N LYS D 56 3.75 31.88 -69.09
CA LYS D 56 4.03 31.65 -70.51
C LYS D 56 5.52 31.61 -70.77
N LYS D 57 6.33 32.23 -69.91
CA LYS D 57 7.78 32.17 -70.06
C LYS D 57 8.32 30.82 -69.62
N TRP D 58 7.82 30.29 -68.51
CA TRP D 58 8.31 29.03 -67.98
C TRP D 58 7.54 27.83 -68.50
N LYS D 59 6.77 28.01 -69.58
CA LYS D 59 5.95 26.91 -70.08
C LYS D 59 6.76 25.92 -70.90
N ARG D 60 7.59 26.43 -71.82
CA ARG D 60 8.31 25.57 -72.74
C ARG D 60 9.66 25.09 -72.21
N ARG D 61 9.96 25.38 -70.94
CA ARG D 61 11.27 25.05 -70.40
C ARG D 61 11.37 23.60 -69.90
N ILE D 62 10.25 22.89 -69.81
CA ILE D 62 10.21 21.59 -69.15
C ILE D 62 9.71 20.54 -70.13
N CYS D 63 10.43 19.43 -70.22
CA CYS D 63 9.95 18.26 -70.93
C CYS D 63 8.77 17.64 -70.19
N LYS D 64 7.72 17.30 -70.92
CA LYS D 64 6.51 16.80 -70.28
C LYS D 64 6.63 15.32 -69.92
N LYS D 65 7.59 14.61 -70.53
CA LYS D 65 7.75 13.19 -70.25
C LYS D 65 8.53 12.95 -68.97
N CYS D 66 9.78 13.40 -68.92
CA CYS D 66 10.66 13.05 -67.80
C CYS D 66 10.58 14.07 -66.67
N GLY D 67 10.70 15.36 -67.00
CA GLY D 67 10.65 16.41 -66.00
C GLY D 67 11.95 17.12 -65.74
N THR D 68 12.96 16.96 -66.58
CA THR D 68 14.22 17.66 -66.42
C THR D 68 14.12 19.08 -66.98
N PHE D 69 14.76 20.03 -66.30
CA PHE D 69 14.87 21.38 -66.83
C PHE D 69 15.76 21.38 -68.06
N LEU D 70 15.33 22.06 -69.12
CA LEU D 70 16.07 22.16 -70.36
C LEU D 70 16.86 23.45 -70.38
N LEU D 71 18.18 23.35 -70.38
CA LEU D 71 19.08 24.48 -70.60
C LEU D 71 19.44 24.46 -72.07
N TYR D 72 19.25 25.59 -72.76
CA TYR D 72 19.46 25.68 -74.20
C TYR D 72 20.92 25.48 -74.56
N GLY D 73 21.23 24.35 -75.18
CA GLY D 73 22.59 24.05 -75.58
C GLY D 73 23.24 23.00 -74.71
N ARG D 74 22.94 23.04 -73.40
CA ARG D 74 23.51 22.09 -72.46
C ARG D 74 22.84 20.72 -72.57
N ASN D 75 21.53 20.68 -72.32
CA ASN D 75 20.76 19.45 -72.44
C ASN D 75 19.58 19.63 -73.40
N ALA D 76 19.59 20.71 -74.17
CA ALA D 76 18.48 21.02 -75.07
C ALA D 76 19.03 21.35 -76.44
N ARG D 77 18.42 20.74 -77.45
CA ARG D 77 18.75 21.03 -78.85
C ARG D 77 17.53 21.66 -79.50
N VAL D 78 17.58 22.98 -79.69
CA VAL D 78 16.47 23.73 -80.25
C VAL D 78 16.86 24.19 -81.66
N ARG D 79 15.91 24.10 -82.58
CA ARG D 79 16.11 24.48 -83.97
C ARG D 79 14.84 25.11 -84.52
N ILE D 80 14.99 25.91 -85.57
CA ILE D 80 13.88 26.49 -86.30
C ILE D 80 13.74 25.77 -87.64
N LYS D 81 12.68 24.98 -87.77
CA LYS D 81 12.36 24.30 -89.03
C LYS D 81 11.18 25.02 -89.65
N SER D 82 11.40 25.67 -90.79
CA SER D 82 10.40 26.55 -91.38
C SER D 82 10.11 26.26 -92.84
N LYS D 83 10.57 25.12 -93.37
CA LYS D 83 10.33 24.79 -94.76
C LYS D 83 8.86 24.44 -95.00
N ARG D 84 8.39 23.36 -94.37
CA ARG D 84 7.02 22.90 -94.60
C ARG D 84 6.03 23.69 -93.75
N TYR D 85 6.18 23.64 -92.43
CA TYR D 85 5.38 24.47 -91.53
C TYR D 85 6.30 25.07 -90.47
N PRO D 86 6.14 26.36 -90.14
CA PRO D 86 7.08 27.01 -89.22
C PRO D 86 6.85 26.59 -87.77
N HIS D 87 7.88 26.00 -87.18
CA HIS D 87 7.79 25.46 -85.82
C HIS D 87 9.18 25.32 -85.24
N VAL D 88 9.26 25.40 -83.91
CA VAL D 88 10.49 25.17 -83.17
C VAL D 88 10.32 23.91 -82.33
N VAL D 89 11.38 23.10 -82.25
CA VAL D 89 11.33 21.79 -81.62
C VAL D 89 12.31 21.78 -80.45
N ILE D 90 11.83 21.35 -79.29
CA ILE D 90 12.66 21.09 -78.12
C ILE D 90 12.73 19.59 -77.91
N THR D 91 13.94 19.06 -77.75
CA THR D 91 14.16 17.65 -77.50
C THR D 91 15.12 17.47 -76.32
N CYS D 92 14.71 16.65 -75.36
CA CYS D 92 15.51 16.44 -74.16
C CYS D 92 16.65 15.49 -74.46
N LEU D 93 17.87 15.88 -74.06
CA LEU D 93 19.02 15.02 -74.29
C LEU D 93 19.10 13.90 -73.27
N GLU D 94 18.37 14.01 -72.16
CA GLU D 94 18.38 12.98 -71.13
C GLU D 94 17.50 11.80 -71.52
N CYS D 95 16.20 12.06 -71.74
CA CYS D 95 15.28 10.97 -72.04
C CYS D 95 15.13 10.75 -73.54
N GLY D 96 14.82 11.81 -74.29
CA GLY D 96 14.66 11.71 -75.72
C GLY D 96 13.29 12.05 -76.27
N ALA D 97 12.42 12.65 -75.47
CA ALA D 97 11.09 13.04 -75.94
C ALA D 97 11.20 14.28 -76.84
N ILE D 98 10.20 14.45 -77.69
CA ILE D 98 10.17 15.51 -78.70
C ILE D 98 8.85 16.26 -78.59
N TYR D 99 8.95 17.59 -78.42
CA TYR D 99 7.79 18.47 -78.42
C TYR D 99 8.06 19.66 -79.33
N ARG D 100 7.01 20.15 -79.99
CA ARG D 100 7.14 21.20 -80.99
C ARG D 100 6.12 22.31 -80.73
N ILE D 101 6.51 23.52 -81.14
CA ILE D 101 5.67 24.72 -80.99
C ILE D 101 5.43 25.31 -82.37
N PRO D 102 4.29 25.00 -83.02
CA PRO D 102 3.96 25.64 -84.29
C PRO D 102 3.44 27.06 -84.09
N MET D 103 3.72 27.93 -85.06
CA MET D 103 3.22 29.29 -85.10
C MET D 103 2.38 29.56 -86.35
N ILE D 104 1.49 28.62 -86.68
CA ILE D 104 0.70 28.72 -87.92
C ILE D 104 -0.38 29.79 -87.79
N ARG D 105 -0.82 30.08 -86.56
CA ARG D 105 -1.84 31.09 -86.35
C ARG D 105 -1.21 32.48 -86.41
N GLU D 106 0.08 32.57 -86.09
CA GLU D 106 0.79 33.84 -86.26
C GLU D 106 1.32 33.98 -87.69
N LYS D 107 1.53 32.85 -88.36
CA LYS D 107 1.89 32.88 -89.78
C LYS D 107 0.68 33.29 -90.62
N LYS D 108 -0.53 32.99 -90.15
CA LYS D 108 -1.73 33.32 -90.91
C LYS D 108 -2.01 34.82 -90.89
N GLU D 109 -1.54 35.51 -89.86
CA GLU D 109 -1.81 36.95 -89.76
C GLU D 109 -0.96 37.75 -90.75
N LYS D 110 0.31 37.37 -90.90
CA LYS D 110 1.17 38.08 -91.83
C LYS D 110 0.84 37.72 -93.28
N ARG D 111 0.21 36.57 -93.50
CA ARG D 111 -0.40 36.30 -94.80
C ARG D 111 -1.59 37.22 -95.03
N ARG D 112 -2.41 37.43 -93.99
CA ARG D 112 -3.60 38.26 -94.13
C ARG D 112 -3.24 39.74 -94.14
N LYS D 113 -2.12 40.09 -93.48
CA LYS D 113 -1.68 41.48 -93.50
C LYS D 113 -1.09 41.85 -94.85
N LYS D 114 -0.42 40.90 -95.50
CA LYS D 114 0.17 41.19 -96.81
C LYS D 114 -0.89 41.18 -97.91
N LEU D 115 -2.01 40.48 -97.68
CA LEU D 115 -3.12 40.55 -98.64
C LEU D 115 -3.79 41.91 -98.60
N GLU D 116 -3.87 42.51 -97.41
CA GLU D 116 -4.48 43.84 -97.31
C GLU D 116 -3.56 44.93 -97.84
N GLU D 117 -2.25 44.68 -97.84
CA GLU D 117 -1.31 45.66 -98.38
C GLU D 117 -1.27 45.61 -99.91
N ARG D 118 -1.52 44.44 -100.49
CA ARG D 118 -1.54 44.32 -101.95
C ARG D 118 -2.83 44.90 -102.52
N LEU D 119 -3.94 44.77 -101.79
CA LEU D 119 -5.22 45.25 -102.28
C LEU D 119 -5.32 46.78 -102.17
N LYS D 120 -4.68 47.35 -101.14
CA LYS D 120 -4.69 48.80 -100.98
C LYS D 120 -3.77 49.48 -101.99
N ALA D 121 -2.61 48.88 -102.25
CA ALA D 121 -1.65 49.43 -103.20
C ALA D 121 -2.07 49.12 -104.63
N ALA E 2 8.84 42.57 -75.42
CA ALA E 2 8.03 42.92 -74.25
C ALA E 2 8.28 41.94 -73.10
N VAL E 3 8.51 40.68 -73.44
CA VAL E 3 8.74 39.65 -72.43
C VAL E 3 10.21 39.26 -72.34
N TYR E 4 10.84 39.00 -73.49
CA TYR E 4 12.22 38.54 -73.51
C TYR E 4 13.22 39.66 -73.26
N VAL E 5 12.79 40.92 -73.31
CA VAL E 5 13.69 42.04 -73.04
C VAL E 5 13.94 42.12 -71.53
N LYS E 6 15.21 42.17 -71.15
CA LYS E 6 15.55 42.13 -69.73
C LYS E 6 15.93 43.51 -69.21
N PHE E 7 16.45 44.38 -70.08
CA PHE E 7 16.87 45.71 -69.68
C PHE E 7 16.38 46.73 -70.70
N LYS E 8 16.19 47.96 -70.22
CA LYS E 8 15.81 49.07 -71.09
C LYS E 8 17.06 49.70 -71.69
N VAL E 9 17.08 49.81 -73.00
CA VAL E 9 18.24 50.30 -73.74
C VAL E 9 18.06 51.79 -74.03
N PRO E 10 19.07 52.63 -73.79
CA PRO E 10 18.95 54.04 -74.14
C PRO E 10 18.97 54.27 -75.64
N GLU E 11 18.46 55.44 -76.05
CA GLU E 11 18.35 55.73 -77.48
C GLU E 11 19.69 56.17 -78.06
N GLU E 12 20.57 56.74 -77.24
CA GLU E 12 21.84 57.23 -77.74
C GLU E 12 22.80 56.08 -78.04
N ILE E 13 22.66 54.97 -77.32
CA ILE E 13 23.51 53.82 -77.58
C ILE E 13 22.85 52.88 -78.59
N GLN E 14 21.53 53.08 -78.84
CA GLN E 14 20.80 52.22 -79.75
C GLN E 14 21.24 52.42 -81.20
N LYS E 15 21.60 53.66 -81.56
CA LYS E 15 22.13 53.93 -82.89
C LYS E 15 23.54 53.37 -83.03
N GLU E 16 24.25 53.20 -81.91
CA GLU E 16 25.61 52.68 -81.96
C GLU E 16 25.62 51.17 -82.24
N LEU E 17 24.54 50.46 -81.90
CA LEU E 17 24.37 49.11 -82.42
C LEU E 17 24.12 49.14 -83.92
N LEU E 18 23.35 50.12 -84.39
CA LEU E 18 23.06 50.22 -85.81
C LEU E 18 24.27 50.75 -86.58
N ASP E 19 25.16 51.48 -85.90
CA ASP E 19 26.38 51.95 -86.56
C ASP E 19 27.42 50.84 -86.67
N ALA E 20 27.46 49.93 -85.69
CA ALA E 20 28.49 48.89 -85.69
C ALA E 20 28.21 47.82 -86.74
N VAL E 21 26.93 47.55 -87.02
CA VAL E 21 26.60 46.53 -88.01
C VAL E 21 26.80 47.06 -89.42
N ALA E 22 26.58 48.36 -89.63
CA ALA E 22 26.72 48.93 -90.97
C ALA E 22 28.18 49.17 -91.33
N LYS E 23 29.02 49.44 -90.32
CA LYS E 23 30.43 49.69 -90.57
C LYS E 23 31.18 48.41 -90.89
N ALA E 24 30.80 47.31 -90.27
CA ALA E 24 31.57 46.08 -90.38
C ALA E 24 31.24 45.33 -91.67
N GLN E 25 29.96 45.02 -91.88
CA GLN E 25 29.41 44.25 -93.00
C GLN E 25 30.04 42.87 -93.14
N LYS E 26 30.42 42.25 -92.03
CA LYS E 26 30.77 40.84 -91.98
C LYS E 26 29.91 40.18 -90.90
N ILE E 27 28.69 39.80 -91.28
CA ILE E 27 27.65 39.44 -90.33
C ILE E 27 26.91 38.21 -90.81
N LYS E 28 26.20 37.58 -89.89
CA LYS E 28 25.33 36.45 -90.16
C LYS E 28 23.89 36.86 -89.85
N LYS E 29 22.99 36.60 -90.80
CA LYS E 29 21.59 36.99 -90.68
C LYS E 29 20.72 35.75 -90.50
N GLY E 30 19.68 35.87 -89.69
CA GLY E 30 18.76 34.78 -89.45
C GLY E 30 18.76 34.33 -88.00
N ALA E 31 17.68 33.66 -87.60
CA ALA E 31 17.57 33.19 -86.23
C ALA E 31 18.40 31.92 -86.00
N ASN E 32 18.64 31.15 -87.06
CA ASN E 32 19.43 29.92 -86.92
C ASN E 32 20.92 30.21 -86.95
N GLU E 33 21.33 31.21 -87.73
CA GLU E 33 22.76 31.50 -87.89
C GLU E 33 23.34 32.20 -86.67
N VAL E 34 22.51 32.92 -85.91
CA VAL E 34 22.99 33.55 -84.69
C VAL E 34 23.09 32.53 -83.56
N THR E 35 22.30 31.46 -83.65
CA THR E 35 22.36 30.40 -82.65
C THR E 35 23.59 29.53 -82.86
N LYS E 36 24.01 29.36 -84.12
CA LYS E 36 25.22 28.62 -84.41
C LYS E 36 26.46 29.43 -84.06
N ALA E 37 26.34 30.76 -84.07
CA ALA E 37 27.51 31.60 -83.83
C ALA E 37 27.80 31.73 -82.33
N VAL E 38 26.77 31.69 -81.50
CA VAL E 38 26.98 31.88 -80.06
C VAL E 38 27.51 30.61 -79.41
N GLU E 39 27.12 29.45 -79.93
CA GLU E 39 27.59 28.19 -79.34
C GLU E 39 29.01 27.87 -79.77
N ARG E 40 29.48 28.45 -80.87
CA ARG E 40 30.87 28.28 -81.27
C ARG E 40 31.78 29.32 -80.61
N GLY E 41 31.24 30.50 -80.28
CA GLY E 41 32.00 31.52 -79.58
C GLY E 41 32.67 32.55 -80.45
N ILE E 42 32.40 32.58 -81.75
CA ILE E 42 32.99 33.60 -82.62
C ILE E 42 32.21 34.91 -82.52
N ALA E 43 30.93 34.82 -82.16
CA ALA E 43 30.08 36.00 -82.05
C ALA E 43 30.48 36.85 -80.86
N LYS E 44 30.77 38.13 -81.12
CA LYS E 44 31.16 39.03 -80.05
C LYS E 44 29.98 39.87 -79.56
N LEU E 45 29.00 40.14 -80.43
CA LEU E 45 27.84 40.94 -80.08
C LEU E 45 26.64 40.42 -80.85
N VAL E 46 25.53 40.23 -80.15
CA VAL E 46 24.28 39.74 -80.73
C VAL E 46 23.23 40.84 -80.60
N ILE E 47 22.66 41.24 -81.72
CA ILE E 47 21.67 42.32 -81.78
C ILE E 47 20.30 41.69 -82.02
N ILE E 48 19.35 41.98 -81.15
CA ILE E 48 18.02 41.38 -81.18
C ILE E 48 17.00 42.51 -81.33
N ALA E 49 16.04 42.33 -82.23
CA ALA E 49 14.97 43.31 -82.41
C ALA E 49 13.95 43.22 -81.28
N GLU E 50 13.29 44.34 -80.99
CA GLU E 50 12.32 44.38 -79.89
C GLU E 50 10.89 44.14 -80.37
N ASP E 51 10.58 44.48 -81.62
CA ASP E 51 9.21 44.41 -82.12
C ASP E 51 8.89 43.11 -82.85
N VAL E 52 9.44 41.99 -82.42
CA VAL E 52 9.21 40.72 -83.10
C VAL E 52 7.81 40.22 -82.76
N LYS E 53 7.22 39.43 -83.66
CA LYS E 53 5.98 38.72 -83.41
C LYS E 53 5.96 37.51 -84.33
N PRO E 54 5.87 36.28 -83.79
CA PRO E 54 5.83 35.89 -82.37
C PRO E 54 7.20 35.94 -81.69
N GLU E 55 7.20 35.96 -80.36
CA GLU E 55 8.43 36.21 -79.62
C GLU E 55 9.29 34.95 -79.47
N GLU E 56 8.78 33.79 -79.88
CA GLU E 56 9.48 32.54 -79.60
C GLU E 56 10.69 32.34 -80.51
N VAL E 57 10.80 33.10 -81.61
CA VAL E 57 11.89 32.89 -82.54
C VAL E 57 13.19 33.49 -82.00
N VAL E 58 13.08 34.50 -81.12
CA VAL E 58 14.26 35.11 -80.52
C VAL E 58 14.27 35.02 -79.00
N ALA E 59 13.37 34.23 -78.40
CA ALA E 59 13.29 34.16 -76.94
C ALA E 59 14.48 33.44 -76.34
N HIS E 60 15.07 32.50 -77.10
CA HIS E 60 16.22 31.77 -76.58
C HIS E 60 17.52 32.56 -76.73
N LEU E 61 17.49 33.68 -77.45
CA LEU E 61 18.71 34.47 -77.65
C LEU E 61 19.22 35.17 -76.39
N PRO E 62 18.41 35.79 -75.52
CA PRO E 62 19.02 36.34 -74.29
C PRO E 62 19.48 35.29 -73.30
N TYR E 63 18.81 34.14 -73.24
CA TYR E 63 19.19 33.11 -72.28
C TYR E 63 20.44 32.35 -72.72
N LEU E 64 20.68 32.29 -74.04
CA LEU E 64 21.88 31.62 -74.53
C LEU E 64 23.09 32.55 -74.49
N CYS E 65 22.86 33.86 -74.59
CA CYS E 65 23.96 34.80 -74.56
C CYS E 65 24.48 35.00 -73.15
N GLU E 66 23.62 34.82 -72.14
CA GLU E 66 24.04 35.01 -70.76
C GLU E 66 24.87 33.84 -70.26
N GLU E 67 24.55 32.62 -70.71
CA GLU E 67 25.27 31.45 -70.24
C GLU E 67 26.61 31.30 -70.97
N LYS E 68 26.65 31.64 -72.26
CA LYS E 68 27.89 31.54 -73.01
C LYS E 68 28.85 32.69 -72.71
N GLY E 69 28.35 33.77 -72.12
CA GLY E 69 29.20 34.92 -71.85
C GLY E 69 29.38 35.85 -73.02
N ILE E 70 28.35 35.97 -73.87
CA ILE E 70 28.43 36.83 -75.05
C ILE E 70 27.60 38.09 -74.77
N PRO E 71 28.16 39.28 -74.93
CA PRO E 71 27.39 40.51 -74.69
C PRO E 71 26.35 40.73 -75.78
N TYR E 72 25.20 41.27 -75.37
CA TYR E 72 24.05 41.46 -76.24
C TYR E 72 23.26 42.68 -75.80
N ALA E 73 22.55 43.29 -76.76
CA ALA E 73 21.67 44.40 -76.48
C ALA E 73 20.55 44.40 -77.50
N TYR E 74 19.58 45.29 -77.31
CA TYR E 74 18.35 45.28 -78.09
C TYR E 74 18.23 46.52 -78.95
N VAL E 75 17.49 46.38 -80.06
CA VAL E 75 17.13 47.48 -80.95
C VAL E 75 15.62 47.46 -81.12
N ALA E 76 15.02 48.66 -81.18
CA ALA E 76 13.57 48.76 -81.14
C ALA E 76 12.92 48.38 -82.47
N SER E 77 13.62 48.58 -83.58
CA SER E 77 13.05 48.40 -84.91
C SER E 77 13.62 47.14 -85.56
N LYS E 78 12.75 46.37 -86.22
CA LYS E 78 13.21 45.22 -86.98
C LYS E 78 13.60 45.62 -88.40
N GLN E 79 12.93 46.62 -88.96
CA GLN E 79 13.21 47.03 -90.33
C GLN E 79 14.52 47.79 -90.44
N ASP E 80 14.87 48.58 -89.41
CA ASP E 80 16.10 49.35 -89.44
C ASP E 80 17.31 48.46 -89.23
N LEU E 81 17.11 47.31 -88.58
CA LEU E 81 18.20 46.35 -88.43
C LEU E 81 18.55 45.70 -89.76
N GLY E 82 17.56 45.40 -90.59
CA GLY E 82 17.83 44.81 -91.88
C GLY E 82 18.41 45.80 -92.89
N LYS E 83 18.02 47.08 -92.77
CA LYS E 83 18.56 48.09 -93.65
C LYS E 83 20.03 48.38 -93.35
N ALA E 84 20.40 48.37 -92.07
CA ALA E 84 21.80 48.53 -91.70
C ALA E 84 22.60 47.27 -92.02
N ALA E 85 21.94 46.11 -92.00
CA ALA E 85 22.61 44.87 -92.38
C ALA E 85 22.83 44.76 -93.88
N GLY E 86 22.03 45.45 -94.68
CA GLY E 86 22.16 45.44 -96.12
C GLY E 86 21.05 44.74 -96.89
N LEU E 87 19.88 44.55 -96.28
CA LEU E 87 18.76 43.89 -96.93
C LEU E 87 17.53 44.78 -96.92
N GLU E 88 16.69 44.63 -97.94
CA GLU E 88 15.43 45.36 -97.98
C GLU E 88 14.37 44.70 -97.10
N VAL E 89 14.52 43.42 -96.84
CA VAL E 89 13.60 42.68 -95.99
C VAL E 89 14.15 42.73 -94.56
N ALA E 90 13.25 42.86 -93.59
CA ALA E 90 13.65 42.96 -92.19
C ALA E 90 14.18 41.64 -91.66
N ALA E 91 15.25 41.72 -90.90
CA ALA E 91 15.85 40.56 -90.24
C ALA E 91 15.63 40.68 -88.75
N SER E 92 15.35 39.55 -88.10
CA SER E 92 15.00 39.59 -86.68
C SER E 92 16.23 39.78 -85.80
N SER E 93 17.38 39.27 -86.23
CA SER E 93 18.57 39.28 -85.39
C SER E 93 19.83 39.21 -86.25
N VAL E 94 20.88 39.86 -85.76
CA VAL E 94 22.17 39.95 -86.45
C VAL E 94 23.29 39.77 -85.42
N ALA E 95 24.20 38.85 -85.72
CA ALA E 95 25.40 38.63 -84.90
C ALA E 95 26.64 38.98 -85.71
N ILE E 96 27.65 39.53 -85.04
CA ILE E 96 28.85 40.03 -85.70
C ILE E 96 29.98 39.01 -85.51
N ILE E 97 30.74 38.74 -86.58
CA ILE E 97 31.91 37.87 -86.47
C ILE E 97 33.19 38.69 -86.44
N ASN E 98 33.38 39.58 -87.42
CA ASN E 98 34.59 40.38 -87.53
C ASN E 98 34.21 41.84 -87.65
N GLU E 99 34.67 42.66 -86.70
CA GLU E 99 34.26 44.06 -86.67
C GLU E 99 35.03 44.90 -87.70
N GLY E 100 36.33 44.68 -87.82
CA GLY E 100 37.10 45.45 -88.78
C GLY E 100 37.39 46.84 -88.24
N ASP E 101 36.68 47.84 -88.78
CA ASP E 101 36.83 49.20 -88.28
C ASP E 101 36.03 49.44 -87.01
N ALA E 102 35.03 48.59 -86.74
CA ALA E 102 34.17 48.77 -85.59
C ALA E 102 34.68 48.09 -84.33
N GLU E 103 35.96 47.72 -84.27
CA GLU E 103 36.50 47.10 -83.07
C GLU E 103 36.64 48.12 -81.94
N GLU E 104 36.83 49.38 -82.30
CA GLU E 104 36.81 50.45 -81.29
C GLU E 104 35.41 50.71 -80.79
N LEU E 105 34.40 50.41 -81.62
CA LEU E 105 33.02 50.69 -81.23
C LEU E 105 32.45 49.58 -80.35
N LYS E 106 32.86 48.34 -80.59
CA LYS E 106 32.23 47.20 -79.92
C LYS E 106 32.62 47.12 -78.44
N VAL E 107 33.73 47.76 -78.06
CA VAL E 107 34.07 47.87 -76.65
C VAL E 107 33.12 48.85 -75.96
N LEU E 108 32.66 49.86 -76.69
CA LEU E 108 31.71 50.82 -76.12
C LEU E 108 30.31 50.23 -76.00
N ILE E 109 30.00 49.21 -76.83
CA ILE E 109 28.74 48.49 -76.69
C ILE E 109 28.80 47.55 -75.49
N GLU E 110 30.02 47.22 -75.03
CA GLU E 110 30.18 46.34 -73.88
C GLU E 110 29.94 47.04 -72.55
N LYS E 111 29.38 48.26 -72.56
CA LYS E 111 28.89 48.92 -71.36
C LYS E 111 27.45 48.51 -71.08
N VAL E 112 26.93 47.54 -71.83
CA VAL E 112 25.61 46.97 -71.58
C VAL E 112 25.64 46.09 -70.33
N ASN E 113 26.84 45.64 -69.92
CA ASN E 113 26.99 44.93 -68.66
C ASN E 113 26.67 45.83 -67.47
N VAL E 114 26.92 47.14 -67.61
CA VAL E 114 26.49 48.11 -66.61
C VAL E 114 24.96 48.19 -66.58
N LEU E 115 24.33 48.06 -67.75
CA LEU E 115 22.87 48.04 -67.82
C LEU E 115 22.30 46.74 -67.25
N LYS E 116 23.11 45.68 -67.22
CA LYS E 116 22.65 44.42 -66.64
C LYS E 116 22.56 44.48 -65.12
N GLN E 117 23.49 45.16 -64.47
CA GLN E 117 23.40 45.37 -63.02
C GLN E 117 22.98 46.81 -62.72
N ILE G 2 -3.56 7.66 43.99
CA ILE G 2 -3.04 8.72 43.14
C ILE G 2 -3.18 8.27 41.68
N GLU G 3 -3.29 9.23 40.76
CA GLU G 3 -3.39 8.96 39.34
C GLU G 3 -2.06 9.29 38.68
N MET G 4 -1.25 8.27 38.44
CA MET G 4 0.04 8.44 37.80
C MET G 4 0.24 7.36 36.77
N LEU G 5 0.53 7.76 35.53
CA LEU G 5 0.71 6.84 34.42
C LEU G 5 2.10 7.06 33.86
N LYS G 6 2.82 5.97 33.60
CA LYS G 6 4.12 6.06 32.96
C LYS G 6 3.97 6.47 31.50
N THR G 7 4.80 7.43 31.08
CA THR G 7 4.78 7.91 29.71
C THR G 7 5.29 6.81 28.78
N LEU G 8 4.64 6.67 27.63
CA LEU G 8 4.98 5.65 26.64
C LEU G 8 6.38 5.90 26.07
N PRO G 9 7.09 4.87 25.66
CA PRO G 9 8.40 5.06 25.00
C PRO G 9 8.25 5.77 23.67
N PRO G 10 9.30 6.46 23.19
CA PRO G 10 9.17 7.23 21.94
C PRO G 10 8.94 6.38 20.69
N THR G 11 9.20 5.07 20.75
CA THR G 11 8.79 4.20 19.67
C THR G 11 7.28 3.97 19.71
N LEU G 12 6.69 3.98 20.91
CA LEU G 12 5.27 3.68 21.05
C LEU G 12 4.45 4.96 21.26
N ARG G 13 5.11 6.08 21.53
CA ARG G 13 4.37 7.30 21.80
C ARG G 13 3.81 7.90 20.51
N GLU G 14 2.83 8.79 20.67
CA GLU G 14 2.17 9.39 19.52
C GLU G 14 3.06 10.43 18.86
N LYS G 15 2.89 10.59 17.55
CA LYS G 15 3.59 11.62 16.78
C LYS G 15 2.66 12.82 16.63
N LYS G 16 3.14 13.99 17.06
CA LYS G 16 2.30 15.17 17.20
C LYS G 16 2.91 16.36 16.49
N ARG G 17 2.04 17.28 16.08
CA ARG G 17 2.42 18.57 15.53
C ARG G 17 1.59 19.66 16.21
N TYR G 18 2.19 20.82 16.38
CA TYR G 18 1.57 21.94 17.10
C TYR G 18 1.17 23.02 16.11
N ILE G 19 -0.14 23.23 15.97
CA ILE G 19 -0.71 24.13 14.97
C ILE G 19 -0.79 25.54 15.55
N ALA G 20 -0.03 26.45 14.99
CA ALA G 20 -0.14 27.86 15.34
C ALA G 20 -1.16 28.54 14.43
N PHE G 21 -2.14 29.19 15.05
CA PHE G 21 -3.21 29.83 14.30
C PHE G 21 -3.53 31.17 14.95
N LYS G 22 -4.45 31.90 14.34
CA LYS G 22 -4.93 33.17 14.87
C LYS G 22 -6.34 33.45 14.36
N ILE G 23 -7.21 33.91 15.25
CA ILE G 23 -8.54 34.37 14.91
C ILE G 23 -8.52 35.90 14.85
N LEU G 24 -8.68 36.44 13.64
CA LEU G 24 -8.53 37.87 13.42
C LEU G 24 -9.92 38.49 13.26
N TYR G 25 -10.39 39.19 14.29
CA TYR G 25 -11.71 39.83 14.25
C TYR G 25 -11.75 40.99 15.25
N ASP G 26 -12.95 41.58 15.35
CA ASP G 26 -13.16 42.71 16.23
C ASP G 26 -13.62 42.26 17.61
N GLU G 27 -14.53 41.30 17.67
CA GLU G 27 -15.05 40.82 18.95
C GLU G 27 -14.01 39.94 19.64
N GLU G 28 -14.26 39.65 20.91
CA GLU G 28 -13.34 38.89 21.74
C GLU G 28 -13.85 37.47 21.92
N LEU G 29 -12.90 36.56 22.16
CA LEU G 29 -13.19 35.15 22.39
C LEU G 29 -12.54 34.71 23.69
N LYS G 30 -13.20 33.81 24.40
CA LYS G 30 -12.69 33.24 25.64
C LYS G 30 -11.98 31.92 25.36
N GLU G 31 -11.30 31.40 26.39
CA GLU G 31 -10.66 30.11 26.27
C GLU G 31 -11.69 28.99 26.20
N GLY G 32 -12.80 29.14 26.91
CA GLY G 32 -13.85 28.13 26.85
C GLY G 32 -14.64 28.16 25.56
N GLU G 33 -14.60 29.29 24.85
CA GLU G 33 -15.30 29.39 23.57
C GLU G 33 -14.49 28.74 22.45
N VAL G 34 -13.17 28.97 22.43
CA VAL G 34 -12.35 28.48 21.33
C VAL G 34 -12.07 26.99 21.47
N VAL G 35 -12.26 26.42 22.66
CA VAL G 35 -12.13 24.97 22.81
C VAL G 35 -13.43 24.30 22.37
N ASN G 36 -14.54 25.05 22.40
CA ASN G 36 -15.83 24.48 22.03
C ASN G 36 -16.05 24.52 20.52
N LEU G 37 -15.63 25.63 19.88
CA LEU G 37 -15.85 25.78 18.45
C LEU G 37 -14.92 24.87 17.64
N ILE G 38 -13.75 24.54 18.20
CA ILE G 38 -12.89 23.54 17.56
C ILE G 38 -13.50 22.16 17.69
N ARG G 39 -14.04 21.84 18.88
CA ARG G 39 -14.60 20.51 19.12
C ARG G 39 -15.89 20.30 18.33
N LYS G 40 -16.63 21.38 18.07
CA LYS G 40 -17.80 21.28 17.21
C LYS G 40 -17.39 21.14 15.74
N ALA G 41 -16.18 21.62 15.40
CA ALA G 41 -15.71 21.53 14.02
C ALA G 41 -15.15 20.15 13.71
N VAL G 42 -14.60 19.45 14.71
CA VAL G 42 -14.02 18.13 14.46
C VAL G 42 -15.13 17.10 14.31
N LEU G 43 -16.25 17.26 15.01
CA LEU G 43 -17.33 16.28 14.92
C LEU G 43 -18.09 16.40 13.60
N GLU G 44 -17.99 17.56 12.94
CA GLU G 44 -18.68 17.74 11.67
C GLU G 44 -17.82 17.27 10.50
N TYR G 45 -16.51 17.50 10.59
CA TYR G 45 -15.63 17.19 9.46
C TYR G 45 -15.04 15.79 9.59
N TYR G 46 -14.35 15.52 10.71
CA TYR G 46 -13.74 14.22 10.94
C TYR G 46 -14.79 13.16 11.22
N GLY G 47 -15.81 13.50 12.01
CA GLY G 47 -16.71 12.52 12.55
C GLY G 47 -16.23 11.99 13.88
N SER G 48 -16.97 11.02 14.41
CA SER G 48 -16.59 10.40 15.67
C SER G 48 -15.39 9.46 15.47
N TRP G 49 -15.28 8.85 14.29
CA TRP G 49 -14.16 7.97 14.01
C TRP G 49 -12.90 8.76 13.70
N GLY G 50 -13.05 9.91 13.04
CA GLY G 50 -11.89 10.69 12.64
C GLY G 50 -11.30 11.51 13.77
N THR G 51 -12.05 11.64 14.88
CA THR G 51 -11.56 12.42 16.01
C THR G 51 -10.46 11.68 16.76
N SER G 52 -10.61 10.37 16.94
CA SER G 52 -9.60 9.58 17.63
C SER G 52 -8.36 9.40 16.78
N LYS G 53 -8.52 9.47 15.45
CA LYS G 53 -7.36 9.39 14.57
C LYS G 53 -6.53 10.66 14.64
N ALA G 54 -7.18 11.80 14.91
CA ALA G 54 -6.47 13.07 14.90
C ALA G 54 -6.01 13.48 16.29
N ASN G 55 -6.83 13.18 17.32
CA ASN G 55 -6.66 13.59 18.72
C ASN G 55 -6.49 15.10 18.84
N PRO G 56 -7.54 15.89 18.66
CA PRO G 56 -7.39 17.35 18.75
C PRO G 56 -7.30 17.81 20.20
N TRP G 57 -6.47 18.83 20.44
CA TRP G 57 -6.30 19.35 21.78
C TRP G 57 -5.81 20.79 21.70
N LEU G 58 -6.37 21.64 22.57
CA LEU G 58 -5.97 23.04 22.70
C LEU G 58 -5.18 23.20 24.00
N VAL G 59 -4.02 23.84 23.92
CA VAL G 59 -3.19 23.96 25.12
C VAL G 59 -3.34 25.33 25.77
N TYR G 60 -3.40 26.40 24.97
CA TYR G 60 -3.24 27.73 25.53
C TYR G 60 -3.76 28.78 24.55
N TYR G 61 -4.43 29.81 25.11
CA TYR G 61 -5.07 30.86 24.33
C TYR G 61 -5.20 32.12 25.17
N ASP G 62 -4.37 33.12 24.88
CA ASP G 62 -4.41 34.41 25.57
C ASP G 62 -4.69 35.53 24.59
N PHE G 63 -3.97 35.54 23.48
CA PHE G 63 -4.05 36.51 22.42
C PHE G 63 -5.11 36.04 21.43
N PRO G 64 -5.38 36.78 20.33
CA PRO G 64 -6.06 36.14 19.19
C PRO G 64 -5.30 34.96 18.60
N TYR G 65 -3.98 34.87 18.83
CA TYR G 65 -3.18 33.71 18.46
C TYR G 65 -3.54 32.50 19.30
N GLY G 66 -3.12 31.33 18.84
CA GLY G 66 -3.39 30.10 19.57
C GLY G 66 -2.53 28.96 19.07
N ILE G 67 -2.39 27.95 19.93
CA ILE G 67 -1.61 26.75 19.64
C ILE G 67 -2.53 25.54 19.80
N LEU G 68 -2.57 24.69 18.78
CA LEU G 68 -3.48 23.55 18.74
C LEU G 68 -2.68 22.28 18.45
N ARG G 69 -3.11 21.17 19.03
CA ARG G 69 -2.42 19.89 18.88
C ARG G 69 -3.17 18.95 17.95
N CYS G 70 -2.41 18.28 17.08
CA CYS G 70 -2.95 17.27 16.18
C CYS G 70 -1.88 16.24 15.88
N GLN G 71 -2.27 15.18 15.18
CA GLN G 71 -1.32 14.13 14.84
C GLN G 71 -0.43 14.56 13.68
N ARG G 72 0.71 13.86 13.54
CA ARG G 72 1.68 14.23 12.51
C ARG G 72 1.21 13.81 11.12
N ASP G 73 0.49 12.69 11.03
CA ASP G 73 0.06 12.20 9.72
C ASP G 73 -1.18 12.92 9.22
N ASN G 74 -1.93 13.56 10.12
CA ASN G 74 -3.21 14.15 9.75
C ASN G 74 -3.25 15.66 10.02
N VAL G 75 -2.18 16.37 9.69
CA VAL G 75 -2.20 17.82 9.76
C VAL G 75 -3.06 18.38 8.63
N ASP G 76 -3.14 17.65 7.52
CA ASP G 76 -3.81 18.15 6.32
C ASP G 76 -5.32 18.13 6.48
N TYR G 77 -5.86 17.13 7.17
CA TYR G 77 -7.31 17.02 7.29
C TYR G 77 -7.87 17.97 8.34
N VAL G 78 -7.09 18.23 9.41
CA VAL G 78 -7.58 19.08 10.49
C VAL G 78 -7.41 20.56 10.13
N LYS G 79 -6.53 20.86 9.17
CA LYS G 79 -6.38 22.24 8.71
C LYS G 79 -7.58 22.65 7.86
N ALA G 80 -8.21 21.68 7.18
CA ALA G 80 -9.46 21.95 6.48
C ALA G 80 -10.64 22.03 7.45
N SER G 81 -10.47 21.50 8.66
CA SER G 81 -11.52 21.59 9.66
C SER G 81 -11.56 22.98 10.29
N LEU G 82 -10.45 23.71 10.22
CA LEU G 82 -10.40 25.05 10.82
C LEU G 82 -11.12 26.07 9.96
N ILE G 83 -11.31 25.77 8.68
CA ILE G 83 -11.76 26.80 7.73
C ILE G 83 -13.22 26.62 7.38
N LEU G 84 -13.79 25.43 7.67
CA LEU G 84 -15.17 25.18 7.30
C LEU G 84 -16.16 25.69 8.33
N ILE G 85 -15.72 25.99 9.55
CA ILE G 85 -16.61 26.54 10.57
C ILE G 85 -16.88 28.00 10.22
N ARG G 86 -18.16 28.36 10.14
CA ARG G 86 -18.54 29.61 9.49
C ARG G 86 -18.99 30.71 10.45
N GLU G 87 -19.60 30.36 11.58
CA GLU G 87 -20.26 31.34 12.43
C GLU G 87 -20.34 30.83 13.86
N PHE G 88 -20.38 31.76 14.82
CA PHE G 88 -20.64 31.44 16.21
C PHE G 88 -21.74 32.35 16.73
N LYS G 89 -22.99 31.99 16.42
CA LYS G 89 -24.25 32.37 17.05
C LYS G 89 -24.67 33.84 16.94
N GLU G 90 -23.75 34.74 16.61
CA GLU G 90 -24.09 36.09 16.16
C GLU G 90 -23.03 36.64 15.22
N LYS G 91 -22.00 35.84 14.97
CA LYS G 91 -20.74 36.40 14.50
C LYS G 91 -19.91 35.34 13.79
N PRO G 92 -19.30 35.67 12.64
CA PRO G 92 -18.54 34.68 11.89
C PRO G 92 -17.26 34.20 12.56
N VAL G 93 -16.73 33.10 12.05
CA VAL G 93 -15.46 32.52 12.48
C VAL G 93 -14.58 32.37 11.24
N ASN G 94 -13.30 32.69 11.38
CA ASN G 94 -12.34 32.47 10.31
C ASN G 94 -10.95 32.33 10.92
N ILE G 95 -10.48 31.09 11.01
CA ILE G 95 -9.19 30.76 11.60
C ILE G 95 -8.13 30.75 10.51
N ILE G 96 -7.10 31.57 10.70
CA ILE G 96 -5.95 31.62 9.80
C ILE G 96 -4.76 30.98 10.51
N CYS G 97 -4.17 29.96 9.90
CA CYS G 97 -3.07 29.23 10.50
C CYS G 97 -1.75 29.97 10.23
N LEU G 98 -0.80 29.83 11.16
CA LEU G 98 0.49 30.47 10.98
C LEU G 98 1.58 29.47 10.62
N GLY G 99 1.45 28.23 11.09
CA GLY G 99 2.43 27.22 10.79
C GLY G 99 2.36 26.10 11.81
N VAL G 100 3.09 25.02 11.51
CA VAL G 100 3.13 23.85 12.39
C VAL G 100 4.58 23.52 12.70
N SER G 101 4.79 22.85 13.84
CA SER G 101 6.11 22.44 14.26
C SER G 101 5.98 21.24 15.18
N GLY G 102 7.12 20.61 15.49
CA GLY G 102 7.11 19.41 16.29
C GLY G 102 7.10 19.66 17.78
N THR G 103 7.34 20.89 18.21
CA THR G 103 7.42 21.20 19.63
C THR G 103 6.85 22.59 19.89
N ILE G 104 6.65 22.88 21.18
CA ILE G 104 6.24 24.20 21.60
C ILE G 104 7.37 25.21 21.37
N ARG G 105 8.62 24.74 21.47
CA ARG G 105 9.78 25.64 21.48
C ARG G 105 10.01 26.30 20.12
N LYS G 106 9.76 25.58 19.03
CA LYS G 106 9.92 26.18 17.72
C LYS G 106 8.66 26.94 17.32
N ALA G 107 7.50 26.49 17.78
CA ALA G 107 6.24 27.14 17.41
C ALA G 107 6.06 28.48 18.12
N LYS G 108 6.67 28.66 19.29
CA LYS G 108 6.48 29.89 20.04
C LYS G 108 7.38 31.01 19.52
N ILE G 109 8.42 30.66 18.76
CA ILE G 109 9.41 31.63 18.31
C ILE G 109 9.40 31.87 16.81
N LYS G 110 8.73 31.02 16.03
CA LYS G 110 8.73 31.17 14.58
C LYS G 110 7.71 32.20 14.13
N PHE G 111 6.48 32.11 14.65
CA PHE G 111 5.41 32.99 14.23
C PHE G 111 4.78 33.75 15.38
N LEU G 112 4.67 33.13 16.55
CA LEU G 112 4.02 33.76 17.70
C LEU G 112 4.88 34.88 18.28
N GLY G 113 6.07 34.55 18.77
CA GLY G 113 6.93 35.53 19.38
C GLY G 113 8.38 35.41 18.96
N ILE G 114 9.29 35.92 19.80
CA ILE G 114 10.72 35.87 19.51
C ILE G 114 11.47 35.18 20.65
N LYS G 115 11.07 35.44 21.90
CA LYS G 115 11.77 34.92 23.06
C LYS G 115 11.24 33.55 23.45
N LYS G 116 11.96 32.88 24.35
CA LYS G 116 11.48 31.64 24.96
C LYS G 116 11.18 31.77 26.44
N PRO G 117 9.91 31.76 26.85
CA PRO G 117 9.59 31.42 28.24
C PRO G 117 9.40 29.92 28.42
N LYS G 118 9.92 29.38 29.51
CA LYS G 118 9.74 27.98 29.88
C LYS G 118 8.93 27.97 31.16
N ARG G 119 7.61 27.96 31.01
CA ARG G 119 6.72 28.18 32.16
C ARG G 119 6.29 26.88 32.81
N TRP G 120 6.30 25.76 32.09
CA TRP G 120 5.84 24.49 32.65
C TRP G 120 6.82 23.94 33.68
N PHE G 121 8.09 24.31 33.56
CA PHE G 121 9.10 23.80 34.48
C PHE G 121 9.12 24.62 35.78
N VAL G 122 8.77 25.91 35.70
CA VAL G 122 8.98 26.80 36.83
C VAL G 122 7.75 26.86 37.73
N ILE G 123 6.61 26.37 37.25
CA ILE G 123 5.41 26.39 38.09
C ILE G 123 5.16 25.02 38.72
N ARG G 124 5.84 23.99 38.21
CA ARG G 124 5.63 22.65 38.76
C ARG G 124 6.45 22.45 40.04
N ARG G 125 7.70 22.90 40.04
CA ARG G 125 8.55 22.69 41.21
C ARG G 125 8.29 23.75 42.28
N GLU G 126 7.77 24.92 41.89
CA GLU G 126 7.53 25.98 42.86
C GLU G 126 6.20 25.78 43.59
N ARG G 127 5.14 25.47 42.86
CA ARG G 127 3.83 25.26 43.47
C ARG G 127 3.70 23.83 43.97
N ARG H 2 -19.25 -17.42 18.39
CA ARG H 2 -19.59 -16.01 18.55
C ARG H 2 -20.31 -15.82 19.89
N ILE H 3 -19.64 -15.13 20.82
CA ILE H 3 -20.07 -15.08 22.21
C ILE H 3 -20.55 -13.68 22.55
N ASP H 4 -21.72 -13.60 23.21
CA ASP H 4 -22.34 -12.34 23.59
C ASP H 4 -22.50 -12.28 25.11
N ILE H 5 -22.39 -11.08 25.66
CA ILE H 5 -22.55 -10.85 27.10
C ILE H 5 -23.67 -9.83 27.26
N ASN H 6 -24.76 -10.25 27.90
CA ASN H 6 -25.94 -9.41 28.07
C ASN H 6 -26.71 -9.88 29.31
N ARG H 7 -27.78 -9.16 29.64
CA ARG H 7 -28.61 -9.46 30.80
C ARG H 7 -29.97 -9.96 30.32
N ILE H 8 -30.34 -11.18 30.72
CA ILE H 8 -31.57 -11.79 30.25
C ILE H 8 -32.75 -11.26 31.04
N GLU H 9 -33.81 -10.87 30.34
CA GLU H 9 -35.05 -10.45 30.98
C GLU H 9 -36.18 -11.42 30.65
N LYS H 10 -36.41 -11.68 29.37
CA LYS H 10 -37.50 -12.54 28.92
C LYS H 10 -37.01 -13.48 27.82
N GLU H 11 -37.98 -14.11 27.15
CA GLU H 11 -37.66 -15.15 26.17
C GLU H 11 -37.54 -14.58 24.75
N GLU H 12 -38.23 -13.47 24.48
CA GLU H 12 -38.40 -13.03 23.10
C GLU H 12 -37.14 -12.39 22.54
N ASP H 13 -36.38 -11.67 23.38
CA ASP H 13 -35.13 -11.09 22.91
C ASP H 13 -34.05 -12.15 22.77
N ILE H 14 -34.13 -13.20 23.60
CA ILE H 14 -33.18 -14.31 23.48
C ILE H 14 -33.53 -15.16 22.27
N LYS H 15 -34.82 -15.25 21.94
CA LYS H 15 -35.22 -15.95 20.71
C LYS H 15 -34.86 -15.14 19.47
N LEU H 16 -34.79 -13.82 19.61
CA LEU H 16 -34.45 -12.98 18.48
C LEU H 16 -32.97 -13.03 18.12
N LEU H 17 -32.08 -13.13 19.12
CA LEU H 17 -30.65 -13.14 18.84
C LEU H 17 -30.20 -14.46 18.24
N LYS H 18 -30.94 -15.54 18.52
CA LYS H 18 -30.59 -16.84 17.96
C LYS H 18 -30.98 -16.94 16.49
N GLU H 19 -32.07 -16.26 16.12
CA GLU H 19 -32.54 -16.27 14.74
C GLU H 19 -31.59 -15.56 13.78
N LEU H 20 -30.76 -14.64 14.24
CA LEU H 20 -29.95 -13.88 13.30
C LEU H 20 -28.55 -14.45 13.09
N LYS H 21 -27.68 -14.39 14.11
CA LYS H 21 -26.30 -14.82 13.92
C LYS H 21 -25.70 -15.62 15.07
N TRP H 22 -26.25 -15.45 16.29
CA TRP H 22 -25.53 -15.87 17.50
C TRP H 22 -25.55 -17.38 17.69
N ASN H 23 -24.47 -17.90 18.27
CA ASN H 23 -24.33 -19.33 18.53
C ASN H 23 -24.49 -19.64 20.02
N GLY H 24 -23.70 -19.01 20.88
CA GLY H 24 -23.82 -19.17 22.31
C GLY H 24 -23.47 -17.88 23.03
N PHE H 25 -24.11 -17.60 24.16
CA PHE H 25 -23.91 -16.33 24.85
C PHE H 25 -23.80 -16.53 26.36
N VAL H 26 -23.59 -15.43 27.07
CA VAL H 26 -23.21 -15.43 28.48
C VAL H 26 -24.25 -14.68 29.29
N PHE H 27 -24.72 -15.32 30.37
CA PHE H 27 -25.60 -14.67 31.36
C PHE H 27 -24.72 -13.81 32.25
N TYR H 28 -25.13 -12.56 32.45
CA TYR H 28 -24.29 -11.56 33.10
C TYR H 28 -24.97 -11.06 34.37
N GLN H 29 -24.71 -11.73 35.49
CA GLN H 29 -25.33 -11.41 36.77
C GLN H 29 -24.51 -10.30 37.42
N TYR H 30 -25.04 -9.07 37.36
CA TYR H 30 -24.33 -7.89 37.85
C TYR H 30 -24.76 -7.58 39.29
N ASP H 31 -24.69 -8.60 40.13
CA ASP H 31 -25.11 -8.44 41.52
C ASP H 31 -24.27 -9.29 42.47
N ASP H 32 -24.43 -9.04 43.77
CA ASP H 32 -23.80 -9.84 44.82
C ASP H 32 -24.73 -10.93 45.33
N GLU H 33 -25.93 -11.06 44.75
CA GLU H 33 -26.92 -12.05 45.17
C GLU H 33 -27.24 -12.94 43.98
N PHE H 34 -26.52 -14.05 43.86
CA PHE H 34 -26.78 -15.05 42.83
C PHE H 34 -27.00 -16.39 43.52
N SER H 35 -27.87 -17.21 42.94
CA SER H 35 -28.23 -18.51 43.51
C SER H 35 -28.58 -19.46 42.38
N LYS H 36 -29.11 -20.63 42.76
CA LYS H 36 -29.53 -21.60 41.77
C LYS H 36 -30.90 -21.28 41.18
N ASP H 37 -31.63 -20.33 41.77
CA ASP H 37 -32.95 -19.97 41.26
C ASP H 37 -32.85 -19.27 39.91
N ARG H 38 -31.81 -18.44 39.74
CA ARG H 38 -31.56 -17.85 38.42
C ARG H 38 -30.92 -18.88 37.49
N TYR H 39 -30.34 -19.94 38.05
CA TYR H 39 -29.66 -20.93 37.24
C TYR H 39 -30.62 -21.98 36.70
N GLU H 40 -31.74 -22.22 37.39
CA GLU H 40 -32.71 -23.19 36.91
C GLU H 40 -33.62 -22.57 35.86
N GLU H 41 -33.76 -21.24 35.90
CA GLU H 41 -34.52 -20.55 34.87
C GLU H 41 -33.71 -20.42 33.58
N VAL H 42 -32.39 -20.24 33.73
CA VAL H 42 -31.55 -19.91 32.57
C VAL H 42 -31.31 -21.15 31.72
N LYS H 43 -31.49 -22.34 32.31
CA LYS H 43 -31.42 -23.57 31.52
C LYS H 43 -32.72 -23.82 30.78
N ALA H 44 -33.82 -23.28 31.28
CA ALA H 44 -35.10 -23.40 30.60
C ALA H 44 -35.15 -22.52 29.35
N ILE H 45 -34.49 -21.36 29.40
CA ILE H 45 -34.42 -20.49 28.23
C ILE H 45 -33.48 -21.08 27.18
N ALA H 46 -32.41 -21.75 27.64
CA ALA H 46 -31.47 -22.36 26.71
C ALA H 46 -32.07 -23.58 26.01
N GLU H 47 -32.89 -24.35 26.72
CA GLU H 47 -33.52 -25.51 26.10
C GLU H 47 -34.87 -25.17 25.47
N SER H 48 -35.26 -23.88 25.51
CA SER H 48 -36.53 -23.44 24.95
C SER H 48 -36.57 -23.61 23.43
N TYR H 49 -35.77 -22.83 22.70
CA TYR H 49 -35.78 -22.99 21.26
C TYR H 49 -34.62 -23.86 20.79
N LYS H 50 -33.40 -23.31 20.83
CA LYS H 50 -32.14 -24.03 20.63
C LYS H 50 -30.97 -23.19 21.14
N LEU H 51 -30.51 -23.37 22.38
CA LEU H 51 -29.44 -22.48 22.88
C LEU H 51 -28.55 -23.11 23.93
N LYS H 52 -27.41 -22.48 24.19
CA LYS H 52 -26.49 -22.82 25.28
C LYS H 52 -26.07 -21.54 25.98
N VAL H 53 -26.23 -21.49 27.30
CA VAL H 53 -25.93 -20.30 28.10
C VAL H 53 -24.90 -20.66 29.17
N TYR H 54 -23.92 -19.78 29.37
CA TYR H 54 -22.93 -19.89 30.44
C TYR H 54 -23.11 -18.70 31.38
N SER H 55 -23.38 -18.95 32.65
CA SER H 55 -23.69 -17.88 33.60
C SER H 55 -22.43 -17.42 34.33
N GLY H 56 -22.30 -16.11 34.50
CA GLY H 56 -21.19 -15.53 35.25
C GLY H 56 -21.63 -14.50 36.27
N VAL H 57 -20.78 -14.20 37.26
CA VAL H 57 -21.12 -13.30 38.36
C VAL H 57 -20.26 -12.04 38.25
N LYS H 58 -20.52 -11.08 39.14
CA LYS H 58 -19.87 -9.77 39.13
C LYS H 58 -19.64 -9.27 40.54
N ILE H 59 -18.48 -8.62 40.75
CA ILE H 59 -18.17 -7.92 41.98
C ILE H 59 -17.66 -6.54 41.60
N LYS H 60 -17.81 -5.57 42.51
CA LYS H 60 -17.50 -4.17 42.19
C LYS H 60 -17.19 -3.37 43.45
N THR H 61 -16.26 -2.41 43.31
CA THR H 61 -15.76 -1.44 44.28
C THR H 61 -15.64 -1.91 45.74
N GLU H 62 -14.80 -2.92 45.97
CA GLU H 62 -14.36 -3.24 47.33
C GLU H 62 -12.85 -3.12 47.36
N SER H 63 -12.25 -3.56 48.48
CA SER H 63 -10.82 -3.39 48.72
C SER H 63 -9.96 -4.27 47.82
N SER H 64 -8.63 -4.11 47.92
CA SER H 64 -7.69 -4.76 47.01
C SER H 64 -7.54 -6.25 47.24
N LYS H 65 -7.06 -6.65 48.42
CA LYS H 65 -6.66 -8.04 48.62
C LYS H 65 -7.71 -8.83 49.39
N GLN H 66 -8.61 -8.15 50.08
CA GLN H 66 -9.67 -8.86 50.79
C GLN H 66 -10.79 -9.28 49.84
N LEU H 67 -10.88 -8.63 48.67
CA LEU H 67 -11.82 -9.07 47.66
C LEU H 67 -11.32 -10.32 46.95
N ARG H 68 -10.00 -10.51 46.91
CA ARG H 68 -9.43 -11.67 46.23
C ARG H 68 -9.70 -12.97 46.99
N ASP H 69 -9.66 -12.94 48.32
CA ASP H 69 -9.96 -14.13 49.11
C ASP H 69 -11.45 -14.46 49.07
N LYS H 70 -12.28 -13.45 48.85
CA LYS H 70 -13.73 -13.64 48.89
C LYS H 70 -14.27 -14.19 47.58
N VAL H 71 -13.85 -13.62 46.44
CA VAL H 71 -14.46 -14.00 45.16
C VAL H 71 -13.90 -15.34 44.68
N LYS H 72 -12.80 -15.81 45.28
CA LYS H 72 -12.28 -17.13 44.95
C LYS H 72 -13.17 -18.22 45.53
N LYS H 73 -13.94 -17.90 46.57
CA LYS H 73 -14.95 -18.84 47.07
C LYS H 73 -16.20 -18.79 46.21
N PHE H 74 -16.52 -17.63 45.64
CA PHE H 74 -17.77 -17.49 44.89
C PHE H 74 -17.63 -18.03 43.47
N ARG H 75 -16.40 -18.15 42.98
CA ARG H 75 -16.20 -18.59 41.60
C ARG H 75 -16.33 -20.10 41.47
N ASN H 76 -16.33 -20.82 42.60
CA ASN H 76 -16.39 -22.27 42.57
C ASN H 76 -17.80 -22.78 42.26
N LYS H 77 -18.80 -21.92 42.41
CA LYS H 77 -20.18 -22.28 42.12
C LYS H 77 -20.65 -21.84 40.74
N CYS H 78 -20.02 -20.84 40.14
CA CYS H 78 -20.40 -20.34 38.84
C CYS H 78 -19.35 -20.76 37.80
N HIS H 79 -19.50 -20.25 36.58
CA HIS H 79 -18.60 -20.60 35.49
C HIS H 79 -17.44 -19.61 35.38
N ILE H 80 -17.75 -18.34 35.15
CA ILE H 80 -16.74 -17.32 34.90
C ILE H 80 -17.00 -16.13 35.83
N ILE H 81 -15.99 -15.26 35.92
CA ILE H 81 -16.08 -14.02 36.68
C ILE H 81 -15.63 -12.86 35.80
N LEU H 82 -16.02 -11.65 36.19
CA LEU H 82 -15.63 -10.44 35.46
C LEU H 82 -15.53 -9.29 36.45
N ILE H 83 -14.38 -8.61 36.43
CA ILE H 83 -14.09 -7.54 37.37
C ILE H 83 -14.08 -6.20 36.62
N GLU H 84 -14.71 -5.20 37.24
CA GLU H 84 -14.75 -3.84 36.72
C GLU H 84 -14.22 -2.91 37.80
N GLY H 85 -13.69 -1.76 37.36
CA GLY H 85 -13.15 -0.77 38.28
C GLY H 85 -12.35 0.30 37.59
N GLY H 86 -12.53 1.55 38.02
CA GLY H 86 -11.75 2.64 37.45
C GLY H 86 -10.52 2.96 38.26
N VAL H 87 -10.50 2.54 39.53
CA VAL H 87 -9.36 2.77 40.40
C VAL H 87 -8.21 1.89 39.98
N LEU H 88 -7.01 2.48 39.89
CA LEU H 88 -5.86 1.75 39.35
C LEU H 88 -5.32 0.74 40.36
N LYS H 89 -5.52 0.97 41.66
CA LYS H 89 -5.05 0.01 42.65
C LYS H 89 -5.95 -1.21 42.71
N ILE H 90 -7.20 -1.07 42.26
CA ILE H 90 -8.07 -2.22 42.09
C ILE H 90 -7.76 -2.91 40.76
N ASN H 91 -7.39 -2.13 39.74
CA ASN H 91 -7.08 -2.71 38.45
C ASN H 91 -5.77 -3.49 38.47
N ARG H 92 -4.81 -3.03 39.29
CA ARG H 92 -3.52 -3.70 39.40
C ARG H 92 -3.62 -4.96 40.25
N ALA H 93 -4.46 -4.93 41.28
CA ALA H 93 -4.59 -6.05 42.21
C ALA H 93 -5.38 -7.21 41.58
N ALA H 94 -6.15 -6.91 40.53
CA ALA H 94 -7.01 -7.92 39.92
C ALA H 94 -6.21 -8.86 39.03
N VAL H 95 -5.08 -8.39 38.50
CA VAL H 95 -4.34 -9.19 37.53
C VAL H 95 -3.34 -10.14 38.20
N GLU H 96 -2.94 -9.85 39.44
CA GLU H 96 -1.93 -10.67 40.12
C GLU H 96 -2.49 -12.01 40.58
N LEU H 97 -3.81 -12.08 40.77
CA LEU H 97 -4.42 -13.30 41.30
C LEU H 97 -4.49 -14.41 40.26
N HIS H 98 -4.37 -14.03 38.97
CA HIS H 98 -4.32 -14.86 37.76
C HIS H 98 -5.34 -16.01 37.72
N ASP H 99 -6.54 -15.76 38.24
CA ASP H 99 -7.63 -16.72 38.14
C ASP H 99 -8.83 -16.07 37.49
N VAL H 100 -8.76 -14.75 37.29
CA VAL H 100 -9.80 -14.01 36.60
C VAL H 100 -9.56 -14.18 35.10
N ASP H 101 -10.64 -14.18 34.31
CA ASP H 101 -10.55 -14.42 32.88
C ASP H 101 -10.48 -13.12 32.10
N ILE H 102 -11.33 -12.15 32.46
CA ILE H 102 -11.49 -10.91 31.71
C ILE H 102 -11.67 -9.75 32.69
N LEU H 103 -11.45 -8.54 32.19
CA LEU H 103 -11.58 -7.30 32.95
C LEU H 103 -12.18 -6.21 32.07
N SER H 104 -13.02 -5.38 32.68
CA SER H 104 -13.77 -4.37 31.92
C SER H 104 -13.69 -3.02 32.61
N THR H 105 -14.25 -2.02 31.91
CA THR H 105 -14.39 -0.60 32.26
C THR H 105 -13.12 0.05 32.83
N PRO H 106 -12.08 0.29 32.01
CA PRO H 106 -10.97 1.12 32.50
C PRO H 106 -11.08 2.58 32.05
N GLU H 107 -12.20 2.95 31.43
CA GLU H 107 -12.30 4.28 30.83
C GLU H 107 -13.39 5.13 31.45
N LEU H 108 -14.35 4.50 32.14
CA LEU H 108 -15.47 5.25 32.68
C LEU H 108 -15.30 5.60 34.15
N GLY H 109 -14.45 4.86 34.87
CA GLY H 109 -14.19 5.16 36.26
C GLY H 109 -13.02 6.10 36.46
N ARG H 110 -11.96 5.92 35.68
CA ARG H 110 -10.77 6.75 35.81
C ARG H 110 -10.89 8.03 34.98
N LYS H 111 -11.43 7.91 33.76
CA LYS H 111 -11.59 8.98 32.77
C LYS H 111 -10.26 9.66 32.41
N ASP H 112 -9.16 8.92 32.52
CA ASP H 112 -7.84 9.43 32.15
C ASP H 112 -7.16 8.62 31.06
N SER H 113 -7.06 7.30 31.23
CA SER H 113 -6.52 6.37 30.25
C SER H 113 -6.92 4.97 30.64
N GLY H 114 -7.12 4.12 29.64
CA GLY H 114 -7.55 2.76 29.88
C GLY H 114 -6.50 1.84 30.47
N ILE H 115 -5.48 1.50 29.69
CA ILE H 115 -4.47 0.53 30.08
C ILE H 115 -3.10 1.19 30.05
N ASP H 116 -2.34 1.01 31.12
CA ASP H 116 -0.99 1.50 31.23
C ASP H 116 -0.04 0.53 30.56
N HIS H 117 1.23 0.95 30.45
CA HIS H 117 2.25 0.11 29.83
C HIS H 117 2.67 -1.02 30.75
N VAL H 118 2.79 -0.73 32.05
CA VAL H 118 3.23 -1.76 33.01
C VAL H 118 2.08 -2.69 33.35
N LEU H 119 0.85 -2.24 33.11
CA LEU H 119 -0.31 -3.08 33.40
C LEU H 119 -0.45 -4.17 32.35
N ALA H 120 0.04 -3.91 31.14
CA ALA H 120 -0.05 -4.90 30.07
C ALA H 120 1.01 -5.98 30.24
N ARG H 121 2.13 -5.66 30.90
CA ARG H 121 3.20 -6.64 31.04
C ARG H 121 2.91 -7.65 32.14
N LEU H 122 2.17 -7.23 33.17
CA LEU H 122 1.76 -8.19 34.20
C LEU H 122 0.60 -9.06 33.73
N ALA H 123 -0.09 -8.63 32.66
CA ALA H 123 -1.17 -9.43 32.12
C ALA H 123 -0.65 -10.50 31.17
N SER H 124 0.65 -10.47 30.87
CA SER H 124 1.23 -11.43 29.94
C SER H 124 1.37 -12.81 30.59
N ASN H 125 2.12 -12.89 31.69
CA ASN H 125 2.37 -14.18 32.31
C ASN H 125 1.21 -14.62 33.20
N HIS H 126 0.33 -13.69 33.55
CA HIS H 126 -0.87 -14.03 34.33
C HIS H 126 -2.06 -14.40 33.45
N ARG H 127 -1.98 -14.08 32.15
CA ARG H 127 -2.96 -14.41 31.12
C ARG H 127 -4.36 -13.89 31.44
N VAL H 128 -4.48 -12.57 31.62
CA VAL H 128 -5.76 -11.92 31.87
C VAL H 128 -6.09 -11.08 30.64
N ALA H 129 -7.30 -11.27 30.11
CA ALA H 129 -7.72 -10.60 28.88
C ALA H 129 -8.44 -9.30 29.23
N ILE H 130 -8.40 -8.34 28.31
CA ILE H 130 -9.15 -7.11 28.43
C ILE H 130 -10.46 -7.25 27.66
N GLU H 131 -11.58 -6.89 28.30
CA GLU H 131 -12.90 -6.99 27.71
C GLU H 131 -13.36 -5.61 27.26
N LEU H 132 -13.79 -5.51 26.01
CA LEU H 132 -14.23 -4.23 25.46
C LEU H 132 -15.75 -4.16 25.53
N ASN H 133 -16.28 -2.97 25.83
CA ASN H 133 -17.70 -2.80 26.06
C ASN H 133 -18.31 -1.89 25.00
N PHE H 134 -19.56 -2.16 24.63
CA PHE H 134 -20.30 -1.35 23.67
C PHE H 134 -21.49 -0.63 24.30
N LYS H 135 -21.82 -0.93 25.55
CA LYS H 135 -22.88 -0.21 26.25
C LYS H 135 -22.48 1.25 26.52
N THR H 136 -21.17 1.51 26.60
CA THR H 136 -20.66 2.83 26.92
C THR H 136 -20.95 3.84 25.80
N LEU H 137 -20.61 3.49 24.56
CA LEU H 137 -20.77 4.43 23.44
C LEU H 137 -22.23 4.68 23.08
N LEU H 138 -23.15 3.88 23.63
CA LEU H 138 -24.55 3.97 23.25
C LEU H 138 -25.22 5.20 23.84
N ASN H 139 -24.83 5.60 25.05
CA ASN H 139 -25.50 6.68 25.76
C ASN H 139 -24.54 7.81 26.14
N LYS H 140 -23.58 8.13 25.28
CA LYS H 140 -22.70 9.26 25.48
C LYS H 140 -23.13 10.44 24.60
N ASP H 141 -22.30 11.47 24.61
CA ASP H 141 -22.50 12.65 23.76
C ASP H 141 -21.46 12.58 22.65
N GLY H 142 -21.33 13.64 21.85
CA GLY H 142 -20.39 13.70 20.75
C GLY H 142 -18.93 13.63 21.14
N TYR H 143 -18.50 14.50 22.06
CA TYR H 143 -17.11 14.45 22.52
C TYR H 143 -16.89 13.28 23.45
N GLU H 144 -17.93 12.84 24.16
CA GLU H 144 -17.82 11.72 25.07
C GLU H 144 -17.67 10.40 24.31
N ARG H 145 -18.25 10.31 23.11
CA ARG H 145 -18.01 9.16 22.25
C ARG H 145 -16.60 9.20 21.68
N ALA H 146 -16.04 10.40 21.51
CA ALA H 146 -14.68 10.53 20.97
C ALA H 146 -13.64 10.15 22.01
N ARG H 147 -13.91 10.41 23.29
CA ARG H 147 -12.92 10.18 24.32
C ARG H 147 -12.73 8.69 24.61
N THR H 148 -13.83 7.94 24.65
CA THR H 148 -13.72 6.50 24.87
C THR H 148 -13.15 5.79 23.64
N LEU H 149 -13.33 6.39 22.46
CA LEU H 149 -12.82 5.75 21.25
C LEU H 149 -11.31 5.92 21.12
N LEU H 150 -10.79 7.08 21.55
CA LEU H 150 -9.34 7.24 21.56
C LEU H 150 -8.71 6.45 22.69
N PHE H 151 -9.47 6.20 23.76
CA PHE H 151 -9.00 5.28 24.80
C PHE H 151 -8.98 3.84 24.28
N PHE H 152 -9.92 3.49 23.41
CA PHE H 152 -9.96 2.12 22.88
C PHE H 152 -8.84 1.89 21.88
N ARG H 153 -8.48 2.92 21.10
CA ARG H 153 -7.38 2.80 20.16
C ARG H 153 -6.05 2.66 20.88
N ASN H 154 -5.94 3.23 22.08
CA ASN H 154 -4.75 3.04 22.89
C ASN H 154 -4.72 1.65 23.52
N ASN H 155 -5.90 1.04 23.70
CA ASN H 155 -5.94 -0.30 24.29
C ASN H 155 -5.70 -1.37 23.24
N LEU H 156 -5.91 -1.04 21.96
CA LEU H 156 -5.71 -2.02 20.90
C LEU H 156 -4.24 -2.21 20.58
N LYS H 157 -3.44 -1.14 20.67
CA LYS H 157 -2.03 -1.23 20.30
C LYS H 157 -1.22 -1.94 21.37
N LEU H 158 -1.65 -1.85 22.63
CA LEU H 158 -0.96 -2.58 23.70
C LEU H 158 -1.32 -4.07 23.67
N ALA H 159 -2.56 -4.38 23.27
CA ALA H 159 -2.98 -5.77 23.18
C ALA H 159 -2.48 -6.44 21.91
N LYS H 160 -2.05 -5.66 20.91
CA LYS H 160 -1.51 -6.24 19.69
C LYS H 160 -0.01 -6.50 19.81
N LYS H 161 0.70 -5.59 20.49
CA LYS H 161 2.14 -5.75 20.63
C LYS H 161 2.48 -6.80 21.68
N PHE H 162 1.81 -6.74 22.84
CA PHE H 162 2.09 -7.67 23.92
C PHE H 162 1.25 -8.94 23.84
N ASP H 163 0.44 -9.10 22.80
CA ASP H 163 -0.45 -10.23 22.53
C ASP H 163 -1.41 -10.50 23.69
N VAL H 164 -2.19 -9.49 24.06
CA VAL H 164 -3.19 -9.61 25.12
C VAL H 164 -4.52 -9.93 24.45
N PRO H 165 -5.27 -10.96 24.89
CA PRO H 165 -6.54 -11.30 24.26
C PRO H 165 -7.62 -10.25 24.45
N VAL H 166 -8.46 -10.07 23.43
CA VAL H 166 -9.49 -9.04 23.41
C VAL H 166 -10.81 -9.73 23.12
N VAL H 167 -11.81 -9.48 23.98
CA VAL H 167 -13.16 -10.01 23.80
C VAL H 167 -14.14 -8.85 23.85
N ILE H 168 -15.00 -8.76 22.84
CA ILE H 168 -16.01 -7.71 22.75
C ILE H 168 -17.27 -8.15 23.49
N SER H 169 -18.04 -7.18 23.96
CA SER H 169 -19.35 -7.42 24.54
C SER H 169 -20.27 -6.25 24.24
N THR H 170 -21.55 -6.53 24.03
CA THR H 170 -22.54 -5.46 23.92
C THR H 170 -22.81 -4.85 25.29
N ASP H 171 -22.73 -5.68 26.35
CA ASP H 171 -23.05 -5.36 27.74
C ASP H 171 -24.47 -4.82 27.81
N ALA H 172 -25.40 -5.54 27.18
CA ALA H 172 -26.76 -5.05 27.02
C ALA H 172 -27.58 -5.25 28.29
N GLU H 173 -28.65 -4.46 28.42
CA GLU H 173 -29.52 -4.50 29.59
C GLU H 173 -30.97 -4.83 29.26
N ASN H 174 -31.49 -4.33 28.13
CA ASN H 174 -32.88 -4.51 27.77
C ASN H 174 -32.96 -5.28 26.46
N LYS H 175 -34.17 -5.31 25.89
CA LYS H 175 -34.47 -6.16 24.74
C LYS H 175 -33.75 -5.69 23.48
N TYR H 176 -33.46 -4.40 23.37
CA TYR H 176 -33.07 -3.84 22.08
C TYR H 176 -31.64 -3.35 22.04
N GLN H 177 -30.88 -3.48 23.13
CA GLN H 177 -29.47 -3.09 23.10
C GLN H 177 -28.60 -4.23 22.54
N ILE H 178 -29.21 -5.37 22.23
CA ILE H 178 -28.54 -6.49 21.59
C ILE H 178 -28.14 -6.04 20.19
N LYS H 179 -26.88 -6.26 19.82
CA LYS H 179 -26.42 -6.01 18.46
C LYS H 179 -26.04 -7.34 17.82
N ASN H 180 -25.87 -7.31 16.51
CA ASN H 180 -25.44 -8.46 15.75
C ASN H 180 -23.91 -8.52 15.80
N PRO H 181 -23.31 -9.70 15.60
CA PRO H 181 -21.83 -9.78 15.56
C PRO H 181 -21.20 -9.13 14.35
N TYR H 182 -21.95 -8.96 13.26
CA TYR H 182 -21.34 -8.55 11.99
C TYR H 182 -21.00 -7.06 11.99
N ASP H 183 -21.87 -6.22 12.53
CA ASP H 183 -21.55 -4.81 12.69
C ASP H 183 -20.49 -4.61 13.76
N LEU H 184 -20.48 -5.48 14.77
CA LEU H 184 -19.41 -5.48 15.76
C LEU H 184 -18.10 -5.91 15.15
N ARG H 185 -18.15 -6.85 14.19
CA ARG H 185 -16.97 -7.15 13.39
C ARG H 185 -16.63 -5.98 12.48
N ALA H 186 -17.65 -5.33 11.92
CA ALA H 186 -17.44 -4.18 11.06
C ALA H 186 -16.95 -2.96 11.82
N PHE H 187 -17.28 -2.83 13.10
CA PHE H 187 -16.76 -1.73 13.89
C PHE H 187 -15.31 -1.96 14.28
N LEU H 188 -14.90 -3.22 14.46
CA LEU H 188 -13.49 -3.51 14.72
C LEU H 188 -12.67 -3.55 13.43
N ASN H 189 -13.32 -3.85 12.31
CA ASN H 189 -12.67 -3.69 11.01
C ASN H 189 -12.46 -2.21 10.69
N THR H 190 -13.35 -1.35 11.20
CA THR H 190 -13.23 0.08 11.03
C THR H 190 -11.99 0.65 11.73
N LEU H 191 -11.71 0.19 12.96
CA LEU H 191 -10.64 0.75 13.77
C LEU H 191 -9.24 0.43 13.25
N VAL H 192 -8.86 -0.85 13.18
CA VAL H 192 -7.48 -1.18 12.84
C VAL H 192 -7.34 -2.08 11.62
N GLU H 193 -7.91 -3.29 11.65
CA GLU H 193 -7.58 -4.31 10.65
C GLU H 193 -8.67 -5.35 10.50
N PRO H 194 -8.84 -5.96 9.32
CA PRO H 194 -9.78 -7.08 9.18
C PRO H 194 -9.22 -8.38 9.75
N LEU H 195 -7.89 -8.46 9.84
CA LEU H 195 -7.27 -9.65 10.42
C LEU H 195 -7.42 -9.67 11.94
N TYR H 196 -7.22 -8.53 12.59
CA TYR H 196 -7.29 -8.48 14.06
C TYR H 196 -8.73 -8.52 14.54
N ALA H 197 -9.68 -8.13 13.68
CA ALA H 197 -11.09 -8.16 14.05
C ALA H 197 -11.62 -9.59 14.09
N LYS H 198 -11.02 -10.47 13.28
CA LYS H 198 -11.48 -11.86 13.24
C LYS H 198 -10.96 -12.64 14.44
N LYS H 199 -9.74 -12.33 14.91
CA LYS H 199 -9.15 -13.08 16.01
C LYS H 199 -9.83 -12.76 17.33
N ILE H 200 -10.49 -11.60 17.41
CA ILE H 200 -11.20 -11.20 18.63
C ILE H 200 -12.38 -12.12 18.90
N MET H 201 -13.06 -12.53 17.82
CA MET H 201 -14.19 -13.45 17.96
C MET H 201 -13.73 -14.84 18.38
N GLU H 202 -12.49 -15.20 18.06
CA GLU H 202 -11.98 -16.51 18.47
C GLU H 202 -11.59 -16.52 19.93
N THR H 203 -11.02 -15.41 20.43
CA THR H 203 -10.71 -15.33 21.86
C THR H 203 -11.95 -15.20 22.70
N ALA H 204 -13.07 -14.76 22.10
CA ALA H 204 -14.36 -14.86 22.78
C ALA H 204 -14.77 -16.34 22.91
N TYR H 205 -14.47 -17.13 21.89
CA TYR H 205 -14.82 -18.54 21.89
C TYR H 205 -13.82 -19.36 22.71
N LYS H 206 -12.53 -19.04 22.61
CA LYS H 206 -11.50 -19.89 23.21
C LYS H 206 -11.51 -19.82 24.74
N ILE H 207 -12.12 -18.78 25.31
CA ILE H 207 -12.22 -18.70 26.77
C ILE H 207 -13.24 -19.69 27.30
N CYS H 208 -14.41 -19.81 26.65
CA CYS H 208 -15.50 -20.57 27.24
C CYS H 208 -15.35 -22.06 27.01
N ASP H 209 -14.48 -22.48 26.08
CA ASP H 209 -14.16 -23.90 25.99
C ASP H 209 -13.22 -24.33 27.11
N PHE H 210 -12.22 -23.50 27.41
CA PHE H 210 -11.22 -23.82 28.42
C PHE H 210 -11.81 -23.83 29.82
N ARG H 211 -12.72 -22.89 30.11
CA ARG H 211 -13.33 -22.81 31.43
C ARG H 211 -14.34 -23.94 31.64
N ASP H 212 -14.98 -24.37 30.55
CA ASP H 212 -15.94 -25.47 30.64
C ASP H 212 -15.23 -26.80 30.79
N TYR H 213 -14.20 -27.04 29.99
CA TYR H 213 -13.52 -28.33 29.98
C TYR H 213 -12.70 -28.55 31.25
N LEU H 214 -12.35 -27.47 31.95
CA LEU H 214 -11.65 -27.57 33.22
C LEU H 214 -12.55 -28.16 34.29
N MET H 215 -13.80 -27.69 34.36
CA MET H 215 -14.73 -28.16 35.37
C MET H 215 -15.71 -29.22 34.85
N ARG H 216 -15.57 -29.65 33.60
CA ARG H 216 -16.42 -30.70 33.04
C ARG H 216 -16.08 -32.04 33.68
N ASP H 217 -14.83 -32.47 33.55
CA ASP H 217 -14.34 -33.72 34.11
C ASP H 217 -13.26 -33.43 35.12
N ASN H 218 -12.61 -34.51 35.60
CA ASN H 218 -11.54 -34.38 36.58
C ASN H 218 -10.26 -33.89 35.93
N VAL H 219 -10.19 -32.59 35.65
CA VAL H 219 -9.02 -31.99 35.02
C VAL H 219 -8.34 -31.05 36.02
N VAL H 220 -7.09 -31.37 36.34
CA VAL H 220 -6.30 -30.56 37.28
C VAL H 220 -4.95 -30.25 36.63
N ARG H 221 -4.66 -28.95 36.49
CA ARG H 221 -3.41 -28.42 35.93
C ARG H 221 -3.17 -28.94 34.51
N TYR H 222 -4.23 -28.83 33.70
CA TYR H 222 -4.25 -29.25 32.29
C TYR H 222 -3.91 -30.73 32.13
N GLY H 223 -4.51 -31.57 32.98
CA GLY H 223 -4.33 -33.01 32.89
C GLY H 223 -5.62 -33.72 33.24
N VAL H 224 -6.09 -34.52 32.29
CA VAL H 224 -7.39 -35.18 32.40
C VAL H 224 -7.16 -36.67 32.67
N GLU H 225 -8.03 -37.23 33.51
CA GLU H 225 -7.92 -38.63 33.90
C GLU H 225 -9.22 -39.35 33.57
N ILE H 226 -9.17 -40.28 32.61
CA ILE H 226 -10.28 -41.16 32.30
C ILE H 226 -9.74 -42.58 32.40
N ILE H 227 -10.61 -43.54 32.72
CA ILE H 227 -10.29 -44.98 32.86
C ILE H 227 -9.19 -45.23 33.89
N MET I 1 2.56 -44.83 46.33
CA MET I 1 1.86 -45.24 45.11
C MET I 1 1.96 -44.16 44.04
N ILE I 2 1.54 -44.50 42.82
CA ILE I 2 1.61 -43.58 41.69
C ILE I 2 0.25 -42.95 41.47
N THR I 3 0.17 -41.64 41.65
CA THR I 3 -1.05 -40.88 41.49
C THR I 3 -0.89 -39.86 40.38
N PRO I 4 -1.99 -39.46 39.71
CA PRO I 4 -1.89 -38.42 38.66
C PRO I 4 -1.51 -37.04 39.20
N HIS I 5 -1.72 -36.81 40.50
CA HIS I 5 -1.31 -35.54 41.10
C HIS I 5 0.20 -35.51 41.34
N ASN I 6 0.76 -36.64 41.81
CA ASN I 6 2.19 -36.70 42.04
C ASN I 6 2.96 -37.27 40.85
N ILE I 7 2.37 -37.26 39.66
CA ILE I 7 3.04 -37.82 38.49
C ILE I 7 4.07 -36.84 37.95
N LEU I 8 3.97 -35.57 38.35
CA LEU I 8 4.99 -34.60 37.95
C LEU I 8 6.20 -34.69 38.85
N ARG I 9 6.01 -35.21 40.07
CA ARG I 9 7.13 -35.51 40.95
C ARG I 9 7.59 -36.96 40.84
N HIS I 10 6.86 -37.81 40.12
CA HIS I 10 7.22 -39.22 40.02
C HIS I 10 8.41 -39.40 39.08
N GLU I 11 9.18 -40.46 39.33
CA GLU I 11 10.28 -40.85 38.47
C GLU I 11 9.72 -41.57 37.25
N LEU I 12 10.02 -41.04 36.06
CA LEU I 12 9.54 -41.65 34.82
C LEU I 12 10.26 -42.93 34.48
N ILE I 13 11.46 -43.15 35.05
CA ILE I 13 12.24 -44.34 34.75
C ILE I 13 11.57 -45.56 35.37
N GLY I 14 11.19 -46.50 34.51
CA GLY I 14 10.47 -47.68 34.94
C GLY I 14 8.96 -47.59 34.78
N LEU I 15 8.51 -46.93 33.72
CA LEU I 15 7.07 -46.76 33.47
C LEU I 15 6.84 -46.84 31.97
N LYS I 16 5.83 -47.61 31.56
CA LYS I 16 5.51 -47.74 30.14
C LYS I 16 4.85 -46.47 29.63
N VAL I 17 5.47 -45.86 28.62
CA VAL I 17 5.07 -44.56 28.11
C VAL I 17 4.84 -44.66 26.61
N GLU I 18 3.67 -44.18 26.16
CA GLU I 18 3.36 -44.10 24.74
C GLU I 18 2.91 -42.69 24.41
N ILE I 19 3.20 -42.26 23.18
CA ILE I 19 2.98 -40.89 22.74
C ILE I 19 1.80 -40.87 21.77
N VAL I 20 0.83 -40.00 22.03
CA VAL I 20 -0.35 -39.92 21.17
C VAL I 20 -0.24 -38.76 20.18
N GLU I 21 0.26 -37.61 20.61
CA GLU I 21 0.39 -36.45 19.73
C GLU I 21 1.83 -35.94 19.76
N ALA I 22 2.31 -35.55 18.59
CA ALA I 22 3.64 -34.97 18.44
C ALA I 22 3.69 -34.18 17.15
N LYS I 23 4.56 -33.18 17.11
CA LYS I 23 4.75 -32.39 15.89
C LYS I 23 5.47 -33.22 14.83
N ASN I 24 6.47 -33.99 15.23
CA ASN I 24 7.16 -34.91 14.33
C ASN I 24 6.33 -36.18 14.15
N LYS I 25 6.22 -36.64 12.90
CA LYS I 25 5.27 -37.70 12.59
C LYS I 25 5.82 -39.08 12.96
N ALA I 26 7.15 -39.19 13.11
CA ALA I 26 7.72 -40.49 13.43
C ALA I 26 7.53 -40.86 14.90
N MET I 27 7.44 -39.86 15.78
CA MET I 27 7.44 -40.14 17.21
C MET I 27 6.05 -40.55 17.70
N ILE I 28 5.03 -40.43 16.85
CA ILE I 28 3.68 -40.82 17.22
C ILE I 28 3.50 -42.32 17.07
N GLY I 29 3.15 -42.99 18.16
CA GLY I 29 2.78 -44.39 18.11
C GLY I 29 3.77 -45.35 18.73
N ILE I 30 4.86 -44.86 19.30
CA ILE I 30 5.86 -45.75 19.90
C ILE I 30 5.51 -46.00 21.35
N LYS I 31 5.76 -47.23 21.80
CA LYS I 31 5.43 -47.66 23.15
C LYS I 31 6.66 -48.32 23.79
N GLY I 32 6.90 -48.00 25.05
CA GLY I 32 8.00 -48.60 25.76
C GLY I 32 8.20 -47.93 27.12
N LYS I 33 9.23 -48.42 27.82
CA LYS I 33 9.59 -47.90 29.13
C LYS I 33 10.69 -46.86 29.01
N VAL I 34 10.73 -45.94 29.98
CA VAL I 34 11.73 -44.89 30.02
C VAL I 34 12.95 -45.44 30.76
N VAL I 35 14.13 -45.30 30.14
CA VAL I 35 15.36 -45.78 30.77
C VAL I 35 16.13 -44.63 31.40
N ASP I 36 16.27 -43.53 30.67
CA ASP I 36 17.08 -42.39 31.13
C ASP I 36 16.27 -41.12 30.96
N GLU I 37 16.68 -40.08 31.69
CA GLU I 37 15.94 -38.83 31.72
C GLU I 37 16.89 -37.66 31.90
N THR I 38 16.75 -36.67 31.03
CA THR I 38 17.47 -35.40 31.08
C THR I 38 16.46 -34.28 31.27
N ARG I 39 16.93 -33.03 31.06
CA ARG I 39 16.08 -31.86 31.29
C ARG I 39 14.90 -31.81 30.33
N ASN I 40 15.15 -31.93 29.03
CA ASN I 40 14.09 -31.81 28.02
C ASN I 40 14.22 -32.91 26.98
N THR I 41 14.58 -34.12 27.42
CA THR I 41 14.69 -35.26 26.52
C THR I 41 14.49 -36.56 27.31
N LEU I 42 13.52 -37.35 26.87
CA LEU I 42 13.24 -38.66 27.45
C LEU I 42 13.86 -39.73 26.57
N VAL I 43 14.36 -40.79 27.20
CA VAL I 43 14.94 -41.94 26.51
C VAL I 43 14.04 -43.14 26.72
N ILE I 44 13.41 -43.61 25.65
CA ILE I 44 12.47 -44.73 25.70
C ILE I 44 13.00 -45.86 24.82
N GLU I 45 13.11 -47.05 25.41
CA GLU I 45 13.45 -48.26 24.67
C GLU I 45 12.17 -49.01 24.34
N LYS I 46 12.04 -49.41 23.07
CA LYS I 46 10.84 -50.09 22.61
C LYS I 46 10.82 -51.55 23.05
N GLU I 47 9.73 -52.24 22.72
CA GLU I 47 9.72 -53.69 22.84
C GLU I 47 10.50 -54.34 21.71
N ASP I 48 10.72 -53.61 20.60
CA ASP I 48 11.60 -54.09 19.55
C ASP I 48 13.06 -54.00 19.96
N GLY I 49 13.41 -53.03 20.80
CA GLY I 49 14.77 -52.83 21.25
C GLY I 49 15.45 -51.59 20.73
N ARG I 50 14.74 -50.72 20.00
CA ARG I 50 15.34 -49.55 19.40
C ARG I 50 15.28 -48.37 20.36
N GLU I 51 16.45 -47.83 20.70
CA GLU I 51 16.52 -46.64 21.54
C GLU I 51 16.17 -45.40 20.72
N VAL I 52 15.17 -44.67 21.18
CA VAL I 52 14.62 -43.52 20.45
C VAL I 52 14.74 -42.28 21.31
N VAL I 53 15.20 -41.19 20.72
CA VAL I 53 15.43 -39.92 21.42
C VAL I 53 14.18 -39.07 21.28
N ILE I 54 13.54 -38.77 22.42
CA ILE I 54 12.25 -38.10 22.46
C ILE I 54 12.43 -36.80 23.24
N PRO I 55 12.25 -35.63 22.63
CA PRO I 55 12.16 -34.39 23.42
C PRO I 55 10.83 -34.30 24.15
N LYS I 56 10.84 -33.56 25.26
CA LYS I 56 9.66 -33.53 26.13
C LYS I 56 8.69 -32.43 25.71
N ASP I 57 9.22 -31.29 25.27
CA ASP I 57 8.40 -30.09 25.12
C ASP I 57 7.50 -30.16 23.89
N ILE I 58 7.80 -31.07 22.96
CA ILE I 58 7.10 -31.06 21.68
C ILE I 58 5.95 -32.07 21.65
N ALA I 59 5.87 -32.95 22.65
CA ALA I 59 4.89 -34.04 22.61
C ALA I 59 4.18 -34.18 23.95
N VAL I 60 3.15 -35.03 23.94
CA VAL I 60 2.39 -35.39 25.13
C VAL I 60 2.54 -36.89 25.34
N PHE I 61 2.73 -37.30 26.60
CA PHE I 61 2.96 -38.68 26.96
C PHE I 61 1.76 -39.26 27.67
N LEU I 62 1.53 -40.55 27.46
CA LEU I 62 0.47 -41.31 28.14
C LEU I 62 1.17 -42.31 29.06
N PHE I 63 1.11 -42.04 30.36
CA PHE I 63 1.78 -42.87 31.35
C PHE I 63 0.90 -44.05 31.74
N GLN I 64 1.53 -45.20 31.96
CA GLN I 64 0.86 -46.39 32.42
C GLN I 64 1.10 -46.58 33.91
N LEU I 65 0.05 -46.39 34.71
CA LEU I 65 0.11 -46.63 36.15
C LEU I 65 -0.18 -48.09 36.43
N LYS I 66 -0.43 -48.43 37.69
CA LYS I 66 -0.90 -49.77 38.05
C LYS I 66 -2.35 -49.91 37.58
N GLY I 67 -2.50 -50.22 36.30
CA GLY I 67 -3.80 -50.29 35.67
C GLY I 67 -4.24 -49.03 34.96
N CYS I 68 -4.07 -47.87 35.59
CA CYS I 68 -4.63 -46.64 35.07
C CYS I 68 -3.72 -46.02 34.00
N LYS I 69 -4.32 -45.13 33.20
CA LYS I 69 -3.64 -44.39 32.15
C LYS I 69 -3.90 -42.90 32.33
N VAL I 70 -2.84 -42.10 32.32
CA VAL I 70 -2.92 -40.66 32.58
C VAL I 70 -2.33 -39.92 31.39
N LYS I 71 -3.03 -38.87 30.94
CA LYS I 71 -2.59 -38.02 29.83
C LYS I 71 -2.09 -36.71 30.40
N VAL I 72 -0.77 -36.49 30.31
CA VAL I 72 -0.12 -35.27 30.80
C VAL I 72 0.84 -34.79 29.72
N ASP I 73 0.78 -33.49 29.42
CA ASP I 73 1.70 -32.85 28.48
C ASP I 73 3.15 -32.91 28.97
N GLY I 74 4.08 -32.81 28.02
CA GLY I 74 5.47 -32.69 28.38
C GLY I 74 5.88 -31.25 28.69
N ARG I 75 4.99 -30.30 28.43
CA ARG I 75 5.25 -28.90 28.79
C ARG I 75 5.20 -28.73 30.30
N LEU I 76 4.45 -29.59 31.00
CA LEU I 76 4.51 -29.62 32.45
C LEU I 76 5.76 -30.36 32.93
N LEU I 77 6.41 -31.12 32.03
CA LEU I 77 7.50 -32.00 32.42
C LEU I 77 8.86 -31.39 32.08
N ILE I 78 8.99 -30.06 32.12
CA ILE I 78 10.28 -29.43 31.89
C ILE I 78 11.13 -29.53 33.15
N GLY I 79 12.39 -29.92 32.97
CA GLY I 79 13.33 -29.96 34.08
C GLY I 79 14.11 -31.25 34.19
N ARG I 80 15.27 -31.19 34.85
CA ARG I 80 16.06 -32.39 35.12
C ARG I 80 15.36 -33.25 36.17
N PRO I 81 15.67 -34.55 36.24
CA PRO I 81 15.09 -35.38 37.31
C PRO I 81 15.53 -35.00 38.72
N GLU I 82 16.60 -34.23 38.87
CA GLU I 82 17.04 -33.83 40.20
C GLU I 82 16.16 -32.73 40.78
N GLU I 83 16.06 -31.59 40.09
CA GLU I 83 15.36 -30.44 40.66
C GLU I 83 13.85 -30.54 40.49
N ARG I 84 13.35 -31.54 39.74
CA ARG I 84 11.91 -31.69 39.59
C ARG I 84 11.27 -32.26 40.85
N LEU I 85 12.05 -32.99 41.66
CA LEU I 85 11.53 -33.53 42.91
C LEU I 85 11.30 -32.46 43.96
N LYS I 86 12.22 -31.50 44.07
CA LYS I 86 12.17 -30.47 45.10
C LYS I 86 10.96 -29.55 44.96
N LYS I 87 10.96 -28.70 43.92
CA LYS I 87 9.83 -27.82 43.64
C LYS I 87 9.86 -27.31 42.20
N LYS I 88 8.95 -27.79 41.35
CA LYS I 88 8.79 -27.28 40.00
C LYS I 88 7.30 -27.15 39.69
N ILE I 89 6.84 -25.93 39.50
CA ILE I 89 5.44 -25.63 39.20
C ILE I 89 5.37 -24.89 37.87
N LYS I 90 4.64 -25.46 36.91
CA LYS I 90 4.47 -24.86 35.59
C LYS I 90 2.99 -24.62 35.33
N ILE I 91 2.70 -23.54 34.59
CA ILE I 91 1.34 -23.18 34.24
C ILE I 91 1.24 -23.12 32.72
N LEU I 92 0.25 -23.83 32.17
CA LEU I 92 0.02 -23.88 30.73
C LEU I 92 -1.38 -23.37 30.42
N TYR I 93 -1.52 -22.79 29.23
CA TYR I 93 -2.78 -22.26 28.75
C TYR I 93 -2.96 -22.63 27.28
N PRO I 94 -4.13 -23.15 26.91
CA PRO I 94 -4.33 -23.59 25.51
C PRO I 94 -4.85 -22.48 24.61
N TYR I 95 -3.98 -21.53 24.26
CA TYR I 95 -4.37 -20.45 23.36
C TYR I 95 -3.35 -20.26 22.24
N LYS J 3 6.09 -28.08 56.71
CA LYS J 3 6.45 -29.33 57.36
C LYS J 3 5.66 -30.49 56.74
N PHE J 4 4.40 -30.22 56.40
CA PHE J 4 3.56 -31.26 55.81
C PHE J 4 3.95 -31.53 54.37
N LEU J 5 4.36 -30.50 53.63
CA LEU J 5 4.83 -30.70 52.26
C LEU J 5 6.24 -31.27 52.24
N GLU J 6 6.99 -31.08 53.32
CA GLU J 6 8.34 -31.64 53.41
C GLU J 6 8.29 -33.14 53.69
N LYS J 7 7.35 -33.56 54.55
CA LYS J 7 7.24 -34.97 54.89
C LYS J 7 6.60 -35.77 53.77
N LYS J 8 5.66 -35.16 53.04
CA LYS J 8 5.02 -35.86 51.91
C LYS J 8 5.99 -36.01 50.76
N LEU J 9 6.89 -35.03 50.60
CA LEU J 9 7.94 -35.16 49.58
C LEU J 9 8.97 -36.20 50.00
N LYS J 10 9.18 -36.36 51.31
CA LYS J 10 10.10 -37.37 51.80
C LYS J 10 9.51 -38.77 51.65
N LYS J 11 8.18 -38.89 51.76
CA LYS J 11 7.53 -40.16 51.46
C LYS J 11 7.62 -40.49 49.98
N ILE J 12 7.58 -39.47 49.13
CA ILE J 12 7.76 -39.68 47.69
C ILE J 12 9.20 -40.09 47.41
N ALA J 13 10.17 -39.35 47.97
CA ALA J 13 11.57 -39.55 47.62
C ALA J 13 12.15 -40.80 48.26
N TYR J 14 11.46 -41.35 49.27
CA TYR J 14 11.88 -42.65 49.82
C TYR J 14 11.59 -43.77 48.84
N GLU J 15 10.56 -43.59 48.02
CA GLU J 15 10.27 -44.57 46.98
C GLU J 15 11.17 -44.34 45.76
N ARG J 16 11.60 -43.09 45.55
CA ARG J 16 12.40 -42.78 44.37
C ARG J 16 13.82 -43.32 44.50
N ILE J 17 14.29 -43.53 45.73
CA ILE J 17 15.58 -44.20 45.92
C ILE J 17 15.37 -45.71 45.99
N ASP J 18 14.12 -46.13 46.12
CA ASP J 18 13.82 -47.55 46.25
C ASP J 18 13.51 -48.21 44.90
N ILE J 19 12.72 -47.53 44.05
CA ILE J 19 12.39 -48.12 42.77
C ILE J 19 13.57 -47.98 41.80
N LEU J 20 14.42 -46.96 42.00
CA LEU J 20 15.54 -46.76 41.09
C LEU J 20 16.68 -47.71 41.43
N MET J 21 16.75 -48.16 42.68
CA MET J 21 17.79 -49.10 43.08
C MET J 21 17.39 -50.53 42.73
N SER J 22 16.10 -50.86 42.87
CA SER J 22 15.64 -52.20 42.51
C SER J 22 15.64 -52.41 41.00
N LEU J 23 15.44 -51.32 40.23
CA LEU J 23 15.61 -51.40 38.79
C LEU J 23 17.06 -51.57 38.41
N ALA J 24 17.98 -51.08 39.25
CA ALA J 24 19.41 -51.25 38.98
C ALA J 24 19.86 -52.67 39.28
N GLU J 25 19.15 -53.36 40.17
CA GLU J 25 19.59 -54.70 40.59
C GLU J 25 19.28 -55.74 39.52
N GLU J 26 18.13 -55.61 38.85
CA GLU J 26 17.73 -56.62 37.87
C GLU J 26 18.39 -56.37 36.51
N GLU J 27 18.82 -55.14 36.27
CA GLU J 27 19.55 -54.83 35.04
C GLU J 27 21.04 -55.16 35.15
N ALA J 28 21.58 -55.27 36.37
CA ALA J 28 23.00 -55.54 36.53
C ALA J 28 23.35 -57.00 36.25
N LYS J 29 22.40 -57.92 36.44
CA LYS J 29 22.62 -59.32 36.11
C LYS J 29 22.44 -59.61 34.64
N LYS J 30 21.93 -58.65 33.86
CA LYS J 30 21.78 -58.83 32.43
C LYS J 30 23.11 -58.76 31.69
N GLY J 31 24.10 -58.09 32.28
CA GLY J 31 25.39 -57.94 31.63
C GLY J 31 25.74 -56.49 31.37
N ASN J 32 24.72 -55.64 31.30
CA ASN J 32 24.91 -54.21 31.02
C ASN J 32 25.30 -53.51 32.32
N TRP J 33 26.61 -53.48 32.58
CA TRP J 33 27.12 -52.81 33.77
C TRP J 33 27.11 -51.30 33.62
N ASP J 34 27.14 -50.78 32.39
CA ASP J 34 27.06 -49.34 32.18
C ASP J 34 25.66 -48.83 32.44
N ARG J 35 24.65 -49.68 32.24
CA ARG J 35 23.28 -49.28 32.50
C ARG J 35 23.00 -49.23 34.00
N ALA J 36 23.55 -50.18 34.75
CA ALA J 36 23.34 -50.21 36.19
C ALA J 36 24.12 -49.11 36.90
N LYS J 37 25.23 -48.67 36.29
CA LYS J 37 25.99 -47.56 36.86
C LYS J 37 25.25 -46.24 36.68
N ARG J 38 24.41 -46.15 35.64
CA ARG J 38 23.65 -44.94 35.38
C ARG J 38 22.52 -44.76 36.40
N TYR J 39 21.90 -45.86 36.83
CA TYR J 39 20.77 -45.77 37.75
C TYR J 39 21.20 -45.32 39.13
N VAL J 40 22.30 -45.88 39.65
CA VAL J 40 22.74 -45.57 41.00
C VAL J 40 23.39 -44.19 41.04
N TYR J 41 23.94 -43.73 39.91
CA TYR J 41 24.44 -42.36 39.82
C TYR J 41 23.30 -41.35 39.91
N LEU J 42 22.13 -41.71 39.38
CA LEU J 42 20.94 -40.90 39.61
C LEU J 42 20.45 -41.05 41.04
N ALA J 43 20.68 -42.22 41.65
CA ALA J 43 20.29 -42.44 43.03
C ALA J 43 21.24 -41.75 44.00
N ARG J 44 22.53 -41.69 43.64
CA ARG J 44 23.50 -40.98 44.48
C ARG J 44 23.35 -39.47 44.33
N ARG J 45 22.79 -39.01 43.21
CA ARG J 45 22.61 -37.59 43.00
C ARG J 45 21.34 -37.08 43.68
N ILE J 46 20.29 -37.91 43.71
CA ILE J 46 19.01 -37.48 44.26
C ILE J 46 19.03 -37.55 45.78
N ALA J 47 20.03 -38.21 46.36
CA ALA J 47 20.12 -38.30 47.81
C ALA J 47 20.62 -36.99 48.42
N MET J 48 21.52 -36.30 47.72
CA MET J 48 22.17 -35.14 48.32
C MET J 48 21.39 -33.85 48.08
N LYS J 49 20.42 -33.86 47.15
CA LYS J 49 19.57 -32.68 46.98
C LYS J 49 18.54 -32.59 48.10
N MET J 50 17.96 -33.73 48.46
CA MET J 50 16.94 -33.76 49.51
C MET J 50 17.61 -33.86 50.88
N ARG J 51 18.91 -34.22 50.89
CA ARG J 51 19.67 -34.57 52.09
C ARG J 51 18.98 -35.69 52.87
N ILE J 52 18.75 -36.81 52.17
CA ILE J 52 18.18 -38.00 52.76
C ILE J 52 19.24 -39.12 52.68
N ARG J 53 19.09 -40.11 53.55
CA ARG J 53 20.06 -41.18 53.66
C ARG J 53 19.64 -42.39 52.82
N PHE J 54 20.64 -43.22 52.50
CA PHE J 54 20.42 -44.48 51.80
C PHE J 54 19.80 -45.51 52.74
N PRO J 55 19.07 -46.50 52.21
CA PRO J 55 18.62 -47.61 53.06
C PRO J 55 19.78 -48.47 53.52
N LYS J 56 19.56 -49.19 54.62
CA LYS J 56 20.64 -49.98 55.21
C LYS J 56 20.90 -51.25 54.41
N LYS J 57 19.89 -51.72 53.66
CA LYS J 57 20.09 -52.90 52.82
C LYS J 57 20.88 -52.55 51.57
N TRP J 58 20.57 -51.41 50.95
CA TRP J 58 21.23 -51.03 49.71
C TRP J 58 22.47 -50.16 49.96
N LYS J 59 22.98 -50.14 51.19
CA LYS J 59 24.12 -49.29 51.50
C LYS J 59 25.43 -49.90 51.02
N ARG J 60 25.66 -51.18 51.30
CA ARG J 60 26.93 -51.83 51.01
C ARG J 60 26.99 -52.41 49.61
N ARG J 61 25.99 -52.17 48.77
CA ARG J 61 25.95 -52.80 47.45
C ARG J 61 26.76 -52.04 46.42
N ILE J 62 27.21 -50.82 46.72
CA ILE J 62 27.81 -49.94 45.72
C ILE J 62 29.22 -49.57 46.14
N CYS J 63 30.16 -49.72 45.21
CA CYS J 63 31.51 -49.20 45.41
C CYS J 63 31.48 -47.67 45.39
N LYS J 64 32.17 -47.05 46.35
CA LYS J 64 32.12 -45.60 46.48
C LYS J 64 33.04 -44.92 45.48
N LYS J 65 34.00 -45.65 44.92
CA LYS J 65 34.93 -45.04 43.97
C LYS J 65 34.34 -44.95 42.57
N CYS J 66 34.01 -46.09 41.97
CA CYS J 66 33.60 -46.09 40.57
C CYS J 66 32.10 -45.93 40.40
N GLY J 67 31.30 -46.70 41.14
CA GLY J 67 29.86 -46.63 41.04
C GLY J 67 29.18 -47.82 40.41
N THR J 68 29.89 -48.94 40.21
CA THR J 68 29.26 -50.13 39.65
C THR J 68 28.53 -50.90 40.74
N PHE J 69 27.38 -51.47 40.37
CA PHE J 69 26.66 -52.38 41.26
C PHE J 69 27.47 -53.66 41.46
N LEU J 70 27.59 -54.09 42.71
CA LEU J 70 28.33 -55.30 43.05
C LEU J 70 27.36 -56.47 43.18
N LEU J 71 27.49 -57.45 42.29
CA LEU J 71 26.78 -58.73 42.41
C LEU J 71 27.74 -59.70 43.08
N TYR J 72 27.28 -60.34 44.16
CA TYR J 72 28.14 -61.21 44.95
C TYR J 72 28.56 -62.44 44.16
N GLY J 73 29.85 -62.50 43.82
CA GLY J 73 30.38 -63.62 43.07
C GLY J 73 30.66 -63.28 41.62
N ARG J 74 29.79 -62.43 41.04
CA ARG J 74 29.96 -62.04 39.63
C ARG J 74 31.06 -61.01 39.48
N ASN J 75 30.90 -59.86 40.13
CA ASN J 75 31.90 -58.80 40.11
C ASN J 75 32.32 -58.41 41.52
N ALA J 76 31.97 -59.24 42.51
CA ALA J 76 32.26 -58.93 43.89
C ALA J 76 32.88 -60.14 44.56
N ARG J 77 33.98 -59.89 45.27
CA ARG J 77 34.64 -60.91 46.07
C ARG J 77 34.52 -60.54 47.54
N VAL J 78 33.61 -61.22 48.25
CA VAL J 78 33.36 -60.94 49.65
C VAL J 78 33.90 -62.09 50.49
N ARG J 79 34.51 -61.76 51.62
CA ARG J 79 35.10 -62.73 52.52
C ARG J 79 34.91 -62.26 53.94
N ILE J 80 34.96 -63.21 54.88
CA ILE J 80 34.94 -62.92 56.31
C ILE J 80 36.33 -63.16 56.89
N LYS J 81 37.00 -62.07 57.27
CA LYS J 81 38.30 -62.13 57.91
C LYS J 81 38.09 -61.79 59.38
N SER J 82 38.31 -62.78 60.25
CA SER J 82 37.96 -62.66 61.66
C SER J 82 39.11 -63.00 62.60
N LYS J 83 40.34 -63.12 62.10
CA LYS J 83 41.47 -63.46 62.96
C LYS J 83 41.84 -62.29 63.86
N ARG J 84 42.26 -61.17 63.26
CA ARG J 84 42.72 -60.02 64.04
C ARG J 84 41.53 -59.18 64.51
N TYR J 85 40.74 -58.65 63.58
CA TYR J 85 39.51 -57.96 63.92
C TYR J 85 38.41 -58.43 62.98
N PRO J 86 37.20 -58.67 63.48
CA PRO J 86 36.14 -59.25 62.64
C PRO J 86 35.55 -58.21 61.68
N HIS J 87 35.67 -58.48 60.38
CA HIS J 87 35.23 -57.54 59.36
C HIS J 87 35.03 -58.29 58.05
N VAL J 88 34.12 -57.76 57.23
CA VAL J 88 33.87 -58.27 55.88
C VAL J 88 34.32 -57.21 54.88
N VAL J 89 34.93 -57.67 53.78
CA VAL J 89 35.55 -56.78 52.80
C VAL J 89 34.87 -56.99 51.46
N ILE J 90 34.44 -55.89 50.84
CA ILE J 90 33.93 -55.89 49.48
C ILE J 90 34.97 -55.20 48.59
N THR J 91 35.31 -55.85 47.48
CA THR J 91 36.27 -55.31 46.52
C THR J 91 35.69 -55.42 45.11
N CYS J 92 35.70 -54.31 44.38
CA CYS J 92 35.13 -54.27 43.05
C CYS J 92 36.10 -54.92 42.06
N LEU J 93 35.59 -55.83 41.23
CA LEU J 93 36.44 -56.48 40.24
C LEU J 93 36.67 -55.58 39.02
N GLU J 94 35.85 -54.53 38.87
CA GLU J 94 36.01 -53.64 37.72
C GLU J 94 37.14 -52.64 37.96
N CYS J 95 37.04 -51.84 39.03
CA CYS J 95 38.04 -50.81 39.28
C CYS J 95 39.16 -51.31 40.21
N GLY J 96 38.79 -51.86 41.36
CA GLY J 96 39.77 -52.39 42.30
C GLY J 96 39.80 -51.72 43.66
N ALA J 97 38.79 -50.91 44.00
CA ALA J 97 38.75 -50.28 45.31
C ALA J 97 38.36 -51.28 46.39
N ILE J 98 38.73 -50.99 47.62
CA ILE J 98 38.54 -51.89 48.76
C ILE J 98 37.84 -51.13 49.87
N TYR J 99 36.71 -51.67 50.34
CA TYR J 99 35.99 -51.13 51.49
C TYR J 99 35.65 -52.28 52.44
N ARG J 100 35.66 -51.98 53.74
CA ARG J 100 35.47 -52.98 54.78
C ARG J 100 34.41 -52.54 55.78
N ILE J 101 33.73 -53.52 56.36
CA ILE J 101 32.69 -53.31 57.36
C ILE J 101 33.09 -54.01 58.65
N PRO J 102 33.70 -53.31 59.60
CA PRO J 102 33.99 -53.92 60.91
C PRO J 102 32.75 -54.01 61.78
N MET J 103 32.69 -55.06 62.61
CA MET J 103 31.64 -55.24 63.60
C MET J 103 32.19 -55.31 65.03
N ILE J 104 33.11 -54.38 65.34
CA ILE J 104 33.78 -54.39 66.66
C ILE J 104 32.83 -53.94 67.76
N ARG J 105 31.81 -53.13 67.41
CA ARG J 105 30.86 -52.66 68.41
C ARG J 105 29.85 -53.75 68.71
N GLU J 106 29.62 -54.64 67.75
CA GLU J 106 28.77 -55.81 68.00
C GLU J 106 29.58 -56.95 68.61
N LYS J 107 30.89 -56.96 68.36
CA LYS J 107 31.77 -57.92 69.02
C LYS J 107 31.94 -57.56 70.49
N LYS J 108 31.83 -56.26 70.82
CA LYS J 108 32.01 -55.83 72.20
C LYS J 108 30.83 -56.22 73.08
N GLU J 109 29.65 -56.39 72.49
CA GLU J 109 28.47 -56.74 73.26
C GLU J 109 28.51 -58.19 73.71
N LYS J 110 28.93 -59.10 72.84
CA LYS J 110 29.00 -60.51 73.20
C LYS J 110 30.17 -60.78 74.14
N ARG J 111 31.19 -59.91 74.12
CA ARG J 111 32.20 -59.93 75.18
C ARG J 111 31.59 -59.51 76.51
N ARG J 112 30.75 -58.48 76.48
CA ARG J 112 30.16 -57.96 77.72
C ARG J 112 29.01 -58.86 78.19
N LYS J 113 28.36 -59.55 77.25
CA LYS J 113 27.32 -60.49 77.63
C LYS J 113 27.90 -61.74 78.27
N LYS J 114 29.08 -62.18 77.80
CA LYS J 114 29.70 -63.37 78.38
C LYS J 114 30.36 -63.06 79.71
N LEU J 115 30.72 -61.80 79.95
CA LEU J 115 31.24 -61.41 81.26
C LEU J 115 30.13 -61.43 82.31
N GLU J 116 28.91 -61.07 81.92
CA GLU J 116 27.79 -61.09 82.86
C GLU J 116 27.31 -62.51 83.12
N GLU J 117 27.56 -63.43 82.18
CA GLU J 117 27.16 -64.82 82.39
C GLU J 117 28.16 -65.55 83.28
N ARG J 118 29.44 -65.15 83.24
CA ARG J 118 30.44 -65.78 84.10
C ARG J 118 30.30 -65.28 85.54
N LEU J 119 29.92 -64.02 85.72
CA LEU J 119 29.80 -63.46 87.06
C LEU J 119 28.55 -63.96 87.77
N LYS J 120 27.48 -64.22 87.01
CA LYS J 120 26.26 -64.73 87.61
C LYS J 120 26.39 -66.21 87.97
N ALA J 121 27.06 -66.98 87.11
CA ALA J 121 27.26 -68.40 87.37
C ALA J 121 28.38 -68.63 88.37
N ALA K 2 15.69 -60.90 60.26
CA ALA K 2 14.64 -59.88 60.23
C ALA K 2 14.66 -59.12 58.91
N VAL K 3 15.86 -58.90 58.37
CA VAL K 3 16.01 -58.16 57.12
C VAL K 3 16.34 -59.08 55.96
N TYR K 4 17.30 -59.99 56.14
CA TYR K 4 17.73 -60.86 55.05
C TYR K 4 16.77 -62.01 54.79
N VAL K 5 15.82 -62.25 55.69
CA VAL K 5 14.82 -63.30 55.48
C VAL K 5 13.81 -62.83 54.44
N LYS K 6 13.60 -63.66 53.41
CA LYS K 6 12.74 -63.25 52.31
C LYS K 6 11.36 -63.90 52.39
N PHE K 7 11.28 -65.08 53.01
CA PHE K 7 10.02 -65.80 53.13
C PHE K 7 9.86 -66.35 54.54
N LYS K 8 8.60 -66.51 54.94
CA LYS K 8 8.28 -67.11 56.23
C LYS K 8 8.25 -68.62 56.10
N VAL K 9 9.01 -69.30 56.95
CA VAL K 9 9.17 -70.75 56.90
C VAL K 9 8.20 -71.39 57.89
N PRO K 10 7.46 -72.42 57.50
CA PRO K 10 6.58 -73.11 58.45
C PRO K 10 7.36 -73.92 59.47
N GLU K 11 6.70 -74.23 60.58
CA GLU K 11 7.39 -74.93 61.67
C GLU K 11 7.49 -76.43 61.39
N GLU K 12 6.58 -76.97 60.59
CA GLU K 12 6.58 -78.40 60.32
C GLU K 12 7.70 -78.78 59.36
N ILE K 13 8.09 -77.85 58.48
CA ILE K 13 9.19 -78.12 57.57
C ILE K 13 10.51 -77.67 58.17
N GLN K 14 10.45 -76.86 59.24
CA GLN K 14 11.66 -76.33 59.86
C GLN K 14 12.45 -77.44 60.57
N LYS K 15 11.74 -78.41 61.15
CA LYS K 15 12.43 -79.56 61.75
C LYS K 15 13.01 -80.47 60.68
N GLU K 16 12.46 -80.42 59.46
CA GLU K 16 12.96 -81.27 58.39
C GLU K 16 14.30 -80.77 57.85
N LEU K 17 14.57 -79.45 57.99
CA LEU K 17 15.93 -78.98 57.78
C LEU K 17 16.86 -79.49 58.88
N LEU K 18 16.36 -79.53 60.11
CA LEU K 18 17.18 -80.03 61.22
C LEU K 18 17.33 -81.54 61.17
N ASP K 19 16.38 -82.23 60.53
CA ASP K 19 16.50 -83.68 60.38
C ASP K 19 17.48 -84.05 59.27
N ALA K 20 17.55 -83.23 58.22
CA ALA K 20 18.40 -83.57 57.08
C ALA K 20 19.87 -83.37 57.40
N VAL K 21 20.19 -82.41 58.25
CA VAL K 21 21.59 -82.14 58.59
C VAL K 21 22.11 -83.20 59.57
N ALA K 22 21.23 -83.69 60.46
CA ALA K 22 21.65 -84.67 61.46
C ALA K 22 21.77 -86.06 60.86
N LYS K 23 20.97 -86.35 59.84
CA LYS K 23 20.99 -87.68 59.22
C LYS K 23 22.23 -87.84 58.34
N ALA K 24 22.65 -86.77 57.67
CA ALA K 24 23.71 -86.89 56.68
C ALA K 24 25.09 -86.91 57.33
N GLN K 25 25.40 -85.88 58.13
CA GLN K 25 26.67 -85.64 58.80
C GLN K 25 27.86 -85.60 57.84
N LYS K 26 27.64 -85.10 56.63
CA LYS K 26 28.72 -84.73 55.71
C LYS K 26 28.48 -83.28 55.29
N ILE K 27 28.96 -82.35 56.12
CA ILE K 27 28.58 -80.95 56.03
C ILE K 27 29.79 -80.06 56.21
N LYS K 28 29.65 -78.80 55.79
CA LYS K 28 30.65 -77.77 55.99
C LYS K 28 30.07 -76.70 56.90
N LYS K 29 30.82 -76.34 57.94
CA LYS K 29 30.37 -75.36 58.92
C LYS K 29 31.17 -74.07 58.79
N GLY K 30 30.50 -72.95 59.00
CA GLY K 30 31.15 -71.65 58.93
C GLY K 30 30.56 -70.79 57.84
N ALA K 31 30.77 -69.47 57.97
CA ALA K 31 30.25 -68.54 56.96
C ALA K 31 31.11 -68.53 55.71
N ASN K 32 32.40 -68.87 55.84
CA ASN K 32 33.29 -68.87 54.68
C ASN K 32 33.15 -70.16 53.89
N GLU K 33 32.91 -71.28 54.57
CA GLU K 33 32.87 -72.57 53.90
C GLU K 33 31.58 -72.76 53.12
N VAL K 34 30.50 -72.08 53.52
CA VAL K 34 29.25 -72.17 52.75
C VAL K 34 29.33 -71.28 51.51
N THR K 35 30.17 -70.24 51.57
CA THR K 35 30.34 -69.36 50.42
C THR K 35 31.21 -70.03 49.36
N LYS K 36 32.17 -70.86 49.79
CA LYS K 36 32.99 -71.61 48.85
C LYS K 36 32.20 -72.75 48.23
N ALA K 37 31.18 -73.25 48.94
CA ALA K 37 30.43 -74.40 48.45
C ALA K 37 29.40 -74.00 47.40
N VAL K 38 28.84 -72.79 47.52
CA VAL K 38 27.78 -72.37 46.60
C VAL K 38 28.37 -71.92 45.27
N GLU K 39 29.58 -71.36 45.28
CA GLU K 39 30.19 -70.90 44.04
C GLU K 39 30.78 -72.06 43.24
N ARG K 40 31.06 -73.18 43.91
CA ARG K 40 31.52 -74.37 43.18
C ARG K 40 30.34 -75.20 42.69
N GLY K 41 29.20 -75.16 43.38
CA GLY K 41 28.01 -75.86 42.95
C GLY K 41 27.81 -77.24 43.53
N ILE K 42 28.60 -77.64 44.53
CA ILE K 42 28.41 -78.94 45.15
C ILE K 42 27.30 -78.87 46.21
N ALA K 43 27.07 -77.67 46.75
CA ALA K 43 26.05 -77.49 47.79
C ALA K 43 24.66 -77.61 47.19
N LYS K 44 23.86 -78.50 47.77
CA LYS K 44 22.49 -78.71 47.29
C LYS K 44 21.48 -77.94 48.13
N LEU K 45 21.79 -77.71 49.41
CA LEU K 45 20.88 -77.00 50.31
C LEU K 45 21.72 -76.21 51.30
N VAL K 46 21.36 -74.94 51.49
CA VAL K 46 22.03 -74.03 52.40
C VAL K 46 21.05 -73.63 53.50
N ILE K 47 21.43 -73.90 54.75
CA ILE K 47 20.60 -73.63 55.92
C ILE K 47 21.18 -72.41 56.63
N ILE K 48 20.34 -71.40 56.84
CA ILE K 48 20.75 -70.12 57.43
C ILE K 48 19.93 -69.90 58.69
N ALA K 49 20.59 -69.50 59.77
CA ALA K 49 19.90 -69.19 61.02
C ALA K 49 19.20 -67.84 60.93
N GLU K 50 18.12 -67.68 61.69
CA GLU K 50 17.34 -66.46 61.66
C GLU K 50 17.75 -65.46 62.74
N ASP K 51 18.27 -65.94 63.87
CA ASP K 51 18.57 -65.09 65.01
C ASP K 51 20.02 -64.61 65.05
N VAL K 52 20.65 -64.35 63.90
CA VAL K 52 22.04 -63.93 63.88
C VAL K 52 22.13 -62.47 64.32
N LYS K 53 23.28 -62.09 64.89
CA LYS K 53 23.61 -60.71 65.19
C LYS K 53 25.13 -60.60 65.20
N PRO K 54 25.72 -59.73 64.35
CA PRO K 54 25.11 -58.89 63.32
C PRO K 54 24.71 -59.64 62.05
N GLU K 55 23.84 -59.03 61.24
CA GLU K 55 23.24 -59.76 60.12
C GLU K 55 24.15 -59.79 58.89
N GLU K 56 25.27 -59.08 58.93
CA GLU K 56 26.10 -58.96 57.72
C GLU K 56 26.89 -60.21 57.41
N VAL K 57 27.01 -61.13 58.38
CA VAL K 57 27.83 -62.33 58.16
C VAL K 57 27.08 -63.33 57.28
N VAL K 58 25.74 -63.28 57.29
CA VAL K 58 24.95 -64.18 56.46
C VAL K 58 24.04 -63.44 55.48
N ALA K 59 24.22 -62.13 55.31
CA ALA K 59 23.34 -61.37 54.44
C ALA K 59 23.58 -61.69 52.97
N HIS K 60 24.80 -62.09 52.62
CA HIS K 60 25.10 -62.41 51.23
C HIS K 60 24.67 -63.82 50.86
N LEU K 61 24.26 -64.63 51.85
CA LEU K 61 23.84 -66.00 51.58
C LEU K 61 22.52 -66.13 50.80
N PRO K 62 21.45 -65.36 51.07
CA PRO K 62 20.28 -65.51 50.19
C PRO K 62 20.47 -64.95 48.80
N TYR K 63 21.28 -63.89 48.65
CA TYR K 63 21.47 -63.29 47.33
C TYR K 63 22.40 -64.14 46.46
N LEU K 64 23.30 -64.90 47.08
CA LEU K 64 24.20 -65.76 46.31
C LEU K 64 23.52 -67.08 45.95
N CYS K 65 22.57 -67.52 46.78
CA CYS K 65 21.87 -68.77 46.51
C CYS K 65 20.84 -68.61 45.40
N GLU K 66 20.30 -67.40 45.24
CA GLU K 66 19.29 -67.16 44.21
C GLU K 66 19.92 -67.06 42.83
N GLU K 67 21.12 -66.49 42.74
CA GLU K 67 21.76 -66.32 41.45
C GLU K 67 22.40 -67.62 40.96
N LYS K 68 22.97 -68.39 41.90
CA LYS K 68 23.59 -69.66 41.52
C LYS K 68 22.56 -70.76 41.27
N GLY K 69 21.33 -70.58 41.73
CA GLY K 69 20.32 -71.61 41.56
C GLY K 69 20.36 -72.69 42.62
N ILE K 70 20.77 -72.35 43.84
CA ILE K 70 20.85 -73.33 44.92
C ILE K 70 19.67 -73.10 45.86
N PRO K 71 18.89 -74.14 46.17
CA PRO K 71 17.75 -73.97 47.09
C PRO K 71 18.22 -73.76 48.52
N TYR K 72 17.48 -72.93 49.25
CA TYR K 72 17.85 -72.53 50.60
C TYR K 72 16.58 -72.24 51.40
N ALA K 73 16.69 -72.41 52.72
CA ALA K 73 15.61 -72.08 53.64
C ALA K 73 16.21 -71.69 54.98
N TYR K 74 15.35 -71.24 55.89
CA TYR K 74 15.79 -70.65 57.15
C TYR K 74 15.40 -71.50 58.34
N VAL K 75 16.18 -71.38 59.42
CA VAL K 75 15.88 -72.00 60.70
C VAL K 75 15.92 -70.90 61.76
N ALA K 76 15.02 -71.00 62.74
CA ALA K 76 14.83 -69.90 63.68
C ALA K 76 15.94 -69.85 64.74
N SER K 77 16.54 -70.99 65.06
CA SER K 77 17.49 -71.08 66.16
C SER K 77 18.90 -71.27 65.61
N LYS K 78 19.87 -70.57 66.21
CA LYS K 78 21.27 -70.77 65.84
C LYS K 78 21.90 -71.90 66.65
N GLN K 79 21.44 -72.09 67.89
CA GLN K 79 22.02 -73.13 68.75
C GLN K 79 21.56 -74.52 68.34
N ASP K 80 20.32 -74.65 67.86
CA ASP K 80 19.81 -75.96 67.46
C ASP K 80 20.42 -76.40 66.14
N LEU K 81 20.88 -75.45 65.33
CA LEU K 81 21.58 -75.78 64.09
C LEU K 81 22.95 -76.40 64.38
N GLY K 82 23.65 -75.89 65.39
CA GLY K 82 24.95 -76.44 65.73
C GLY K 82 24.85 -77.78 66.44
N LYS K 83 23.79 -77.98 67.21
CA LYS K 83 23.60 -79.25 67.90
C LYS K 83 23.26 -80.37 66.91
N ALA K 84 22.47 -80.05 65.88
CA ALA K 84 22.18 -81.04 64.85
C ALA K 84 23.39 -81.25 63.95
N ALA K 85 24.24 -80.23 63.80
CA ALA K 85 25.47 -80.38 63.02
C ALA K 85 26.51 -81.19 63.76
N GLY K 86 26.45 -81.24 65.09
CA GLY K 86 27.39 -82.01 65.87
C GLY K 86 28.36 -81.21 66.72
N LEU K 87 28.06 -79.94 67.01
CA LEU K 87 28.93 -79.09 67.80
C LEU K 87 28.17 -78.53 69.00
N GLU K 88 28.91 -78.28 70.09
CA GLU K 88 28.30 -77.65 71.25
C GLU K 88 28.18 -76.15 71.07
N VAL K 89 29.01 -75.56 70.21
CA VAL K 89 28.98 -74.15 69.93
C VAL K 89 28.08 -73.92 68.74
N ALA K 90 27.30 -72.83 68.77
CA ALA K 90 26.35 -72.55 67.70
C ALA K 90 27.06 -72.13 66.43
N ALA K 91 26.56 -72.64 65.31
CA ALA K 91 27.06 -72.30 63.98
C ALA K 91 26.00 -71.49 63.26
N SER K 92 26.44 -70.47 62.50
CA SER K 92 25.49 -69.56 61.87
C SER K 92 24.84 -70.19 60.65
N SER K 93 25.57 -71.05 59.94
CA SER K 93 25.08 -71.59 58.68
C SER K 93 25.75 -72.91 58.37
N VAL K 94 24.99 -73.79 57.71
CA VAL K 94 25.42 -75.14 57.36
C VAL K 94 24.97 -75.46 55.93
N ALA K 95 25.91 -75.89 55.10
CA ALA K 95 25.61 -76.34 53.74
C ALA K 95 25.93 -77.82 53.61
N ILE K 96 25.14 -78.54 52.83
CA ILE K 96 25.23 -79.99 52.69
C ILE K 96 25.94 -80.32 51.39
N ILE K 97 26.87 -81.28 51.43
CA ILE K 97 27.53 -81.76 50.21
C ILE K 97 26.95 -83.09 49.77
N ASN K 98 26.90 -84.08 50.67
CA ASN K 98 26.42 -85.41 50.34
C ASN K 98 25.35 -85.80 51.35
N GLU K 99 24.14 -86.09 50.85
CA GLU K 99 23.02 -86.37 51.75
C GLU K 99 23.08 -87.80 52.29
N GLY K 100 23.39 -88.76 51.44
CA GLY K 100 23.44 -90.14 51.90
C GLY K 100 22.05 -90.72 52.03
N ASP K 101 21.59 -90.86 53.28
CA ASP K 101 20.24 -91.34 53.52
C ASP K 101 19.20 -90.23 53.36
N ALA K 102 19.64 -88.97 53.42
CA ALA K 102 18.70 -87.85 53.35
C ALA K 102 18.47 -87.36 51.93
N GLU K 103 18.77 -88.16 50.92
CA GLU K 103 18.51 -87.75 49.54
C GLU K 103 17.01 -87.78 49.24
N GLU K 104 16.27 -88.65 49.93
CA GLU K 104 14.82 -88.63 49.82
C GLU K 104 14.22 -87.42 50.53
N LEU K 105 14.93 -86.90 51.54
CA LEU K 105 14.40 -85.78 52.31
C LEU K 105 14.66 -84.45 51.60
N LYS K 106 15.79 -84.34 50.90
CA LYS K 106 16.20 -83.05 50.36
C LYS K 106 15.34 -82.63 49.16
N VAL K 107 14.66 -83.59 48.54
CA VAL K 107 13.69 -83.24 47.50
C VAL K 107 12.45 -82.62 48.14
N LEU K 108 12.12 -83.03 49.36
CA LEU K 108 10.97 -82.46 50.06
C LEU K 108 11.28 -81.08 50.60
N ILE K 109 12.56 -80.77 50.82
CA ILE K 109 12.97 -79.42 51.20
C ILE K 109 12.93 -78.50 49.98
N GLU K 110 12.96 -79.08 48.77
CA GLU K 110 12.89 -78.29 47.55
C GLU K 110 11.50 -77.80 47.21
N LYS K 111 10.54 -77.90 48.15
CA LYS K 111 9.24 -77.25 48.03
C LYS K 111 9.31 -75.83 48.58
N VAL K 112 10.51 -75.36 48.92
CA VAL K 112 10.71 -73.98 49.34
C VAL K 112 10.59 -73.04 48.13
N ASN K 113 10.74 -73.57 46.91
CA ASN K 113 10.48 -72.79 45.70
C ASN K 113 9.01 -72.39 45.60
N VAL K 114 8.12 -73.23 46.15
CA VAL K 114 6.70 -72.85 46.26
C VAL K 114 6.55 -71.70 47.25
N LEU K 115 7.37 -71.69 48.30
CA LEU K 115 7.35 -70.58 49.26
C LEU K 115 7.95 -69.32 48.67
N LYS K 116 8.79 -69.46 47.63
CA LYS K 116 9.37 -68.29 46.98
C LYS K 116 8.34 -67.55 46.13
N GLN K 117 7.45 -68.25 45.46
CA GLN K 117 6.36 -67.61 44.73
C GLN K 117 5.04 -67.77 45.49
#